data_9L6F
#
_entry.id   9L6F
#
_cell.length_a   144.348
_cell.length_b   58.905
_cell.length_c   165.979
_cell.angle_alpha   90.00
_cell.angle_beta   104.30
_cell.angle_gamma   90.00
#
_symmetry.space_group_name_H-M   'P 1 2 1'
#
loop_
_entity.id
_entity.type
_entity.pdbx_description
1 polymer 'von Hippel-Lindau disease tumor suppressor'
2 polymer Elongin-C
3 polymer Elongin-B
4 polymer 'Isoform 2B of GTPase KRas'
5 non-polymer ASP3082
6 non-polymer "GUANOSINE-5'-DIPHOSPHATE"
7 non-polymer 'MAGNESIUM ION'
#
loop_
_entity_poly.entity_id
_entity_poly.type
_entity_poly.pdbx_seq_one_letter_code
_entity_poly.pdbx_strand_id
1 'polypeptide(L)'
;GSHMEAGRPRPVLRSVNSREPSQVIFCNRSPRVVLPVWLNFDGEPQPYPTLPPGTGRRIHSYRGHLWLFRDAGTHDGLLV
NQTELFVPSLNVDGQPIFANITLPVYTLKERCLQVVRSLVKPENYRRLDIVRSLYEDLEDHPNVQKDLERLTQERIAHQR
MGD
;
A,E,I,M
2 'polypeptide(L)'
;MYVKLISSDGHEFIVKREHALTSGTIKAMLSGPGQFAENETNEVNFREIPSHVLSKVCMYFTYKVRYTNSSTEIPEFPIA
PEIALELLMAANFLDC
;
B,F,J,N
3 'polypeptide(L)'
;MDVFLMIRRHKTTIFTDAKESSTVFELKRIVEGILKRPPDEQRLYKDDQLLDDGKTLGECGFTSQTARPQAPATVGLAFR
ADDTFEALCIEPFSSPPELPDVMKPQDSGSSANEQAVQ
;
C,G,K,O
4 'polypeptide(L)'
;GMTEYKLVVVGADGVGKSALTIQLIQNHFVDEYDPTIEDSYRKQVVIDGETCLLDILDTAGQEEYSAMRDQYMRTGEGFL
CVFAINNTKSFEDIHHYREQIKRVKDSEDVPMVLVGNKCDLPSRTVDTKQAQDLARSYGIPFIETSAKTRQGVDDAFYTL
VREIRKHKEK
;
D,H,L,P
#
loop_
_chem_comp.id
_chem_comp.type
_chem_comp.name
_chem_comp.formula
A1L66 non-polymer ASP3082 'C60 H65 F N12 O7 S'
GDP RNA linking GUANOSINE-5'-DIPHOSPHATE 'C10 H15 N5 O11 P2'
MG non-polymer 'MAGNESIUM ION' 'Mg 2'
#
# COMPACT_ATOMS: atom_id res chain seq x y z
N ARG A 10 13.05 24.95 48.42
CA ARG A 10 13.63 25.79 49.51
C ARG A 10 14.75 25.04 50.24
N PRO A 11 14.85 23.69 50.11
CA PRO A 11 16.08 22.98 50.49
C PRO A 11 17.15 23.30 49.45
N VAL A 12 18.41 22.98 49.72
CA VAL A 12 19.46 23.44 48.84
C VAL A 12 19.95 22.31 47.93
N LEU A 13 19.05 21.37 47.62
CA LEU A 13 19.28 20.40 46.56
C LEU A 13 17.97 20.16 45.82
N ARG A 14 17.67 21.09 44.90
CA ARG A 14 16.52 21.04 44.01
C ARG A 14 16.97 21.40 42.60
N SER A 15 16.20 20.95 41.61
CA SER A 15 16.47 21.31 40.22
C SER A 15 16.03 22.75 39.98
N VAL A 16 16.93 23.54 39.38
CA VAL A 16 16.62 24.91 38.98
C VAL A 16 15.61 24.85 37.84
N ASN A 17 14.63 25.76 37.85
CA ASN A 17 13.63 25.80 36.79
C ASN A 17 14.22 26.52 35.58
N SER A 18 15.24 25.90 34.97
CA SER A 18 16.11 26.57 34.03
C SER A 18 15.44 26.79 32.68
N ARG A 19 14.39 26.03 32.40
CA ARG A 19 13.64 26.15 31.15
C ARG A 19 14.61 26.18 29.95
N GLU A 20 15.70 25.40 30.05
CA GLU A 20 16.65 25.26 28.95
C GLU A 20 16.93 23.78 28.69
N PRO A 21 16.85 23.32 27.42
CA PRO A 21 17.02 21.90 27.13
C PRO A 21 18.50 21.56 27.20
N SER A 22 18.77 20.34 27.68
CA SER A 22 20.12 19.82 27.81
C SER A 22 20.12 18.32 27.52
N GLN A 23 20.24 17.97 26.24
CA GLN A 23 20.33 16.59 25.79
C GLN A 23 21.55 15.92 26.42
N VAL A 24 21.28 14.88 27.22
CA VAL A 24 22.23 14.29 28.16
C VAL A 24 22.25 12.79 27.93
N ILE A 25 23.43 12.17 28.09
CA ILE A 25 23.57 10.73 27.89
C ILE A 25 23.92 10.04 29.20
N PHE A 26 22.98 9.20 29.68
CA PHE A 26 23.27 8.30 30.77
C PHE A 26 23.64 6.93 30.20
N CYS A 27 24.89 6.54 30.37
CA CYS A 27 25.26 5.14 30.18
C CYS A 27 25.86 4.60 31.46
N ASN A 28 25.37 3.43 31.86
CA ASN A 28 25.73 2.77 33.09
C ASN A 28 26.94 1.87 32.83
N ARG A 29 28.09 2.22 33.40
CA ARG A 29 29.26 1.35 33.34
C ARG A 29 29.45 0.66 34.69
N SER A 30 28.37 0.08 35.19
CA SER A 30 28.35 -0.64 36.45
C SER A 30 27.59 -1.95 36.28
N PRO A 31 27.87 -2.98 37.11
CA PRO A 31 27.17 -4.26 37.02
C PRO A 31 25.69 -4.20 37.40
N ARG A 32 25.28 -3.08 38.01
CA ARG A 32 23.95 -2.99 38.59
C ARG A 32 22.93 -2.58 37.54
N VAL A 33 21.65 -2.83 37.85
CA VAL A 33 20.52 -2.17 37.22
C VAL A 33 20.39 -0.79 37.85
N VAL A 34 20.47 0.27 37.03
CA VAL A 34 20.61 1.61 37.57
C VAL A 34 19.28 2.36 37.49
N LEU A 35 18.93 3.01 38.62
CA LEU A 35 17.75 3.84 38.74
C LEU A 35 18.17 5.31 38.72
N PRO A 36 17.84 6.06 37.64
CA PRO A 36 17.99 7.51 37.63
C PRO A 36 17.01 8.15 38.63
N VAL A 37 17.56 8.98 39.51
CA VAL A 37 16.76 9.73 40.47
C VAL A 37 16.97 11.22 40.20
N TRP A 38 15.84 11.94 40.10
CA TRP A 38 15.87 13.36 39.79
C TRP A 38 15.20 14.17 40.90
N LEU A 39 15.98 15.08 41.51
CA LEU A 39 15.47 16.02 42.50
C LEU A 39 14.84 17.19 41.76
N ASN A 40 13.53 17.36 41.98
CA ASN A 40 12.68 18.25 41.20
C ASN A 40 12.84 19.70 41.64
N PHE A 41 11.74 20.46 41.52
CA PHE A 41 11.72 21.87 41.86
C PHE A 41 11.36 22.04 43.35
N ASP A 42 10.97 20.92 43.98
CA ASP A 42 10.69 20.91 45.41
C ASP A 42 11.81 20.17 46.14
N GLY A 43 12.71 19.54 45.36
CA GLY A 43 13.82 18.80 45.91
C GLY A 43 13.45 17.37 46.30
N GLU A 44 12.24 16.94 45.91
CA GLU A 44 11.75 15.60 46.17
C GLU A 44 12.22 14.68 45.05
N PRO A 45 13.02 13.62 45.36
CA PRO A 45 13.54 12.69 44.34
C PRO A 45 12.42 11.96 43.60
N GLN A 46 12.66 11.72 42.30
CA GLN A 46 11.69 11.11 41.40
C GLN A 46 12.34 9.91 40.69
N PRO A 47 11.58 8.82 40.45
CA PRO A 47 12.10 7.64 39.75
C PRO A 47 11.85 7.70 38.25
N TYR A 48 12.92 7.48 37.47
CA TYR A 48 12.83 7.41 36.02
C TYR A 48 13.06 5.97 35.55
N PRO A 49 12.77 5.61 34.28
CA PRO A 49 13.07 4.27 33.76
C PRO A 49 14.52 3.80 33.99
N THR A 50 14.66 2.52 34.36
CA THR A 50 15.91 1.93 34.78
C THR A 50 16.81 1.63 33.57
N LEU A 51 18.13 1.68 33.80
CA LEU A 51 19.12 1.34 32.78
C LEU A 51 19.72 -0.03 33.09
N PRO A 52 19.48 -1.06 32.25
CA PRO A 52 20.24 -2.32 32.30
C PRO A 52 21.76 -2.13 32.25
N PRO A 53 22.56 -3.02 32.88
CA PRO A 53 24.00 -2.80 33.02
C PRO A 53 24.66 -2.76 31.64
N GLY A 54 25.61 -1.83 31.48
CA GLY A 54 26.35 -1.72 30.24
C GLY A 54 25.75 -0.69 29.27
N THR A 55 24.41 -0.67 29.18
CA THR A 55 23.77 0.18 28.17
C THR A 55 23.62 1.60 28.67
N GLY A 56 23.16 2.47 27.76
CA GLY A 56 22.90 3.87 28.06
C GLY A 56 22.04 4.53 26.99
N ARG A 57 21.45 5.67 27.37
CA ARG A 57 20.51 6.37 26.51
C ARG A 57 20.78 7.88 26.57
N ARG A 58 20.59 8.56 25.44
CA ARG A 58 20.51 10.01 25.44
C ARG A 58 19.13 10.39 25.95
N ILE A 59 19.10 11.35 26.87
CA ILE A 59 17.89 11.79 27.55
C ILE A 59 17.72 13.29 27.30
N HIS A 60 16.46 13.73 27.28
CA HIS A 60 16.13 15.14 27.26
C HIS A 60 15.92 15.62 28.68
N SER A 61 16.97 16.25 29.23
CA SER A 61 16.97 16.84 30.55
C SER A 61 17.09 18.35 30.41
N TYR A 62 17.21 19.05 31.54
CA TYR A 62 17.29 20.51 31.51
C TYR A 62 18.58 20.97 32.15
N ARG A 63 19.06 22.15 31.72
CA ARG A 63 20.24 22.76 32.31
C ARG A 63 20.00 22.93 33.79
N GLY A 64 21.00 22.52 34.59
CA GLY A 64 20.95 22.76 36.03
C GLY A 64 19.85 21.94 36.71
N HIS A 65 19.52 20.77 36.15
CA HIS A 65 18.75 19.78 36.88
C HIS A 65 19.69 18.91 37.71
N LEU A 66 19.10 18.15 38.64
CA LEU A 66 19.87 17.46 39.68
C LEU A 66 19.57 15.96 39.62
N TRP A 67 20.55 15.19 39.13
CA TRP A 67 20.41 13.75 38.96
C TRP A 67 21.37 13.02 39.88
N LEU A 68 20.91 11.92 40.47
CA LEU A 68 21.77 10.95 41.15
C LEU A 68 21.30 9.54 40.80
N PHE A 69 22.17 8.55 41.04
CA PHE A 69 21.96 7.21 40.50
C PHE A 69 22.24 6.13 41.54
N ARG A 70 21.31 5.17 41.62
CA ARG A 70 21.33 4.09 42.59
C ARG A 70 21.09 2.77 41.87
N ASP A 71 21.68 1.68 42.41
CA ASP A 71 21.31 0.32 42.06
C ASP A 71 19.83 0.13 42.37
N ALA A 72 19.03 -0.17 41.34
CA ALA A 72 17.59 -0.21 41.45
C ALA A 72 17.14 -1.22 42.51
N GLY A 73 18.05 -2.13 42.88
CA GLY A 73 17.79 -3.18 43.84
C GLY A 73 18.00 -2.72 45.29
N THR A 74 19.25 -2.78 45.75
CA THR A 74 19.59 -2.48 47.13
C THR A 74 19.44 -0.98 47.41
N HIS A 75 19.41 -0.17 46.34
CA HIS A 75 19.39 1.28 46.41
C HIS A 75 20.78 1.83 46.75
N ASP A 76 21.80 0.97 46.54
CA ASP A 76 23.19 1.29 46.82
C ASP A 76 23.60 2.53 46.02
N GLY A 77 24.36 3.42 46.67
CA GLY A 77 24.84 4.64 46.06
C GLY A 77 25.81 4.34 44.92
N LEU A 78 25.50 4.88 43.73
CA LEU A 78 26.38 4.78 42.59
C LEU A 78 26.96 6.16 42.29
N LEU A 79 28.02 6.19 41.49
CA LEU A 79 28.69 7.42 41.12
C LEU A 79 28.26 7.86 39.73
N VAL A 80 28.56 9.13 39.38
CA VAL A 80 28.34 9.66 38.04
C VAL A 80 29.38 10.75 37.79
N ASN A 81 30.29 10.48 36.85
CA ASN A 81 31.41 11.36 36.52
C ASN A 81 32.29 11.56 37.76
N GLN A 82 32.45 10.49 38.56
CA GLN A 82 33.32 10.51 39.73
C GLN A 82 32.72 11.37 40.83
N THR A 83 31.38 11.34 40.97
CA THR A 83 30.72 12.15 42.00
C THR A 83 29.33 11.60 42.30
N GLU A 84 28.74 12.09 43.39
CA GLU A 84 27.43 11.65 43.87
C GLU A 84 26.33 12.28 43.02
N LEU A 85 26.48 13.58 42.73
CA LEU A 85 25.45 14.33 42.01
C LEU A 85 25.90 14.63 40.58
N PHE A 86 24.92 15.03 39.76
CA PHE A 86 25.13 15.33 38.36
C PHE A 86 24.28 16.53 37.97
N VAL A 87 24.94 17.60 37.49
CA VAL A 87 24.28 18.75 36.90
C VAL A 87 25.04 19.13 35.63
N PRO A 88 24.32 19.39 34.51
CA PRO A 88 24.93 19.39 33.18
C PRO A 88 25.61 20.66 32.70
N SER A 89 24.92 21.81 32.86
CA SER A 89 25.21 23.01 32.10
C SER A 89 24.51 22.91 30.75
N LEU A 90 25.00 23.67 29.76
CA LEU A 90 24.39 23.67 28.44
C LEU A 90 25.31 23.03 27.42
N ASN A 91 24.68 22.40 26.43
CA ASN A 91 25.36 21.71 25.36
C ASN A 91 26.05 22.76 24.49
N VAL A 92 27.39 22.74 24.51
CA VAL A 92 28.17 23.64 23.66
C VAL A 92 28.04 23.15 22.22
N ASP A 93 27.78 24.11 21.31
CA ASP A 93 27.72 23.88 19.87
C ASP A 93 26.89 22.64 19.53
N GLY A 94 25.87 22.37 20.36
CA GLY A 94 24.85 21.39 20.03
C GLY A 94 25.24 19.96 20.40
N GLN A 95 26.47 19.77 20.91
CA GLN A 95 26.91 18.43 21.31
C GLN A 95 26.39 18.11 22.71
N PRO A 96 26.07 16.83 23.04
CA PRO A 96 25.41 16.48 24.29
C PRO A 96 26.31 16.14 25.49
N ILE A 97 25.79 16.37 26.70
CA ILE A 97 26.52 16.17 27.94
C ILE A 97 26.51 14.68 28.25
N PHE A 98 27.53 14.21 29.01
CA PHE A 98 27.71 12.78 29.19
C PHE A 98 27.85 12.35 30.66
N ALA A 99 26.90 11.50 31.09
CA ALA A 99 26.81 11.00 32.45
C ALA A 99 27.29 9.55 32.51
N ASN A 100 28.46 9.36 33.13
CA ASN A 100 29.15 8.08 33.18
C ASN A 100 28.94 7.43 34.54
N ILE A 101 27.90 6.58 34.62
CA ILE A 101 27.44 6.00 35.88
C ILE A 101 28.27 4.74 36.20
N THR A 102 28.96 4.78 37.35
CA THR A 102 29.89 3.73 37.75
C THR A 102 29.68 3.31 39.21
N LEU A 103 30.38 2.23 39.59
CA LEU A 103 30.49 1.80 40.98
C LEU A 103 31.46 2.72 41.71
N PRO A 104 31.12 3.12 42.95
CA PRO A 104 32.10 3.68 43.88
C PRO A 104 32.84 2.55 44.61
N VAL A 105 34.12 2.78 44.90
CA VAL A 105 34.84 1.96 45.86
C VAL A 105 34.13 2.09 47.20
N TYR A 106 33.25 1.11 47.50
CA TYR A 106 32.61 1.05 48.80
C TYR A 106 33.65 0.69 49.84
N THR A 107 33.26 0.73 51.12
CA THR A 107 34.07 0.13 52.18
C THR A 107 33.67 -1.34 52.32
N LEU A 108 34.67 -2.21 52.55
CA LEU A 108 34.45 -3.64 52.60
C LEU A 108 33.32 -3.96 53.56
N LYS A 109 33.05 -3.03 54.49
CA LYS A 109 31.95 -3.17 55.44
C LYS A 109 30.62 -3.33 54.70
N GLU A 110 30.20 -2.25 54.01
CA GLU A 110 28.89 -2.26 53.34
C GLU A 110 28.96 -3.12 52.08
N ARG A 111 30.17 -3.29 51.52
CA ARG A 111 30.35 -4.21 50.42
C ARG A 111 29.84 -5.59 50.84
N CYS A 112 30.25 -6.02 52.04
CA CYS A 112 29.86 -7.31 52.59
C CYS A 112 28.41 -7.26 53.09
N LEU A 113 28.03 -6.11 53.70
CA LEU A 113 26.65 -5.88 54.12
C LEU A 113 25.72 -6.18 52.96
N GLN A 114 26.05 -5.62 51.77
CA GLN A 114 25.26 -5.72 50.55
C GLN A 114 25.04 -7.19 50.17
N VAL A 115 26.05 -8.04 50.42
CA VAL A 115 26.03 -9.43 50.00
C VAL A 115 25.16 -10.24 50.96
N VAL A 116 25.47 -10.14 52.27
CA VAL A 116 24.68 -10.77 53.30
C VAL A 116 23.22 -10.37 53.11
N ARG A 117 23.02 -9.09 52.75
CA ARG A 117 21.72 -8.46 52.64
C ARG A 117 20.87 -9.12 51.55
N SER A 118 21.52 -9.51 50.44
CA SER A 118 20.82 -10.05 49.28
C SER A 118 20.49 -11.52 49.48
N LEU A 119 21.44 -12.27 50.09
CA LEU A 119 21.35 -13.71 50.22
C LEU A 119 20.41 -14.09 51.37
N VAL A 120 20.36 -13.24 52.41
CA VAL A 120 19.53 -13.47 53.58
C VAL A 120 18.28 -12.63 53.49
N LYS A 121 17.12 -13.28 53.60
CA LYS A 121 15.81 -12.65 53.52
C LYS A 121 15.59 -11.75 54.73
N PRO A 122 14.66 -10.77 54.68
CA PRO A 122 14.61 -9.67 55.65
C PRO A 122 14.52 -10.09 57.11
N GLU A 123 13.62 -11.05 57.38
CA GLU A 123 13.22 -11.44 58.72
C GLU A 123 14.36 -12.17 59.44
N ASN A 124 15.26 -12.79 58.67
CA ASN A 124 16.20 -13.75 59.23
C ASN A 124 17.63 -13.20 59.21
N TYR A 125 17.75 -11.87 59.29
CA TYR A 125 19.01 -11.25 59.64
C TYR A 125 19.38 -11.71 61.04
N ARG A 126 18.34 -11.99 61.84
CA ARG A 126 18.43 -12.24 63.26
C ARG A 126 18.85 -13.68 63.55
N ARG A 127 19.02 -14.48 62.50
CA ARG A 127 19.45 -15.87 62.65
C ARG A 127 20.97 -15.96 62.50
N LEU A 128 21.54 -14.97 61.80
CA LEU A 128 22.95 -14.94 61.45
C LEU A 128 23.80 -14.89 62.72
N ASP A 129 24.89 -15.68 62.73
CA ASP A 129 25.78 -15.81 63.87
C ASP A 129 26.82 -14.69 63.83
N ILE A 130 26.41 -13.49 64.26
CA ILE A 130 27.21 -12.28 64.14
C ILE A 130 27.10 -11.46 65.42
N VAL A 131 28.08 -10.57 65.66
CA VAL A 131 28.07 -9.68 66.82
C VAL A 131 26.85 -8.75 66.71
N ARG A 132 26.57 -8.01 67.79
CA ARG A 132 25.24 -7.47 68.02
C ARG A 132 25.00 -6.15 67.28
N SER A 133 26.07 -5.41 67.00
CA SER A 133 25.97 -4.11 66.34
C SER A 133 25.67 -4.27 64.86
N LEU A 134 25.80 -5.51 64.35
CA LEU A 134 25.78 -5.82 62.94
C LEU A 134 24.36 -5.96 62.42
N TYR A 135 23.45 -6.41 63.30
CA TYR A 135 22.05 -6.57 62.96
C TYR A 135 21.45 -5.21 62.63
N GLU A 136 22.12 -4.14 63.09
CA GLU A 136 21.71 -2.77 62.86
C GLU A 136 22.45 -2.21 61.64
N ASP A 137 23.72 -2.62 61.48
CA ASP A 137 24.50 -2.33 60.29
C ASP A 137 23.74 -2.85 59.07
N LEU A 138 23.15 -4.05 59.23
CA LEU A 138 22.36 -4.70 58.19
C LEU A 138 21.00 -4.01 58.07
N GLU A 139 20.34 -3.79 59.21
CA GLU A 139 18.95 -3.40 59.26
C GLU A 139 18.77 -2.00 58.68
N ASP A 140 19.86 -1.22 58.68
CA ASP A 140 19.87 0.08 58.05
C ASP A 140 20.47 -0.05 56.66
N HIS A 141 19.70 -0.64 55.74
CA HIS A 141 20.07 -0.70 54.34
C HIS A 141 20.02 0.71 53.75
N PRO A 142 21.00 1.10 52.89
CA PRO A 142 21.12 2.48 52.43
C PRO A 142 19.85 3.08 51.83
N ASN A 143 19.66 4.39 52.04
CA ASN A 143 18.43 5.08 51.72
C ASN A 143 18.73 6.41 51.02
N VAL A 144 17.83 6.81 50.10
CA VAL A 144 17.99 7.97 49.25
C VAL A 144 17.56 9.23 49.98
N GLN A 145 16.47 9.14 50.74
CA GLN A 145 15.97 10.27 51.51
C GLN A 145 17.01 10.67 52.56
N LYS A 146 17.75 9.68 53.08
CA LYS A 146 18.83 9.85 54.03
C LYS A 146 20.04 10.51 53.36
N ASP A 147 20.49 9.90 52.25
CA ASP A 147 21.66 10.33 51.51
C ASP A 147 21.39 11.70 50.88
N LEU A 148 20.17 12.22 51.07
CA LEU A 148 19.86 13.58 50.67
C LEU A 148 20.14 14.53 51.82
N GLU A 149 19.82 14.09 53.05
CA GLU A 149 20.06 14.87 54.27
C GLU A 149 21.56 14.91 54.57
N ARG A 150 22.26 13.80 54.32
CA ARG A 150 23.70 13.67 54.56
C ARG A 150 24.47 14.68 53.71
N LEU A 151 23.92 14.99 52.52
CA LEU A 151 24.63 15.72 51.48
C LEU A 151 24.33 17.22 51.58
N THR A 152 23.13 17.55 52.08
CA THR A 152 22.72 18.94 52.17
C THR A 152 23.59 19.67 53.19
N GLN A 153 23.87 19.01 54.33
CA GLN A 153 24.76 19.55 55.34
C GLN A 153 26.21 19.37 54.90
N GLU A 154 26.43 18.46 53.95
CA GLU A 154 27.73 18.27 53.34
C GLU A 154 28.15 19.57 52.67
N ARG A 155 27.22 20.14 51.89
CA ARG A 155 27.48 21.32 51.08
C ARG A 155 27.14 22.59 51.84
N ILE A 156 26.46 22.45 52.99
CA ILE A 156 26.15 23.60 53.83
C ILE A 156 27.37 23.93 54.69
N ALA A 157 28.20 22.92 54.95
CA ALA A 157 29.46 23.09 55.66
C ALA A 157 30.50 23.71 54.71
N HIS A 158 30.30 23.48 53.41
CA HIS A 158 31.19 23.98 52.37
C HIS A 158 30.47 25.06 51.55
N MET B 1 57.76 1.05 52.40
CA MET B 1 57.87 0.39 53.70
C MET B 1 56.76 -0.63 53.81
N TYR B 2 56.99 -1.70 54.60
CA TYR B 2 56.11 -2.86 54.61
C TYR B 2 55.71 -3.25 56.03
N VAL B 3 54.60 -3.99 56.13
CA VAL B 3 54.14 -4.57 57.38
C VAL B 3 54.02 -6.08 57.21
N LYS B 4 53.71 -6.78 58.31
CA LYS B 4 53.58 -8.23 58.31
C LYS B 4 52.33 -8.59 59.13
N LEU B 5 51.18 -8.59 58.46
CA LEU B 5 49.90 -8.83 59.11
C LEU B 5 49.62 -10.32 59.17
N ILE B 6 49.77 -10.91 60.37
CA ILE B 6 49.68 -12.34 60.59
C ILE B 6 48.25 -12.70 61.00
N SER B 7 47.79 -13.88 60.57
CA SER B 7 46.46 -14.37 60.89
C SER B 7 46.51 -15.35 62.07
N SER B 8 45.36 -15.92 62.41
CA SER B 8 45.20 -16.78 63.57
C SER B 8 45.89 -18.12 63.36
N ASP B 9 45.69 -18.73 62.18
CA ASP B 9 46.27 -20.02 61.86
C ASP B 9 47.76 -19.86 61.53
N GLY B 10 48.21 -18.62 61.37
CA GLY B 10 49.62 -18.30 61.21
C GLY B 10 50.01 -18.02 59.77
N HIS B 11 49.20 -17.20 59.08
CA HIS B 11 49.51 -16.71 57.76
C HIS B 11 50.05 -15.29 57.87
N GLU B 12 51.20 -15.05 57.23
CA GLU B 12 51.92 -13.80 57.36
C GLU B 12 51.88 -13.05 56.04
N PHE B 13 50.99 -12.05 55.97
CA PHE B 13 50.79 -11.27 54.76
C PHE B 13 51.63 -10.00 54.82
N ILE B 14 52.66 -9.94 53.97
CA ILE B 14 53.52 -8.77 53.87
C ILE B 14 53.01 -7.88 52.74
N VAL B 15 52.37 -6.76 53.11
CA VAL B 15 51.76 -5.84 52.17
C VAL B 15 52.41 -4.46 52.32
N LYS B 16 52.06 -3.52 51.43
CA LYS B 16 52.55 -2.16 51.47
C LYS B 16 51.85 -1.39 52.60
N ARG B 17 52.61 -0.48 53.23
CA ARG B 17 52.18 0.16 54.47
C ARG B 17 51.01 1.10 54.17
N GLU B 18 51.13 1.84 53.07
CA GLU B 18 50.09 2.78 52.65
C GLU B 18 48.81 2.02 52.32
N HIS B 19 48.97 0.79 51.80
CA HIS B 19 47.84 -0.10 51.53
C HIS B 19 47.16 -0.47 52.85
N ALA B 20 47.97 -0.71 53.89
CA ALA B 20 47.48 -1.13 55.19
C ALA B 20 46.81 0.03 55.91
N LEU B 21 47.22 1.26 55.56
CA LEU B 21 46.69 2.46 56.21
C LEU B 21 45.21 2.63 55.88
N THR B 22 44.70 1.82 54.94
CA THR B 22 43.30 1.82 54.54
C THR B 22 42.42 1.40 55.72
N SER B 23 42.96 0.52 56.57
CA SER B 23 42.29 0.15 57.81
C SER B 23 42.41 1.29 58.82
N GLY B 24 41.32 1.54 59.53
CA GLY B 24 41.29 2.51 60.62
C GLY B 24 41.90 1.93 61.89
N THR B 25 41.72 0.61 62.08
CA THR B 25 42.35 -0.12 63.16
C THR B 25 43.86 -0.08 62.98
N ILE B 26 44.33 -0.56 61.82
CA ILE B 26 45.74 -0.75 61.54
C ILE B 26 46.46 0.60 61.41
N LYS B 27 45.67 1.70 61.35
CA LYS B 27 46.23 3.04 61.31
C LYS B 27 46.49 3.53 62.74
N ALA B 28 45.74 2.98 63.70
CA ALA B 28 45.87 3.31 65.11
C ALA B 28 46.59 2.21 65.87
N MET B 29 47.38 1.42 65.13
CA MET B 29 48.24 0.39 65.70
C MET B 29 49.68 0.63 65.24
N LEU B 30 49.86 1.60 64.35
CA LEU B 30 51.16 1.96 63.79
C LEU B 30 51.36 3.46 63.92
N SER B 31 50.83 4.04 64.99
CA SER B 31 50.61 5.49 65.05
C SER B 31 51.51 6.16 66.08
N GLY B 32 52.46 5.41 66.64
CA GLY B 32 53.28 5.89 67.74
C GLY B 32 54.47 6.74 67.26
N PRO B 33 54.55 8.04 67.65
CA PRO B 33 55.69 8.89 67.27
C PRO B 33 56.90 8.67 68.18
N ASN B 42 57.72 -3.60 60.63
CA ASN B 42 56.72 -3.72 61.72
C ASN B 42 55.86 -4.95 61.51
N GLU B 43 54.98 -5.21 62.49
CA GLU B 43 54.18 -6.41 62.53
C GLU B 43 52.92 -6.13 63.34
N VAL B 44 51.82 -6.78 62.97
CA VAL B 44 50.60 -6.81 63.76
C VAL B 44 49.99 -8.21 63.64
N ASN B 45 49.69 -8.83 64.79
CA ASN B 45 49.04 -10.13 64.78
C ASN B 45 47.57 -9.97 65.13
N PHE B 46 46.73 -10.79 64.48
CA PHE B 46 45.30 -10.83 64.72
C PHE B 46 44.92 -12.25 65.13
N ARG B 47 44.27 -12.36 66.31
CA ARG B 47 44.08 -13.62 67.00
C ARG B 47 42.81 -14.32 66.54
N GLU B 48 41.83 -13.54 66.06
CA GLU B 48 40.52 -14.09 65.75
C GLU B 48 40.13 -13.79 64.29
N ILE B 49 41.15 -13.56 63.45
CA ILE B 49 40.93 -13.37 62.03
C ILE B 49 41.68 -14.46 61.26
N PRO B 50 40.96 -15.37 60.56
CA PRO B 50 41.59 -16.45 59.78
C PRO B 50 42.43 -15.98 58.61
N SER B 51 42.94 -16.95 57.83
CA SER B 51 43.83 -16.68 56.71
C SER B 51 43.03 -16.39 55.44
N HIS B 52 41.99 -17.21 55.20
CA HIS B 52 41.11 -17.09 54.05
C HIS B 52 40.26 -15.83 54.15
N VAL B 53 40.36 -15.16 55.31
CA VAL B 53 39.59 -13.96 55.60
C VAL B 53 40.53 -12.76 55.52
N LEU B 54 41.82 -12.96 55.77
CA LEU B 54 42.76 -11.86 55.85
C LEU B 54 43.40 -11.58 54.49
N SER B 55 43.60 -12.63 53.69
CA SER B 55 44.16 -12.49 52.35
C SER B 55 43.19 -11.70 51.46
N LYS B 56 41.89 -11.92 51.67
CA LYS B 56 40.82 -11.25 50.94
C LYS B 56 40.69 -9.80 51.45
N VAL B 57 41.15 -9.55 52.68
CA VAL B 57 41.12 -8.22 53.28
C VAL B 57 42.35 -7.44 52.85
N CYS B 58 43.45 -8.15 52.53
CA CYS B 58 44.65 -7.51 52.00
C CYS B 58 44.43 -7.17 50.53
N MET B 59 43.33 -7.69 49.97
CA MET B 59 42.94 -7.49 48.59
C MET B 59 42.19 -6.17 48.44
N TYR B 60 41.22 -5.91 49.33
CA TYR B 60 40.54 -4.63 49.38
C TYR B 60 41.57 -3.50 49.39
N PHE B 61 42.77 -3.78 49.89
CA PHE B 61 43.80 -2.76 50.02
C PHE B 61 44.44 -2.48 48.66
N THR B 62 44.86 -3.54 47.95
CA THR B 62 45.54 -3.39 46.68
C THR B 62 44.59 -2.71 45.69
N TYR B 63 43.30 -2.93 45.90
CA TYR B 63 42.21 -2.53 45.03
C TYR B 63 41.66 -1.15 45.42
N LYS B 64 41.73 -0.82 46.72
CA LYS B 64 41.28 0.47 47.23
C LYS B 64 42.32 1.54 46.92
N VAL B 65 43.59 1.17 46.87
CA VAL B 65 44.64 2.08 46.42
C VAL B 65 44.48 2.30 44.91
N ARG B 66 44.22 1.21 44.19
CA ARG B 66 44.14 1.22 42.73
C ARG B 66 43.01 2.11 42.24
N TYR B 67 41.81 1.95 42.82
CA TYR B 67 40.59 2.41 42.17
C TYR B 67 40.01 3.68 42.80
N THR B 68 40.42 4.01 44.04
CA THR B 68 40.00 5.28 44.62
C THR B 68 40.74 6.40 43.91
N ASN B 69 39.97 7.39 43.42
CA ASN B 69 40.44 8.45 42.54
C ASN B 69 40.86 7.85 41.20
N SER B 70 39.85 7.35 40.48
CA SER B 70 40.00 6.82 39.13
C SER B 70 38.78 7.23 38.32
N SER B 71 39.01 7.66 37.07
CA SER B 71 37.96 8.21 36.23
C SER B 71 37.36 7.13 35.32
N THR B 72 37.98 5.95 35.29
CA THR B 72 37.55 4.84 34.45
C THR B 72 36.34 4.14 35.09
N GLU B 73 35.85 3.09 34.41
CA GLU B 73 34.91 2.15 34.99
C GLU B 73 35.64 1.37 36.08
N ILE B 74 34.91 1.06 37.17
CA ILE B 74 35.50 0.55 38.40
C ILE B 74 34.88 -0.81 38.72
N PRO B 75 35.70 -1.90 38.72
CA PRO B 75 35.16 -3.27 38.77
C PRO B 75 34.59 -3.66 40.13
N GLU B 76 33.58 -4.53 40.11
CA GLU B 76 32.87 -4.97 41.30
C GLU B 76 33.83 -5.75 42.21
N PHE B 77 33.57 -5.74 43.52
CA PHE B 77 34.38 -6.51 44.45
C PHE B 77 33.79 -7.91 44.64
N PRO B 78 34.58 -8.98 44.41
CA PRO B 78 34.06 -10.35 44.43
C PRO B 78 34.00 -10.95 45.83
N ILE B 79 32.80 -11.36 46.24
CA ILE B 79 32.57 -11.96 47.54
C ILE B 79 31.81 -13.27 47.35
N ALA B 80 32.55 -14.38 47.51
CA ALA B 80 31.97 -15.72 47.52
C ALA B 80 31.06 -15.85 48.75
N PRO B 81 29.80 -16.29 48.59
CA PRO B 81 28.83 -16.34 49.70
C PRO B 81 29.26 -17.06 50.98
N GLU B 82 30.41 -17.74 50.93
CA GLU B 82 30.88 -18.54 52.06
C GLU B 82 31.79 -17.73 52.97
N ILE B 83 32.65 -16.89 52.38
CA ILE B 83 33.55 -16.02 53.15
C ILE B 83 32.82 -14.74 53.53
N ALA B 84 31.50 -14.75 53.37
CA ALA B 84 30.67 -13.55 53.36
C ALA B 84 30.31 -13.13 54.79
N LEU B 85 30.28 -14.08 55.72
CA LEU B 85 29.89 -13.78 57.08
C LEU B 85 31.13 -13.59 57.95
N GLU B 86 32.31 -13.72 57.35
CA GLU B 86 33.56 -13.66 58.10
C GLU B 86 34.39 -12.44 57.69
N LEU B 87 34.02 -11.84 56.55
CA LEU B 87 34.69 -10.65 56.07
C LEU B 87 33.98 -9.42 56.62
N LEU B 88 32.66 -9.55 56.81
CA LEU B 88 31.84 -8.54 57.47
C LEU B 88 32.30 -8.42 58.92
N MET B 89 32.61 -9.58 59.54
CA MET B 89 33.11 -9.66 60.90
C MET B 89 34.52 -9.06 60.96
N ALA B 90 35.31 -9.32 59.91
CA ALA B 90 36.68 -8.82 59.81
C ALA B 90 36.66 -7.31 59.62
N ALA B 91 35.78 -6.84 58.73
CA ALA B 91 35.75 -5.45 58.29
C ALA B 91 35.19 -4.54 59.38
N ASN B 92 34.10 -4.97 60.02
CA ASN B 92 33.49 -4.19 61.08
C ASN B 92 34.53 -3.91 62.17
N PHE B 93 35.42 -4.91 62.37
CA PHE B 93 36.53 -4.78 63.28
C PHE B 93 37.66 -3.98 62.62
N LEU B 94 37.96 -4.28 61.36
CA LEU B 94 39.04 -3.64 60.64
C LEU B 94 38.78 -2.14 60.51
N ASP B 95 37.53 -1.79 60.14
CA ASP B 95 37.07 -0.43 59.88
C ASP B 95 37.55 0.04 58.50
N CYS B 96 37.13 -0.70 57.45
CA CYS B 96 37.41 -0.36 56.07
C CYS B 96 36.47 -1.13 55.13
N MET C 1 47.37 -1.98 32.13
CA MET C 1 48.72 -1.39 32.35
C MET C 1 49.63 -2.42 33.03
N ASP C 2 49.32 -2.76 34.28
CA ASP C 2 50.17 -3.62 35.10
C ASP C 2 49.37 -4.80 35.64
N VAL C 3 50.06 -5.72 36.31
CA VAL C 3 49.44 -6.91 36.89
C VAL C 3 49.28 -6.70 38.40
N PHE C 4 48.59 -7.65 39.04
CA PHE C 4 48.47 -7.69 40.48
C PHE C 4 48.76 -9.10 40.96
N LEU C 5 49.55 -9.19 42.04
CA LEU C 5 50.30 -10.40 42.33
C LEU C 5 50.11 -10.81 43.79
N MET C 6 50.18 -12.13 44.01
CA MET C 6 50.38 -12.75 45.30
C MET C 6 51.59 -13.68 45.21
N ILE C 7 52.71 -13.25 45.79
CA ILE C 7 53.94 -14.03 45.78
C ILE C 7 53.97 -14.91 47.03
N ARG C 8 53.81 -16.22 46.84
CA ARG C 8 53.55 -17.15 47.92
C ARG C 8 54.75 -18.07 48.15
N ARG C 9 55.16 -18.17 49.43
CA ARG C 9 56.12 -19.15 49.91
C ARG C 9 55.77 -19.55 51.34
N HIS C 10 55.39 -20.82 51.54
CA HIS C 10 54.89 -21.36 52.79
C HIS C 10 53.71 -20.53 53.30
N LYS C 11 53.87 -19.96 54.50
CA LYS C 11 52.86 -19.11 55.11
C LYS C 11 53.24 -17.65 54.92
N THR C 12 53.95 -17.37 53.82
CA THR C 12 54.19 -16.03 53.33
C THR C 12 53.37 -15.80 52.05
N THR C 13 52.57 -14.73 52.08
CA THR C 13 51.90 -14.20 50.91
C THR C 13 52.25 -12.71 50.82
N ILE C 14 52.71 -12.28 49.64
CA ILE C 14 53.11 -10.88 49.44
C ILE C 14 52.18 -10.24 48.43
N PHE C 15 51.62 -9.08 48.79
CA PHE C 15 50.72 -8.32 47.94
C PHE C 15 51.51 -7.22 47.23
N THR C 16 51.91 -7.51 45.98
CA THR C 16 52.67 -6.58 45.17
C THR C 16 52.04 -6.47 43.79
N ASP C 17 52.66 -5.67 42.92
CA ASP C 17 52.25 -5.52 41.54
C ASP C 17 53.50 -5.26 40.69
N ALA C 18 53.42 -5.58 39.40
CA ALA C 18 54.51 -5.31 38.47
C ALA C 18 53.94 -5.09 37.08
N LYS C 19 54.74 -4.45 36.21
CA LYS C 19 54.35 -4.13 34.85
C LYS C 19 54.42 -5.39 33.99
N GLU C 20 53.54 -5.47 32.98
CA GLU C 20 53.36 -6.67 32.17
C GLU C 20 54.53 -6.83 31.19
N SER C 21 55.27 -5.75 30.95
CA SER C 21 56.37 -5.76 30.02
C SER C 21 57.69 -6.01 30.75
N SER C 22 57.68 -5.90 32.09
CA SER C 22 58.88 -6.08 32.88
C SER C 22 59.11 -7.56 33.22
N THR C 23 60.39 -7.91 33.43
CA THR C 23 60.88 -9.28 33.42
C THR C 23 60.66 -9.97 34.76
N VAL C 24 61.37 -11.09 34.98
CA VAL C 24 61.31 -11.86 36.21
C VAL C 24 62.47 -11.46 37.11
N PHE C 25 63.64 -11.20 36.52
CA PHE C 25 64.83 -10.78 37.26
C PHE C 25 64.54 -9.48 37.99
N GLU C 26 63.64 -8.67 37.42
CA GLU C 26 63.17 -7.43 38.04
C GLU C 26 62.34 -7.76 39.28
N LEU C 27 61.47 -8.77 39.15
CA LEU C 27 60.58 -9.19 40.21
C LEU C 27 61.36 -9.93 41.29
N LYS C 28 62.59 -10.33 40.96
CA LYS C 28 63.46 -11.07 41.87
C LYS C 28 64.36 -10.10 42.64
N ARG C 29 64.41 -8.84 42.18
CA ARG C 29 65.02 -7.76 42.93
C ARG C 29 63.98 -7.15 43.86
N ILE C 30 62.73 -7.08 43.37
CA ILE C 30 61.58 -6.61 44.13
C ILE C 30 61.40 -7.49 45.36
N VAL C 31 61.69 -8.79 45.23
CA VAL C 31 61.63 -9.72 46.34
C VAL C 31 62.92 -9.63 47.16
N GLU C 32 64.02 -9.20 46.52
CA GLU C 32 65.29 -9.05 47.21
C GLU C 32 65.27 -7.79 48.08
N GLY C 33 64.09 -7.16 48.16
CA GLY C 33 63.87 -6.01 49.03
C GLY C 33 62.95 -6.36 50.20
N ILE C 34 62.20 -7.46 50.05
CA ILE C 34 61.32 -7.97 51.10
C ILE C 34 62.01 -9.18 51.73
N PRO C 39 67.98 -13.83 44.67
CA PRO C 39 68.57 -13.57 43.35
C PRO C 39 69.40 -14.76 42.89
N ASP C 40 70.46 -15.08 43.65
CA ASP C 40 71.27 -16.27 43.41
C ASP C 40 70.55 -17.48 44.01
N GLU C 41 69.69 -17.21 44.99
CA GLU C 41 68.88 -18.23 45.64
C GLU C 41 67.42 -17.82 45.60
N GLN C 42 66.76 -18.09 44.46
CA GLN C 42 65.42 -17.63 44.20
C GLN C 42 64.91 -18.23 42.90
N ARG C 43 63.80 -18.98 42.98
CA ARG C 43 63.14 -19.53 41.80
C ARG C 43 61.64 -19.26 41.88
N LEU C 44 61.10 -18.65 40.81
CA LEU C 44 59.68 -18.34 40.74
C LEU C 44 59.00 -19.31 39.76
N TYR C 45 57.71 -19.55 40.01
CA TYR C 45 56.97 -20.61 39.34
C TYR C 45 55.56 -20.13 39.01
N LYS C 46 55.15 -20.29 37.74
CA LYS C 46 53.75 -20.25 37.36
C LYS C 46 53.14 -21.63 37.62
N ASP C 47 52.30 -21.71 38.66
CA ASP C 47 51.68 -22.94 39.11
C ASP C 47 52.77 -23.96 39.45
N ASP C 48 53.27 -24.68 38.44
CA ASP C 48 54.26 -25.74 38.64
C ASP C 48 55.44 -25.55 37.67
N GLN C 49 55.33 -24.56 36.77
CA GLN C 49 56.31 -24.28 35.73
C GLN C 49 57.33 -23.28 36.26
N LEU C 50 58.61 -23.71 36.32
CA LEU C 50 59.70 -22.83 36.72
C LEU C 50 59.87 -21.72 35.68
N LEU C 51 59.66 -20.47 36.13
CA LEU C 51 59.86 -19.30 35.29
C LEU C 51 61.35 -19.06 35.14
N ASP C 52 61.74 -18.59 33.94
CA ASP C 52 63.12 -18.24 33.68
C ASP C 52 63.24 -16.71 33.61
N ASP C 53 64.47 -16.21 33.74
CA ASP C 53 64.74 -14.85 34.19
C ASP C 53 64.57 -13.82 33.08
N GLY C 54 65.08 -14.14 31.87
CA GLY C 54 65.05 -13.21 30.75
C GLY C 54 63.67 -13.07 30.12
N LYS C 55 62.65 -13.65 30.79
CA LYS C 55 61.27 -13.62 30.35
C LYS C 55 60.52 -12.51 31.06
N THR C 56 59.50 -11.96 30.39
CA THR C 56 58.67 -10.92 30.98
C THR C 56 57.46 -11.54 31.67
N LEU C 57 56.62 -10.69 32.26
CA LEU C 57 55.41 -11.11 32.96
C LEU C 57 54.38 -11.63 31.96
N GLY C 58 54.24 -10.93 30.82
CA GLY C 58 53.34 -11.32 29.75
C GLY C 58 53.77 -12.63 29.10
N GLU C 59 55.08 -12.90 29.14
CA GLU C 59 55.67 -14.09 28.55
C GLU C 59 55.45 -15.29 29.47
N CYS C 60 55.19 -15.02 30.75
CA CYS C 60 54.98 -16.06 31.74
C CYS C 60 53.48 -16.26 31.98
N GLY C 61 52.67 -15.46 31.29
CA GLY C 61 51.24 -15.68 31.20
C GLY C 61 50.44 -14.93 32.26
N PHE C 62 50.99 -13.80 32.73
CA PHE C 62 50.22 -12.91 33.58
C PHE C 62 49.84 -11.67 32.79
N THR C 63 48.74 -11.78 32.05
CA THR C 63 48.08 -10.59 31.52
C THR C 63 47.45 -9.86 32.70
N SER C 64 47.44 -8.53 32.63
CA SER C 64 46.75 -7.71 33.61
C SER C 64 45.26 -8.05 33.63
N GLN C 65 44.86 -8.94 32.70
CA GLN C 65 43.51 -9.45 32.62
C GLN C 65 43.34 -10.65 33.55
N THR C 66 44.46 -11.34 33.85
CA THR C 66 44.43 -12.50 34.73
C THR C 66 45.08 -12.16 36.08
N ALA C 67 45.36 -10.87 36.29
CA ALA C 67 46.02 -10.42 37.51
C ALA C 67 45.38 -9.11 37.99
N ARG C 68 44.06 -9.12 38.14
CA ARG C 68 43.31 -7.98 38.65
C ARG C 68 43.57 -7.85 40.15
N PRO C 69 43.46 -6.63 40.73
CA PRO C 69 43.82 -6.41 42.14
C PRO C 69 42.92 -7.11 43.15
N GLN C 70 41.62 -7.24 42.82
CA GLN C 70 40.64 -7.80 43.74
C GLN C 70 40.62 -9.32 43.64
N ALA C 71 41.58 -9.87 42.87
CA ALA C 71 41.87 -11.29 42.80
C ALA C 71 43.22 -11.50 42.11
N PRO C 72 44.37 -11.12 42.76
CA PRO C 72 45.67 -11.11 42.09
C PRO C 72 46.19 -12.51 41.75
N ALA C 73 46.97 -12.59 40.66
CA ALA C 73 47.54 -13.85 40.21
C ALA C 73 48.71 -14.24 41.11
N THR C 74 48.95 -15.55 41.24
CA THR C 74 49.87 -16.12 42.20
C THR C 74 51.18 -16.56 41.53
N VAL C 75 52.29 -15.98 42.00
CA VAL C 75 53.62 -16.35 41.55
C VAL C 75 54.20 -17.39 42.52
N ALA C 78 60.50 -20.24 45.48
CA ALA C 78 61.36 -21.34 45.99
C ALA C 78 62.70 -20.77 46.44
N PHE C 79 63.08 -21.08 47.69
CA PHE C 79 64.30 -20.62 48.31
C PHE C 79 65.40 -21.67 48.14
N ARG C 80 66.59 -21.20 47.73
CA ARG C 80 67.78 -22.03 47.66
C ARG C 80 68.54 -21.89 48.97
N ALA C 81 68.39 -22.88 49.85
CA ALA C 81 69.09 -22.91 51.12
C ALA C 81 70.35 -23.77 50.99
N ASP C 82 71.49 -23.18 51.37
CA ASP C 82 72.81 -23.81 51.33
C ASP C 82 73.33 -23.87 49.89
N ASP C 83 72.72 -24.71 49.05
CA ASP C 83 73.22 -24.97 47.72
C ASP C 83 72.07 -25.41 46.79
N THR C 84 71.28 -26.39 47.25
CA THR C 84 70.16 -26.92 46.48
C THR C 84 68.89 -26.15 46.81
N PHE C 85 67.83 -26.39 46.03
CA PHE C 85 66.55 -25.71 46.19
C PHE C 85 65.60 -26.56 47.02
N GLU C 86 64.59 -25.91 47.58
CA GLU C 86 63.42 -26.59 48.13
C GLU C 86 62.43 -26.79 46.99
N ALA C 87 61.49 -27.72 47.20
CA ALA C 87 60.31 -27.82 46.35
C ALA C 87 59.39 -26.66 46.68
N LEU C 88 58.73 -26.12 45.64
CA LEU C 88 57.79 -25.02 45.81
C LEU C 88 56.73 -25.43 46.82
N CYS C 89 56.75 -24.79 48.00
CA CYS C 89 55.84 -25.11 49.09
C CYS C 89 55.01 -23.90 49.46
N ILE C 90 53.69 -24.07 49.39
CA ILE C 90 52.69 -23.05 49.68
C ILE C 90 51.59 -23.70 50.52
N GLU C 91 51.39 -23.18 51.73
CA GLU C 91 50.35 -23.70 52.62
C GLU C 91 49.03 -22.99 52.31
N PRO C 92 47.99 -23.70 51.82
CA PRO C 92 46.69 -23.07 51.56
C PRO C 92 46.09 -22.46 52.82
N PHE C 93 45.19 -21.50 52.63
CA PHE C 93 44.51 -20.82 53.72
C PHE C 93 43.48 -21.77 54.35
N SER C 94 42.94 -21.37 55.51
CA SER C 94 41.90 -22.14 56.17
C SER C 94 40.63 -22.13 55.33
N SER C 95 39.64 -22.94 55.73
CA SER C 95 38.35 -22.98 55.06
C SER C 95 37.28 -22.32 55.91
N PRO C 96 36.40 -21.47 55.32
CA PRO C 96 35.27 -20.89 56.03
C PRO C 96 34.29 -21.98 56.47
N PRO C 97 33.46 -21.73 57.51
CA PRO C 97 32.35 -22.63 57.84
C PRO C 97 31.41 -22.78 56.66
N GLU C 98 30.71 -23.92 56.60
CA GLU C 98 29.64 -24.06 55.64
C GLU C 98 28.63 -22.94 55.87
N LEU C 99 28.11 -22.40 54.77
CA LEU C 99 27.26 -21.22 54.74
C LEU C 99 25.97 -21.48 55.51
N PRO C 100 25.58 -20.59 56.47
CA PRO C 100 24.38 -20.80 57.30
C PRO C 100 23.08 -21.15 56.59
N ASP C 101 22.12 -21.69 57.35
CA ASP C 101 20.97 -22.42 56.85
C ASP C 101 20.02 -21.50 56.07
N VAL C 102 20.06 -20.19 56.36
CA VAL C 102 19.14 -19.24 55.76
C VAL C 102 19.87 -18.44 54.68
N MET C 103 21.19 -18.40 54.77
CA MET C 103 22.03 -17.66 53.84
C MET C 103 22.12 -18.40 52.51
N LYS C 104 21.70 -19.67 52.52
CA LYS C 104 21.67 -20.50 51.33
C LYS C 104 20.38 -20.25 50.54
N PRO C 105 20.36 -20.52 49.21
CA PRO C 105 19.15 -20.35 48.41
C PRO C 105 17.96 -21.21 48.90
N THR D 3 -18.90 14.60 15.57
CA THR D 3 -17.75 14.40 16.50
C THR D 3 -16.70 15.48 16.27
N GLU D 4 -15.86 15.71 17.29
CA GLU D 4 -15.07 16.93 17.42
C GLU D 4 -13.61 16.58 17.73
N TYR D 5 -12.68 17.30 17.10
CA TYR D 5 -11.26 16.99 17.18
C TYR D 5 -10.48 18.19 17.72
N LYS D 6 -9.76 17.94 18.83
CA LYS D 6 -9.03 18.97 19.55
C LYS D 6 -7.58 18.96 19.08
N LEU D 7 -7.21 20.05 18.39
CA LEU D 7 -5.89 20.18 17.77
C LEU D 7 -5.12 21.30 18.48
N VAL D 8 -3.96 20.95 19.05
CA VAL D 8 -3.07 21.90 19.68
C VAL D 8 -1.99 22.30 18.69
N VAL D 9 -1.80 23.61 18.51
CA VAL D 9 -0.77 24.11 17.62
C VAL D 9 0.36 24.67 18.47
N VAL D 10 1.58 24.20 18.20
CA VAL D 10 2.76 24.60 18.97
C VAL D 10 3.84 25.00 17.97
N GLY D 11 4.92 25.60 18.48
CA GLY D 11 6.01 26.08 17.62
C GLY D 11 6.50 27.45 18.06
N ALA D 12 7.80 27.72 17.81
CA ALA D 12 8.48 28.88 18.37
C ALA D 12 7.86 30.17 17.84
N ASP D 13 8.17 31.28 18.52
CA ASP D 13 7.57 32.58 18.24
C ASP D 13 7.77 32.95 16.77
N GLY D 14 6.64 33.18 16.08
CA GLY D 14 6.63 33.74 14.75
C GLY D 14 6.90 32.72 13.64
N VAL D 15 6.66 31.44 13.95
CA VAL D 15 6.67 30.41 12.91
C VAL D 15 5.43 30.62 12.06
N GLY D 16 4.33 31.00 12.73
CA GLY D 16 3.06 31.25 12.07
C GLY D 16 2.02 30.21 12.48
N LYS D 17 1.97 29.90 13.78
CA LYS D 17 0.90 29.08 14.31
C LYS D 17 -0.40 29.86 14.21
N SER D 18 -0.32 31.13 14.61
CA SER D 18 -1.43 32.06 14.54
C SER D 18 -1.88 32.25 13.08
N ALA D 19 -0.91 32.25 12.15
CA ALA D 19 -1.18 32.54 10.75
C ALA D 19 -1.90 31.38 10.06
N LEU D 20 -1.43 30.15 10.33
CA LEU D 20 -2.02 28.97 9.72
C LEU D 20 -3.44 28.76 10.24
N THR D 21 -3.68 29.20 11.48
CA THR D 21 -4.95 28.93 12.14
C THR D 21 -6.03 29.85 11.61
N ILE D 22 -5.67 31.14 11.45
CA ILE D 22 -6.54 32.16 10.88
C ILE D 22 -6.90 31.74 9.46
N GLN D 23 -5.89 31.34 8.69
CA GLN D 23 -6.04 30.95 7.30
C GLN D 23 -7.04 29.78 7.19
N LEU D 24 -7.01 28.88 8.18
CA LEU D 24 -7.88 27.72 8.15
C LEU D 24 -9.32 28.16 8.41
N ILE D 25 -9.53 28.99 9.42
CA ILE D 25 -10.87 29.19 9.94
C ILE D 25 -11.49 30.49 9.41
N GLN D 26 -10.68 31.39 8.84
CA GLN D 26 -11.20 32.69 8.45
C GLN D 26 -10.96 33.00 6.98
N ASN D 27 -9.81 32.55 6.44
CA ASN D 27 -9.53 32.57 5.01
C ASN D 27 -8.72 33.81 4.61
N HIS D 28 -7.70 34.17 5.40
CA HIS D 28 -6.79 35.24 5.01
C HIS D 28 -5.45 35.10 5.73
N PHE D 29 -4.39 35.53 5.04
CA PHE D 29 -3.07 35.61 5.63
C PHE D 29 -3.00 36.89 6.45
N VAL D 30 -2.86 36.73 7.77
CA VAL D 30 -2.84 37.85 8.69
C VAL D 30 -1.43 38.45 8.70
N ASP D 31 -1.35 39.76 8.43
CA ASP D 31 -0.08 40.41 8.19
C ASP D 31 0.64 40.65 9.51
N GLU D 32 -0.09 41.17 10.50
CA GLU D 32 0.48 41.48 11.80
C GLU D 32 -0.50 41.09 12.90
N TYR D 33 -0.55 39.78 13.23
CA TYR D 33 -1.39 39.37 14.34
C TYR D 33 -0.56 39.10 15.59
N ASP D 34 -1.09 39.58 16.72
CA ASP D 34 -0.47 39.51 18.03
C ASP D 34 0.13 38.14 18.29
N PRO D 35 1.47 38.06 18.52
CA PRO D 35 2.09 36.82 18.99
C PRO D 35 1.97 36.74 20.50
N THR D 36 0.74 36.92 20.99
CA THR D 36 0.52 37.10 22.40
C THR D 36 -0.78 36.42 22.83
N ILE D 37 -1.67 36.19 21.86
CA ILE D 37 -3.00 35.68 22.15
C ILE D 37 -3.04 34.17 21.92
N GLU D 38 -3.41 33.44 22.98
CA GLU D 38 -3.57 31.99 22.98
C GLU D 38 -5.07 31.68 22.92
N ASP D 39 -5.70 31.99 21.78
CA ASP D 39 -7.12 31.80 21.57
C ASP D 39 -7.36 30.54 20.74
N SER D 40 -8.47 29.84 21.02
CA SER D 40 -8.85 28.63 20.30
C SER D 40 -10.05 28.91 19.39
N TYR D 41 -9.93 28.48 18.12
CA TYR D 41 -10.91 28.72 17.07
C TYR D 41 -11.72 27.44 16.83
N ARG D 42 -12.84 27.58 16.12
CA ARG D 42 -13.65 26.43 15.75
C ARG D 42 -14.03 26.49 14.27
N LYS D 43 -13.98 25.32 13.63
CA LYS D 43 -14.46 25.12 12.27
C LYS D 43 -15.09 23.74 12.20
N GLN D 44 -16.19 23.66 11.45
CA GLN D 44 -16.75 22.37 11.09
C GLN D 44 -16.49 22.14 9.60
N VAL D 45 -15.78 21.05 9.28
CA VAL D 45 -15.34 20.84 7.90
C VAL D 45 -15.49 19.36 7.54
N VAL D 46 -15.41 19.08 6.24
CA VAL D 46 -15.66 17.77 5.67
C VAL D 46 -14.32 17.09 5.37
N ILE D 47 -14.05 15.97 6.06
CA ILE D 47 -12.80 15.24 5.92
C ILE D 47 -13.10 13.77 5.60
N ASP D 48 -12.63 13.34 4.42
CA ASP D 48 -12.85 11.99 3.91
C ASP D 48 -14.34 11.75 3.70
N GLY D 49 -15.09 12.83 3.45
CA GLY D 49 -16.55 12.77 3.34
C GLY D 49 -17.24 12.55 4.68
N GLU D 50 -16.58 12.99 5.77
CA GLU D 50 -17.12 12.91 7.11
C GLU D 50 -16.94 14.25 7.81
N THR D 51 -18.07 14.91 8.09
CA THR D 51 -18.09 16.24 8.68
C THR D 51 -17.80 16.13 10.17
N CYS D 52 -17.02 17.10 10.68
CA CYS D 52 -16.59 17.12 12.07
C CYS D 52 -16.20 18.53 12.48
N LEU D 53 -16.35 18.81 13.77
CA LEU D 53 -15.89 20.06 14.36
C LEU D 53 -14.44 19.89 14.76
N LEU D 54 -13.58 20.80 14.27
CA LEU D 54 -12.21 20.91 14.73
C LEU D 54 -12.13 22.01 15.78
N ASP D 55 -11.37 21.78 16.84
CA ASP D 55 -11.08 22.80 17.83
C ASP D 55 -9.57 23.02 17.88
N ILE D 56 -9.16 24.17 17.35
CA ILE D 56 -7.75 24.46 17.09
C ILE D 56 -7.23 25.45 18.13
N LEU D 57 -6.39 24.95 19.04
CA LEU D 57 -5.78 25.71 20.11
C LEU D 57 -4.42 26.22 19.65
N ASP D 58 -4.34 27.55 19.46
CA ASP D 58 -3.16 28.24 18.96
C ASP D 58 -2.37 28.82 20.14
N THR D 59 -1.31 28.12 20.53
CA THR D 59 -0.58 28.44 21.74
C THR D 59 0.27 29.70 21.55
N ALA D 60 0.56 30.36 22.68
CA ALA D 60 1.49 31.46 22.77
C ALA D 60 2.09 31.48 24.18
N GLY D 61 2.32 32.68 24.72
CA GLY D 61 3.00 32.82 26.01
C GLY D 61 4.51 32.61 25.85
N GLN D 62 5.22 32.59 26.97
CA GLN D 62 6.68 32.48 26.89
C GLN D 62 7.11 31.05 27.14
N GLU D 63 8.43 30.85 27.23
CA GLU D 63 9.08 29.57 27.36
C GLU D 63 9.28 29.23 28.83
N GLU D 64 8.17 29.26 29.59
CA GLU D 64 8.17 28.92 31.01
C GLU D 64 7.70 27.47 31.17
N TYR D 65 7.65 26.98 32.42
CA TYR D 65 7.01 25.70 32.66
C TYR D 65 5.94 25.81 33.75
N SER D 66 4.78 25.17 33.51
CA SER D 66 3.73 25.04 34.49
C SER D 66 3.01 23.71 34.31
N ALA D 67 2.43 23.20 35.41
CA ALA D 67 1.60 22.00 35.37
C ALA D 67 0.22 22.34 34.81
N MET D 68 -0.15 23.62 34.84
CA MET D 68 -1.40 24.13 34.30
C MET D 68 -1.35 24.11 32.77
N ARG D 69 -0.13 24.12 32.24
CA ARG D 69 0.12 24.09 30.80
C ARG D 69 0.12 22.63 30.33
N ASP D 70 0.62 21.73 31.19
CA ASP D 70 0.58 20.29 30.96
C ASP D 70 -0.87 19.81 31.00
N GLN D 71 -1.66 20.41 31.89
CA GLN D 71 -3.07 20.13 32.05
C GLN D 71 -3.78 20.43 30.73
N TYR D 72 -3.36 21.52 30.06
CA TYR D 72 -4.02 22.06 28.88
C TYR D 72 -3.40 21.54 27.58
N MET D 73 -2.43 20.63 27.69
CA MET D 73 -1.89 19.97 26.52
C MET D 73 -2.44 18.54 26.47
N ARG D 74 -3.05 18.12 27.57
CA ARG D 74 -3.59 16.78 27.73
C ARG D 74 -5.05 16.75 27.25
N THR D 75 -5.52 17.88 26.73
CA THR D 75 -6.90 18.03 26.27
C THR D 75 -6.98 17.87 24.75
N GLY D 76 -5.91 18.27 24.04
CA GLY D 76 -5.83 18.16 22.60
C GLY D 76 -5.51 16.75 22.14
N GLU D 77 -6.27 16.26 21.16
CA GLU D 77 -6.14 14.90 20.66
C GLU D 77 -4.93 14.80 19.75
N GLY D 78 -4.74 15.83 18.90
CA GLY D 78 -3.63 15.89 17.95
C GLY D 78 -2.81 17.16 18.11
N PHE D 79 -1.61 17.17 17.52
CA PHE D 79 -0.64 18.24 17.71
C PHE D 79 0.01 18.61 16.37
N LEU D 80 -0.06 19.90 16.01
CA LEU D 80 0.68 20.45 14.89
C LEU D 80 1.93 21.16 15.40
N CYS D 81 3.10 20.62 15.03
CA CYS D 81 4.34 21.15 15.58
C CYS D 81 5.07 21.93 14.50
N VAL D 82 4.80 23.24 14.46
CA VAL D 82 5.13 24.07 13.31
C VAL D 82 6.49 24.71 13.51
N PHE D 83 7.27 24.73 12.42
CA PHE D 83 8.50 25.50 12.34
C PHE D 83 8.50 26.30 11.04
N ALA D 84 9.42 27.28 10.94
CA ALA D 84 9.61 28.04 9.71
C ALA D 84 10.87 27.58 9.00
N ILE D 85 10.80 27.44 7.67
CA ILE D 85 11.86 26.86 6.86
C ILE D 85 13.00 27.87 6.67
N ASN D 86 12.83 29.07 7.25
CA ASN D 86 13.83 30.12 7.23
C ASN D 86 14.27 30.41 8.66
N ASN D 87 14.26 29.39 9.52
CA ASN D 87 14.59 29.58 10.92
C ASN D 87 15.08 28.26 11.51
N THR D 88 16.40 28.10 11.54
CA THR D 88 17.06 26.96 12.15
C THR D 88 16.55 26.75 13.58
N LYS D 89 16.52 27.85 14.35
CA LYS D 89 16.11 27.79 15.74
C LYS D 89 14.79 27.02 15.83
N SER D 90 13.74 27.54 15.17
CA SER D 90 12.39 27.03 15.33
C SER D 90 12.33 25.52 15.07
N PHE D 91 13.29 25.02 14.28
CA PHE D 91 13.37 23.62 13.93
C PHE D 91 14.13 22.84 15.00
N GLU D 92 15.29 23.38 15.39
CA GLU D 92 16.06 22.83 16.50
C GLU D 92 15.15 22.69 17.71
N ASP D 93 14.17 23.63 17.80
CA ASP D 93 13.20 23.69 18.88
C ASP D 93 12.34 22.42 18.89
N ILE D 94 11.87 22.02 17.70
CA ILE D 94 10.79 21.05 17.57
C ILE D 94 10.99 19.89 18.54
N HIS D 95 12.23 19.36 18.58
CA HIS D 95 12.54 18.21 19.41
C HIS D 95 11.90 18.37 20.79
N HIS D 96 12.06 19.56 21.37
CA HIS D 96 11.60 19.83 22.72
C HIS D 96 10.10 19.58 22.84
N TYR D 97 9.35 20.09 21.85
CA TYR D 97 7.90 20.00 21.85
C TYR D 97 7.47 18.54 21.95
N ARG D 98 7.97 17.73 21.02
CA ARG D 98 7.67 16.31 21.00
C ARG D 98 7.95 15.70 22.37
N GLU D 99 9.18 15.87 22.85
CA GLU D 99 9.64 15.26 24.09
C GLU D 99 8.65 15.55 25.21
N GLN D 100 8.10 16.77 25.19
CA GLN D 100 7.17 17.24 26.21
C GLN D 100 5.80 16.60 26.00
N ILE D 101 5.33 16.58 24.75
CA ILE D 101 4.01 16.06 24.43
C ILE D 101 3.97 14.57 24.76
N LYS D 102 5.12 13.90 24.62
CA LYS D 102 5.22 12.47 24.91
C LYS D 102 5.11 12.25 26.42
N ARG D 103 5.67 13.20 27.18
CA ARG D 103 5.70 13.13 28.64
C ARG D 103 4.29 13.37 29.20
N VAL D 104 3.50 14.19 28.50
CA VAL D 104 2.17 14.57 28.96
C VAL D 104 1.19 13.43 28.69
N LYS D 105 1.12 12.99 27.42
CA LYS D 105 0.10 12.05 26.98
C LYS D 105 0.54 10.62 27.31
N ASP D 106 1.82 10.46 27.70
CA ASP D 106 2.36 9.23 28.23
C ASP D 106 2.30 8.12 27.18
N SER D 107 2.96 8.36 26.03
CA SER D 107 2.95 7.47 24.89
C SER D 107 3.92 7.98 23.82
N GLU D 108 4.27 7.10 22.88
CA GLU D 108 4.90 7.49 21.63
C GLU D 108 3.82 7.62 20.55
N ASP D 109 2.71 6.89 20.74
CA ASP D 109 1.61 6.85 19.80
C ASP D 109 0.76 8.12 19.94
N VAL D 110 1.43 9.28 19.97
CA VAL D 110 0.74 10.54 20.11
C VAL D 110 0.54 11.16 18.74
N PRO D 111 -0.73 11.34 18.29
CA PRO D 111 -1.03 12.08 17.06
C PRO D 111 -0.26 13.39 16.98
N MET D 112 0.34 13.64 15.81
CA MET D 112 1.41 14.60 15.63
C MET D 112 1.65 14.76 14.13
N VAL D 113 1.94 15.99 13.70
CA VAL D 113 2.35 16.22 12.33
C VAL D 113 3.28 17.43 12.25
N LEU D 114 4.53 17.18 11.83
CA LEU D 114 5.49 18.23 11.59
C LEU D 114 5.04 19.04 10.39
N VAL D 115 5.13 20.37 10.51
CA VAL D 115 4.75 21.27 9.44
C VAL D 115 5.80 22.36 9.30
N GLY D 116 6.43 22.40 8.11
CA GLY D 116 7.35 23.46 7.75
C GLY D 116 6.59 24.61 7.10
N ASN D 117 6.54 25.75 7.82
CA ASN D 117 5.68 26.84 7.41
C ASN D 117 6.48 27.91 6.68
N LYS D 118 5.77 28.91 6.16
CA LYS D 118 6.31 29.94 5.27
C LYS D 118 7.16 29.26 4.20
N CYS D 119 6.54 28.44 3.36
CA CYS D 119 7.29 27.82 2.27
C CYS D 119 6.99 28.55 0.96
N ASP D 120 6.76 29.86 1.05
CA ASP D 120 6.66 30.74 -0.10
C ASP D 120 7.98 31.47 -0.28
N LEU D 121 8.71 31.62 0.82
CA LEU D 121 9.93 32.42 0.87
C LEU D 121 11.06 31.69 0.14
N PRO D 122 11.95 32.45 -0.55
CA PRO D 122 13.11 31.85 -1.22
C PRO D 122 14.20 31.41 -0.26
N SER D 123 14.46 32.27 0.75
CA SER D 123 15.52 32.05 1.73
C SER D 123 15.16 30.86 2.62
N ARG D 124 15.94 29.78 2.49
CA ARG D 124 15.64 28.52 3.16
C ARG D 124 16.89 28.03 3.89
N THR D 125 16.78 27.84 5.22
CA THR D 125 17.87 27.33 6.03
C THR D 125 17.72 25.82 6.17
N VAL D 126 16.53 25.36 6.54
CA VAL D 126 16.30 23.94 6.77
C VAL D 126 15.64 23.35 5.53
N ASP D 127 16.42 22.56 4.79
CA ASP D 127 15.97 21.89 3.58
C ASP D 127 14.91 20.85 3.93
N THR D 128 14.38 20.18 2.90
CA THR D 128 13.25 19.27 3.04
C THR D 128 13.74 17.90 3.53
N LYS D 129 14.88 17.43 2.99
CA LYS D 129 15.44 16.13 3.32
C LYS D 129 15.52 15.97 4.84
N GLN D 130 15.98 17.04 5.52
CA GLN D 130 16.18 17.07 6.96
C GLN D 130 14.86 16.78 7.67
N ALA D 131 13.84 17.54 7.29
CA ALA D 131 12.52 17.43 7.89
C ALA D 131 12.05 15.98 7.80
N GLN D 132 11.96 15.47 6.58
CA GLN D 132 11.48 14.12 6.32
C GLN D 132 12.25 13.14 7.19
N ASP D 133 13.54 13.41 7.40
CA ASP D 133 14.38 12.58 8.27
C ASP D 133 13.79 12.58 9.67
N LEU D 134 13.81 13.75 10.32
CA LEU D 134 13.31 13.89 11.68
C LEU D 134 11.89 13.31 11.76
N ALA D 135 11.08 13.63 10.75
CA ALA D 135 9.67 13.23 10.69
C ALA D 135 9.55 11.71 10.74
N ARG D 136 10.45 11.03 10.03
CA ARG D 136 10.46 9.57 9.98
C ARG D 136 10.99 9.02 11.30
N SER D 137 11.92 9.73 11.94
CA SER D 137 12.53 9.26 13.18
C SER D 137 11.47 9.20 14.28
N TYR D 138 10.54 10.16 14.23
CA TYR D 138 9.38 10.17 15.12
C TYR D 138 8.25 9.38 14.47
N GLY D 139 8.35 9.18 13.15
CA GLY D 139 7.40 8.36 12.42
C GLY D 139 6.03 9.03 12.33
N ILE D 140 6.03 10.29 11.88
CA ILE D 140 4.82 11.04 11.65
C ILE D 140 4.98 11.83 10.35
N PRO D 141 3.85 12.22 9.71
CA PRO D 141 3.90 12.96 8.45
C PRO D 141 4.61 14.30 8.55
N PHE D 142 5.23 14.72 7.44
CA PHE D 142 5.75 16.07 7.26
C PHE D 142 4.98 16.74 6.14
N ILE D 143 4.57 18.00 6.36
CA ILE D 143 3.82 18.78 5.39
C ILE D 143 4.40 20.20 5.34
N GLU D 144 4.88 20.60 4.17
CA GLU D 144 5.28 21.99 3.95
C GLU D 144 4.02 22.82 3.70
N THR D 145 3.85 23.88 4.49
CA THR D 145 2.72 24.77 4.29
C THR D 145 3.20 26.21 4.20
N SER D 146 2.35 27.07 3.61
CA SER D 146 2.56 28.51 3.66
C SER D 146 1.22 29.20 3.93
N ALA D 147 1.09 29.78 5.13
CA ALA D 147 -0.12 30.49 5.53
C ALA D 147 -0.38 31.67 4.59
N LYS D 148 0.68 32.16 3.92
CA LYS D 148 0.59 33.32 3.04
C LYS D 148 -0.05 32.93 1.71
N THR D 149 0.50 31.90 1.06
CA THR D 149 -0.05 31.45 -0.22
C THR D 149 -1.22 30.50 0.02
N ARG D 150 -1.57 30.29 1.30
CA ARG D 150 -2.60 29.37 1.74
C ARG D 150 -2.41 27.98 1.10
N GLN D 151 -1.15 27.61 0.91
CA GLN D 151 -0.76 26.30 0.41
C GLN D 151 -0.55 25.37 1.60
N GLY D 152 -1.18 24.20 1.56
CA GLY D 152 -0.92 23.18 2.56
C GLY D 152 -1.69 23.41 3.87
N VAL D 153 -2.25 24.62 4.04
CA VAL D 153 -2.98 24.98 5.24
C VAL D 153 -4.10 23.96 5.49
N ASP D 154 -4.35 23.09 4.51
CA ASP D 154 -5.43 22.12 4.62
C ASP D 154 -4.87 20.75 4.95
N ASP D 155 -3.93 20.29 4.11
CA ASP D 155 -3.25 19.02 4.31
C ASP D 155 -2.86 18.87 5.77
N ALA D 156 -2.01 19.80 6.22
CA ALA D 156 -1.53 19.86 7.59
C ALA D 156 -2.64 19.43 8.55
N PHE D 157 -3.79 20.09 8.45
CA PHE D 157 -4.84 19.97 9.45
C PHE D 157 -5.55 18.62 9.34
N TYR D 158 -5.87 18.21 8.12
CA TYR D 158 -6.74 17.06 7.93
C TYR D 158 -5.96 15.77 8.15
N THR D 159 -4.64 15.83 7.89
CA THR D 159 -3.75 14.70 8.10
C THR D 159 -3.78 14.34 9.59
N LEU D 160 -3.71 15.37 10.42
CA LEU D 160 -3.80 15.23 11.87
C LEU D 160 -5.13 14.58 12.24
N VAL D 161 -6.20 15.00 11.55
CA VAL D 161 -7.54 14.45 11.76
C VAL D 161 -7.50 12.94 11.51
N ARG D 162 -6.73 12.54 10.50
CA ARG D 162 -6.65 11.16 10.06
C ARG D 162 -5.66 10.39 10.95
N GLU D 163 -4.80 11.13 11.66
CA GLU D 163 -3.92 10.54 12.66
C GLU D 163 -4.72 10.24 13.93
N ILE D 164 -5.68 11.12 14.24
CA ILE D 164 -6.56 10.94 15.38
C ILE D 164 -7.52 9.80 15.05
N ARG D 165 -8.01 9.77 13.81
CA ARG D 165 -8.88 8.69 13.36
C ARG D 165 -8.12 7.37 13.39
N LYS D 166 -6.89 7.37 12.87
CA LYS D 166 -6.06 6.17 12.82
C LYS D 166 -5.81 5.66 14.24
N HIS D 167 -5.39 6.55 15.14
CA HIS D 167 -5.17 6.17 16.52
C HIS D 167 -6.49 5.80 17.16
N LYS D 168 -6.59 4.55 17.62
CA LYS D 168 -7.81 4.03 18.21
C LYS D 168 -7.82 4.33 19.71
N ARG E 10 40.62 33.11 13.29
CA ARG E 10 40.20 33.55 11.92
C ARG E 10 39.69 32.37 11.10
N PRO E 11 40.26 31.14 11.21
CA PRO E 11 39.56 29.93 10.80
C PRO E 11 38.45 29.70 11.82
N VAL E 12 37.36 29.07 11.38
CA VAL E 12 36.17 28.99 12.22
C VAL E 12 36.30 27.82 13.20
N LEU E 13 37.33 26.97 13.02
CA LEU E 13 37.56 25.89 13.96
C LEU E 13 38.90 26.10 14.66
N ARG E 14 38.81 26.47 15.95
CA ARG E 14 39.91 26.97 16.77
C ARG E 14 39.43 27.08 18.22
N SER E 15 40.33 26.81 19.18
CA SER E 15 40.02 27.02 20.59
C SER E 15 39.93 28.53 20.85
N VAL E 16 39.15 28.91 21.87
CA VAL E 16 39.02 30.31 22.25
C VAL E 16 39.98 30.63 23.40
N ASN E 17 40.34 31.91 23.50
CA ASN E 17 41.17 32.40 24.59
C ASN E 17 40.30 32.63 25.81
N SER E 18 39.92 31.54 26.48
CA SER E 18 38.79 31.58 27.39
C SER E 18 39.20 31.98 28.79
N ARG E 19 40.42 31.57 29.18
CA ARG E 19 40.99 31.95 30.47
C ARG E 19 40.18 31.38 31.64
N GLU E 20 39.24 30.46 31.37
CA GLU E 20 38.38 29.92 32.40
C GLU E 20 38.51 28.39 32.44
N PRO E 21 39.35 27.83 33.35
CA PRO E 21 39.80 26.45 33.24
C PRO E 21 38.66 25.48 33.50
N SER E 22 38.69 24.34 32.81
CA SER E 22 37.70 23.29 32.91
C SER E 22 38.40 21.93 32.89
N GLN E 23 38.06 21.07 33.85
CA GLN E 23 38.67 19.75 33.96
C GLN E 23 37.77 18.74 33.24
N VAL E 24 38.36 17.98 32.30
CA VAL E 24 37.60 17.00 31.53
C VAL E 24 38.19 15.61 31.74
N ILE E 25 37.34 14.59 31.56
CA ILE E 25 37.74 13.19 31.63
C ILE E 25 37.82 12.64 30.21
N PHE E 26 39.05 12.57 29.67
CA PHE E 26 39.31 11.82 28.45
C PHE E 26 39.23 10.33 28.79
N CYS E 27 38.43 9.59 28.02
CA CYS E 27 38.18 8.20 28.32
C CYS E 27 37.91 7.42 27.05
N ASN E 28 38.84 6.52 26.72
CA ASN E 28 38.89 5.79 25.48
C ASN E 28 38.07 4.50 25.61
N ARG E 29 36.81 4.55 25.13
CA ARG E 29 36.01 3.33 24.99
C ARG E 29 35.98 2.90 23.52
N SER E 30 37.18 2.87 22.93
CA SER E 30 37.46 2.24 21.65
C SER E 30 38.59 1.23 21.86
N PRO E 31 38.77 0.23 20.97
CA PRO E 31 39.91 -0.68 21.04
C PRO E 31 41.18 -0.15 20.35
N ARG E 32 41.06 1.01 19.72
CA ARG E 32 42.18 1.69 19.11
C ARG E 32 42.95 2.41 20.21
N VAL E 33 44.17 2.88 19.86
CA VAL E 33 44.90 3.81 20.69
C VAL E 33 44.57 5.24 20.26
N VAL E 34 44.12 6.06 21.21
CA VAL E 34 43.52 7.33 20.89
C VAL E 34 44.58 8.43 20.95
N LEU E 35 44.66 9.23 19.88
CA LEU E 35 45.45 10.45 19.91
C LEU E 35 44.48 11.63 20.03
N PRO E 36 44.50 12.35 21.17
CA PRO E 36 43.80 13.64 21.28
C PRO E 36 44.47 14.71 20.42
N VAL E 37 43.65 15.46 19.68
CA VAL E 37 44.13 16.58 18.91
C VAL E 37 43.43 17.85 19.42
N TRP E 38 44.23 18.81 19.89
CA TRP E 38 43.71 20.08 20.36
C TRP E 38 43.86 21.10 19.24
N LEU E 39 42.85 21.95 19.08
CA LEU E 39 42.91 23.01 18.09
C LEU E 39 43.35 24.29 18.77
N ASN E 40 44.50 24.82 18.36
CA ASN E 40 45.02 26.06 18.90
C ASN E 40 44.15 27.22 18.42
N PHE E 41 44.48 28.42 18.90
CA PHE E 41 43.69 29.62 18.69
C PHE E 41 43.83 30.08 17.24
N ASP E 42 44.97 29.72 16.61
CA ASP E 42 45.17 29.99 15.19
C ASP E 42 44.52 28.87 14.36
N GLY E 43 44.45 27.67 14.94
CA GLY E 43 43.75 26.57 14.29
C GLY E 43 44.65 25.37 14.00
N GLU E 44 45.97 25.60 13.88
CA GLU E 44 46.92 24.52 13.69
C GLU E 44 46.71 23.46 14.77
N PRO E 45 46.45 22.19 14.40
CA PRO E 45 46.08 21.14 15.36
C PRO E 45 47.31 20.54 16.06
N GLN E 46 47.09 20.02 17.27
CA GLN E 46 48.19 19.79 18.20
C GLN E 46 48.19 18.36 18.75
N PRO E 47 49.36 17.67 18.76
CA PRO E 47 49.46 16.29 19.27
C PRO E 47 49.42 16.25 20.80
N TYR E 48 48.90 15.15 21.34
CA TYR E 48 48.81 15.01 22.78
C TYR E 48 49.14 13.58 23.17
N PRO E 49 49.46 13.33 24.46
CA PRO E 49 49.78 11.98 24.91
C PRO E 49 48.69 11.01 24.50
N THR E 50 49.11 9.86 23.96
CA THR E 50 48.21 8.83 23.50
C THR E 50 47.48 8.23 24.69
N LEU E 51 46.16 8.06 24.55
CA LEU E 51 45.36 7.26 25.48
C LEU E 51 45.32 5.82 24.99
N PRO E 52 45.88 4.85 25.77
CA PRO E 52 45.73 3.43 25.48
C PRO E 52 44.30 2.94 25.65
N PRO E 53 43.92 1.82 24.98
CA PRO E 53 42.54 1.35 24.99
C PRO E 53 42.02 1.16 26.40
N GLY E 54 40.74 1.53 26.60
CA GLY E 54 40.02 1.21 27.81
C GLY E 54 40.56 1.95 29.04
N THR E 55 41.16 3.12 28.83
CA THR E 55 41.74 3.89 29.91
C THR E 55 41.09 5.28 29.99
N GLY E 56 41.21 5.93 31.15
CA GLY E 56 40.65 7.25 31.37
C GLY E 56 41.57 8.16 32.18
N ARG E 57 41.49 9.47 31.90
CA ARG E 57 42.35 10.46 32.55
C ARG E 57 41.55 11.72 32.88
N ARG E 58 42.05 12.49 33.86
CA ARG E 58 41.57 13.83 34.15
C ARG E 58 42.57 14.82 33.54
N ILE E 59 42.04 15.85 32.86
CA ILE E 59 42.87 16.75 32.08
C ILE E 59 42.40 18.19 32.31
N HIS E 60 43.31 19.01 32.84
CA HIS E 60 43.06 20.43 32.92
C HIS E 60 43.06 21.00 31.52
N SER E 61 41.85 21.22 31.01
CA SER E 61 41.64 21.96 29.78
C SER E 61 41.03 23.30 30.16
N TYR E 62 40.43 23.99 29.19
CA TYR E 62 39.76 25.26 29.44
C TYR E 62 38.39 25.27 28.77
N ARG E 63 37.52 26.15 29.24
CA ARG E 63 36.24 26.38 28.56
C ARG E 63 36.54 26.87 27.15
N GLY E 64 35.67 26.51 26.21
CA GLY E 64 35.76 26.99 24.84
C GLY E 64 36.95 26.42 24.07
N HIS E 65 37.58 25.37 24.60
CA HIS E 65 38.67 24.71 23.92
C HIS E 65 38.17 23.50 23.13
N LEU E 66 38.79 23.26 21.97
CA LEU E 66 38.22 22.43 20.92
C LEU E 66 39.08 21.21 20.68
N TRP E 67 38.49 20.02 20.86
CA TRP E 67 39.22 18.76 20.74
C TRP E 67 38.64 17.88 19.63
N LEU E 68 39.47 16.92 19.18
CA LEU E 68 39.09 15.83 18.27
C LEU E 68 40.06 14.65 18.46
N PHE E 69 39.56 13.43 18.18
CA PHE E 69 40.29 12.21 18.51
C PHE E 69 40.43 11.32 17.27
N ARG E 70 41.67 10.86 17.04
CA ARG E 70 42.00 9.98 15.94
C ARG E 70 42.48 8.64 16.49
N ASP E 71 42.63 7.67 15.58
CA ASP E 71 43.50 6.53 15.77
C ASP E 71 44.94 7.04 15.72
N ALA E 72 45.70 6.72 16.78
CA ALA E 72 47.10 7.11 16.90
C ALA E 72 47.86 6.67 15.65
N GLY E 73 47.58 5.44 15.21
CA GLY E 73 48.31 4.82 14.11
C GLY E 73 47.90 5.36 12.74
N THR E 74 46.61 5.20 12.41
CA THR E 74 46.15 5.34 11.04
C THR E 74 45.43 6.68 10.84
N HIS E 75 45.27 7.43 11.93
CA HIS E 75 44.64 8.74 11.88
C HIS E 75 43.15 8.60 11.60
N ASP E 76 42.66 7.36 11.64
CA ASP E 76 41.24 7.06 11.53
C ASP E 76 40.47 7.95 12.50
N GLY E 77 39.37 8.53 12.01
CA GLY E 77 38.53 9.36 12.85
C GLY E 77 37.87 8.55 13.96
N LEU E 78 37.80 9.14 15.15
CA LEU E 78 37.04 8.54 16.23
C LEU E 78 35.84 9.42 16.53
N LEU E 79 35.13 9.08 17.61
CA LEU E 79 34.00 9.87 18.06
C LEU E 79 34.18 10.28 19.52
N VAL E 80 33.84 11.53 19.81
CA VAL E 80 33.68 11.94 21.19
C VAL E 80 32.20 12.24 21.41
N ASN E 81 31.62 11.59 22.42
CA ASN E 81 30.23 11.78 22.85
C ASN E 81 29.31 11.80 21.63
N GLN E 82 29.57 10.89 20.67
CA GLN E 82 28.76 10.74 19.47
C GLN E 82 28.94 11.94 18.55
N THR E 83 30.15 12.51 18.51
CA THR E 83 30.43 13.63 17.62
C THR E 83 31.91 13.71 17.31
N GLU E 84 32.23 14.44 16.24
CA GLU E 84 33.58 14.49 15.69
C GLU E 84 34.39 15.59 16.35
N LEU E 85 33.70 16.54 17.03
CA LEU E 85 34.35 17.65 17.70
C LEU E 85 33.92 17.69 19.16
N PHE E 86 34.80 18.21 20.02
CA PHE E 86 34.54 18.27 21.45
C PHE E 86 34.93 19.62 22.01
N VAL E 87 33.99 20.28 22.70
CA VAL E 87 34.22 21.52 23.45
C VAL E 87 33.52 21.36 24.79
N PRO E 88 34.20 21.65 25.92
CA PRO E 88 33.61 21.41 27.24
C PRO E 88 32.84 22.61 27.80
N SER E 89 31.77 22.31 28.56
CA SER E 89 31.12 23.29 29.42
C SER E 89 32.05 23.60 30.59
N LEU E 90 31.85 24.77 31.22
CA LEU E 90 32.50 25.01 32.48
C LEU E 90 31.82 24.16 33.54
N ASN E 91 32.62 23.71 34.50
CA ASN E 91 32.26 22.63 35.41
C ASN E 91 31.31 23.16 36.47
N VAL E 92 30.04 22.76 36.38
CA VAL E 92 29.08 23.09 37.41
C VAL E 92 29.65 22.65 38.75
N ASP E 93 30.09 23.63 39.55
CA ASP E 93 30.63 23.42 40.89
C ASP E 93 31.76 22.39 40.85
N GLY E 94 32.78 22.65 40.02
CA GLY E 94 34.02 21.90 40.05
C GLY E 94 33.93 20.51 39.41
N GLN E 95 32.75 19.87 39.52
CA GLN E 95 32.52 18.52 39.03
C GLN E 95 32.86 18.41 37.54
N PRO E 96 33.56 17.34 37.09
CA PRO E 96 34.22 17.33 35.79
C PRO E 96 33.34 16.95 34.59
N ILE E 97 33.73 17.43 33.40
CA ILE E 97 33.07 17.09 32.14
C ILE E 97 33.65 15.78 31.61
N PHE E 98 32.83 15.02 30.88
CA PHE E 98 33.17 13.67 30.47
C PHE E 98 33.26 13.53 28.95
N ALA E 99 34.44 13.12 28.46
CA ALA E 99 34.66 12.84 27.05
C ALA E 99 34.77 11.34 26.82
N ASN E 100 33.65 10.74 26.39
CA ASN E 100 33.57 9.36 25.96
C ASN E 100 34.09 9.25 24.54
N ILE E 101 35.19 8.51 24.33
CA ILE E 101 35.78 8.44 23.00
C ILE E 101 35.55 7.06 22.38
N THR E 102 34.68 6.98 21.36
CA THR E 102 34.33 5.69 20.78
C THR E 102 34.66 5.65 19.29
N LEU E 103 34.46 4.46 18.71
CA LEU E 103 34.50 4.26 17.27
C LEU E 103 33.24 4.88 16.66
N PRO E 104 33.35 5.54 15.49
CA PRO E 104 32.16 5.90 14.71
C PRO E 104 31.69 4.64 13.97
N VAL E 105 30.48 4.69 13.45
CA VAL E 105 30.03 3.57 12.64
C VAL E 105 30.44 3.89 11.20
N TYR E 106 31.67 3.52 10.84
CA TYR E 106 32.19 3.81 9.51
C TYR E 106 31.49 2.96 8.46
N THR E 107 31.40 3.48 7.24
CA THR E 107 30.84 2.76 6.11
C THR E 107 31.64 1.47 5.89
N LEU E 108 30.91 0.39 5.58
CA LEU E 108 31.51 -0.89 5.28
C LEU E 108 32.70 -0.72 4.33
N LYS E 109 32.65 0.27 3.44
CA LYS E 109 33.74 0.51 2.52
C LYS E 109 34.99 0.96 3.26
N GLU E 110 34.87 2.04 4.05
CA GLU E 110 36.07 2.61 4.65
C GLU E 110 36.55 1.72 5.78
N ARG E 111 35.65 0.87 6.27
CA ARG E 111 36.07 -0.19 7.18
C ARG E 111 37.00 -1.14 6.43
N CYS E 112 36.49 -1.70 5.31
CA CYS E 112 37.28 -2.57 4.45
C CYS E 112 38.58 -1.86 4.10
N LEU E 113 38.45 -0.56 3.78
CA LEU E 113 39.61 0.22 3.40
C LEU E 113 40.63 0.18 4.51
N GLN E 114 40.16 0.39 5.75
CA GLN E 114 41.00 0.38 6.95
C GLN E 114 41.78 -0.94 7.06
N VAL E 115 41.06 -2.05 6.84
CA VAL E 115 41.58 -3.40 6.98
C VAL E 115 42.65 -3.66 5.92
N VAL E 116 42.31 -3.41 4.65
CA VAL E 116 43.25 -3.57 3.55
C VAL E 116 44.49 -2.72 3.84
N ARG E 117 44.26 -1.45 4.17
CA ARG E 117 45.35 -0.53 4.45
C ARG E 117 46.32 -1.12 5.47
N SER E 118 45.77 -1.90 6.40
CA SER E 118 46.51 -2.39 7.55
C SER E 118 47.25 -3.69 7.21
N LEU E 119 46.95 -4.27 6.05
CA LEU E 119 47.47 -5.58 5.70
C LEU E 119 48.54 -5.47 4.62
N VAL E 120 48.49 -4.39 3.84
CA VAL E 120 49.29 -4.26 2.63
C VAL E 120 50.14 -3.00 2.75
N LYS E 121 51.44 -3.12 2.45
CA LYS E 121 52.33 -1.97 2.38
C LYS E 121 51.85 -1.05 1.25
N PRO E 122 51.83 0.29 1.44
CA PRO E 122 51.17 1.18 0.48
C PRO E 122 51.79 1.16 -0.91
N GLU E 123 53.10 0.91 -0.98
CA GLU E 123 53.77 0.75 -2.26
C GLU E 123 53.13 -0.42 -3.03
N ASN E 124 52.46 -1.32 -2.29
CA ASN E 124 51.98 -2.58 -2.83
C ASN E 124 50.48 -2.52 -3.15
N TYR E 125 49.87 -1.34 -2.96
CA TYR E 125 48.44 -1.23 -3.18
C TYR E 125 48.10 -1.67 -4.60
N ARG E 126 48.89 -1.21 -5.58
CA ARG E 126 48.55 -1.38 -6.98
C ARG E 126 48.76 -2.80 -7.47
N ARG E 127 49.30 -3.67 -6.59
CA ARG E 127 49.46 -5.08 -6.89
C ARG E 127 48.14 -5.80 -6.64
N LEU E 128 47.26 -5.18 -5.85
CA LEU E 128 45.97 -5.75 -5.48
C LEU E 128 45.08 -5.92 -6.71
N ASP E 129 44.38 -7.04 -6.78
CA ASP E 129 43.59 -7.41 -7.94
C ASP E 129 42.19 -6.79 -7.84
N ILE E 130 42.13 -5.45 -7.95
CA ILE E 130 40.86 -4.78 -7.78
C ILE E 130 40.74 -3.66 -8.83
N VAL E 131 39.48 -3.37 -9.17
CA VAL E 131 39.13 -2.28 -10.07
C VAL E 131 39.99 -1.06 -9.73
N ARG E 132 40.44 -0.37 -10.79
CA ARG E 132 41.42 0.71 -10.75
C ARG E 132 41.06 1.81 -9.75
N SER E 133 39.76 2.16 -9.66
CA SER E 133 39.30 3.31 -8.89
C SER E 133 39.64 3.17 -7.40
N LEU E 134 39.67 1.92 -6.93
CA LEU E 134 39.81 1.61 -5.51
C LEU E 134 41.25 1.85 -5.04
N TYR E 135 42.21 1.92 -5.98
CA TYR E 135 43.60 2.19 -5.66
C TYR E 135 43.73 3.62 -5.12
N GLU E 136 43.16 4.59 -5.85
CA GLU E 136 43.16 5.98 -5.41
C GLU E 136 42.56 6.04 -4.02
N ASP E 137 41.55 5.20 -3.77
CA ASP E 137 40.77 5.19 -2.55
C ASP E 137 41.61 4.69 -1.38
N LEU E 138 42.50 3.71 -1.62
CA LEU E 138 43.40 3.21 -0.60
C LEU E 138 44.46 4.26 -0.28
N GLU E 139 44.77 5.10 -1.27
CA GLU E 139 45.87 6.07 -1.20
C GLU E 139 45.45 7.30 -0.40
N ASP E 140 44.14 7.57 -0.37
CA ASP E 140 43.56 8.69 0.36
C ASP E 140 43.52 8.35 1.85
N HIS E 141 44.70 8.21 2.47
CA HIS E 141 44.84 7.84 3.87
C HIS E 141 44.18 8.90 4.74
N PRO E 142 43.52 8.53 5.88
CA PRO E 142 42.81 9.50 6.72
C PRO E 142 43.71 10.62 7.23
N ASN E 143 43.14 11.82 7.32
CA ASN E 143 43.91 13.03 7.57
C ASN E 143 43.06 14.03 8.34
N VAL E 144 43.68 14.67 9.34
CA VAL E 144 43.04 15.70 10.14
C VAL E 144 42.81 16.95 9.29
N GLN E 145 43.89 17.49 8.70
CA GLN E 145 43.82 18.69 7.87
C GLN E 145 42.70 18.55 6.84
N LYS E 146 42.60 17.36 6.23
CA LYS E 146 41.50 17.03 5.34
C LYS E 146 40.19 17.31 6.05
N ASP E 147 39.94 16.56 7.12
CA ASP E 147 38.67 16.55 7.84
C ASP E 147 38.25 17.95 8.25
N LEU E 148 39.24 18.81 8.56
CA LEU E 148 38.96 20.16 9.01
C LEU E 148 38.41 21.00 7.86
N GLU E 149 39.01 20.87 6.67
CA GLU E 149 38.53 21.60 5.51
C GLU E 149 37.05 21.29 5.29
N ARG E 150 36.68 20.03 5.53
CA ARG E 150 35.31 19.58 5.39
C ARG E 150 34.45 20.15 6.52
N LEU E 151 34.86 19.90 7.77
CA LEU E 151 34.10 20.30 8.95
C LEU E 151 33.87 21.80 8.97
N THR E 152 34.80 22.54 8.34
CA THR E 152 34.66 23.96 8.15
C THR E 152 33.54 24.20 7.13
N GLN E 153 33.66 23.52 5.98
CA GLN E 153 32.78 23.70 4.84
C GLN E 153 31.33 23.37 5.22
N GLU E 154 31.17 22.69 6.36
CA GLU E 154 29.85 22.32 6.85
C GLU E 154 29.27 23.47 7.68
N ARG E 155 30.03 23.92 8.69
CA ARG E 155 29.60 25.00 9.55
C ARG E 155 29.57 26.31 8.77
N ILE E 156 30.33 26.34 7.66
CA ILE E 156 30.40 27.48 6.76
C ILE E 156 29.05 27.63 6.06
N ALA E 157 28.37 26.50 5.83
CA ALA E 157 27.07 26.49 5.17
C ALA E 157 25.94 26.75 6.16
N HIS E 158 26.05 26.16 7.36
CA HIS E 158 25.04 26.31 8.40
C HIS E 158 25.32 27.57 9.21
N MET F 1 8.74 -4.74 6.70
CA MET F 1 8.79 -5.45 5.43
C MET F 1 10.22 -5.98 5.27
N TYR F 2 10.34 -7.13 4.61
CA TYR F 2 11.64 -7.72 4.33
C TYR F 2 11.97 -7.58 2.84
N VAL F 3 13.25 -7.74 2.51
CA VAL F 3 13.68 -7.80 1.13
C VAL F 3 14.35 -9.16 0.90
N LYS F 4 14.68 -9.45 -0.34
CA LYS F 4 15.42 -10.66 -0.67
C LYS F 4 16.61 -10.25 -1.51
N LEU F 5 17.82 -10.48 -0.99
CA LEU F 5 19.03 -10.22 -1.75
C LEU F 5 19.69 -11.56 -2.08
N ILE F 6 20.06 -11.71 -3.36
CA ILE F 6 20.43 -13.00 -3.92
C ILE F 6 21.85 -12.95 -4.49
N SER F 7 22.68 -13.87 -3.99
CA SER F 7 24.10 -13.91 -4.28
C SER F 7 24.32 -14.49 -5.68
N SER F 8 25.53 -14.23 -6.21
CA SER F 8 25.96 -14.83 -7.46
C SER F 8 25.69 -16.33 -7.39
N ASP F 9 26.16 -16.97 -6.31
CA ASP F 9 26.13 -18.42 -6.21
C ASP F 9 24.71 -18.86 -5.88
N GLY F 10 23.83 -17.89 -5.65
CA GLY F 10 22.41 -18.19 -5.62
C GLY F 10 21.92 -18.51 -4.21
N HIS F 11 22.35 -17.71 -3.24
CA HIS F 11 21.91 -17.81 -1.87
C HIS F 11 20.94 -16.69 -1.59
N GLU F 12 19.79 -17.05 -1.03
CA GLU F 12 18.74 -16.09 -0.71
C GLU F 12 18.96 -15.53 0.70
N PHE F 13 19.01 -14.19 0.78
CA PHE F 13 19.28 -13.48 2.03
C PHE F 13 18.12 -12.56 2.39
N ILE F 14 17.19 -13.09 3.20
CA ILE F 14 16.02 -12.34 3.65
C ILE F 14 16.44 -11.40 4.77
N VAL F 15 16.47 -10.10 4.47
CA VAL F 15 16.84 -9.09 5.46
C VAL F 15 15.72 -8.04 5.52
N LYS F 16 15.67 -7.33 6.67
CA LYS F 16 14.75 -6.23 6.91
C LYS F 16 15.01 -5.10 5.91
N ARG F 17 13.93 -4.52 5.37
CA ARG F 17 14.05 -3.53 4.30
C ARG F 17 14.90 -2.35 4.77
N GLU F 18 14.55 -1.79 5.94
CA GLU F 18 15.23 -0.63 6.49
C GLU F 18 16.74 -0.86 6.51
N HIS F 19 17.16 -2.08 6.90
CA HIS F 19 18.57 -2.48 6.99
C HIS F 19 19.23 -2.41 5.62
N ALA F 20 18.50 -2.91 4.61
CA ALA F 20 18.98 -2.98 3.25
C ALA F 20 19.23 -1.57 2.71
N LEU F 21 18.33 -0.64 3.06
CA LEU F 21 18.34 0.69 2.49
C LEU F 21 19.62 1.44 2.86
N THR F 22 20.43 0.82 3.74
CA THR F 22 21.75 1.33 4.08
C THR F 22 22.62 1.41 2.84
N SER F 23 22.42 0.47 1.90
CA SER F 23 23.11 0.48 0.62
C SER F 23 22.45 1.47 -0.31
N GLY F 24 23.27 2.35 -0.89
CA GLY F 24 22.78 3.30 -1.87
C GLY F 24 22.29 2.58 -3.12
N THR F 25 23.19 1.75 -3.65
CA THR F 25 22.97 0.99 -4.87
C THR F 25 21.65 0.23 -4.80
N ILE F 26 21.30 -0.27 -3.60
CA ILE F 26 20.08 -1.05 -3.44
C ILE F 26 18.87 -0.11 -3.42
N LYS F 27 19.00 1.02 -2.72
CA LYS F 27 17.95 2.02 -2.61
C LYS F 27 17.52 2.45 -4.01
N ALA F 28 18.49 2.58 -4.92
CA ALA F 28 18.26 2.92 -6.31
C ALA F 28 17.55 1.76 -7.02
N MET F 29 18.03 0.53 -6.77
CA MET F 29 17.49 -0.69 -7.34
C MET F 29 16.08 -0.95 -6.81
N LEU F 30 15.66 -0.13 -5.82
CA LEU F 30 14.29 -0.13 -5.34
C LEU F 30 13.74 1.30 -5.42
N SER F 31 13.71 1.84 -6.64
CA SER F 31 13.33 3.23 -6.86
C SER F 31 12.09 3.30 -7.77
N ASN F 42 9.96 -7.33 -2.23
CA ASN F 42 10.74 -7.09 -3.49
C ASN F 42 11.81 -8.17 -3.61
N GLU F 43 13.00 -7.78 -4.10
CA GLU F 43 14.04 -8.73 -4.50
C GLU F 43 15.13 -7.99 -5.24
N VAL F 44 16.39 -8.34 -4.95
CA VAL F 44 17.52 -7.85 -5.72
C VAL F 44 18.47 -9.01 -5.97
N ASN F 45 18.93 -9.10 -7.22
CA ASN F 45 19.89 -10.10 -7.65
C ASN F 45 21.24 -9.42 -7.83
N PHE F 46 22.28 -10.02 -7.26
CA PHE F 46 23.65 -9.58 -7.46
C PHE F 46 24.42 -10.71 -8.14
N ARG F 47 24.73 -10.51 -9.43
CA ARG F 47 25.20 -11.55 -10.31
C ARG F 47 26.72 -11.68 -10.25
N GLU F 48 27.34 -10.99 -9.29
CA GLU F 48 28.79 -10.86 -9.23
C GLU F 48 29.28 -10.78 -7.78
N ILE F 49 28.34 -10.91 -6.82
CA ILE F 49 28.67 -11.03 -5.41
C ILE F 49 28.48 -12.48 -4.97
N PRO F 50 29.54 -13.14 -4.45
CA PRO F 50 29.42 -14.49 -3.90
C PRO F 50 28.75 -14.47 -2.52
N SER F 51 28.06 -15.57 -2.17
CA SER F 51 27.30 -15.61 -0.94
C SER F 51 28.17 -15.22 0.26
N HIS F 52 29.34 -15.85 0.39
CA HIS F 52 30.24 -15.56 1.50
C HIS F 52 30.38 -14.06 1.69
N VAL F 53 30.37 -13.30 0.58
CA VAL F 53 30.43 -11.86 0.69
C VAL F 53 29.06 -11.31 1.11
N LEU F 54 28.02 -11.64 0.33
CA LEU F 54 26.70 -11.06 0.54
C LEU F 54 26.31 -11.21 2.01
N SER F 55 26.68 -12.34 2.60
CA SER F 55 26.43 -12.62 4.00
C SER F 55 27.03 -11.53 4.89
N LYS F 56 28.31 -11.19 4.66
CA LYS F 56 29.03 -10.25 5.50
C LYS F 56 28.43 -8.85 5.36
N VAL F 57 28.09 -8.50 4.11
CA VAL F 57 27.54 -7.20 3.80
C VAL F 57 26.20 -7.07 4.52
N CYS F 58 25.53 -8.21 4.74
CA CYS F 58 24.31 -8.22 5.54
C CYS F 58 24.59 -7.81 6.99
N MET F 59 25.44 -8.59 7.69
CA MET F 59 25.79 -8.25 9.06
C MET F 59 26.08 -6.76 9.19
N TYR F 60 26.78 -6.20 8.19
CA TYR F 60 27.02 -4.77 8.25
C TYR F 60 25.70 -4.02 8.32
N PHE F 61 24.71 -4.41 7.50
CA PHE F 61 23.40 -3.79 7.58
C PHE F 61 22.78 -4.02 8.95
N THR F 62 23.15 -5.10 9.66
CA THR F 62 22.69 -5.27 11.02
C THR F 62 23.43 -4.28 11.92
N TYR F 63 24.76 -4.25 11.76
CA TYR F 63 25.65 -3.51 12.62
C TYR F 63 25.38 -2.00 12.51
N LYS F 64 25.38 -1.48 11.27
CA LYS F 64 25.21 -0.05 11.01
C LYS F 64 23.90 0.43 11.62
N VAL F 65 22.85 -0.40 11.50
CA VAL F 65 21.51 -0.04 11.95
C VAL F 65 21.49 0.10 13.47
N ARG F 66 22.23 -0.79 14.17
CA ARG F 66 22.12 -0.90 15.60
C ARG F 66 23.27 -0.17 16.30
N TYR F 67 23.93 0.76 15.59
CA TYR F 67 25.06 1.44 16.23
C TYR F 67 25.16 2.90 15.83
N THR F 68 24.55 3.29 14.71
CA THR F 68 24.52 4.70 14.34
C THR F 68 23.54 5.39 15.27
N ASN F 69 23.95 6.53 15.84
CA ASN F 69 23.19 7.15 16.91
C ASN F 69 23.11 6.16 18.07
N SER F 70 24.25 5.97 18.74
CA SER F 70 24.34 5.05 19.86
C SER F 70 25.31 5.63 20.88
N SER F 71 24.77 5.87 22.08
CA SER F 71 25.44 6.56 23.16
C SER F 71 26.51 5.67 23.80
N THR F 72 26.23 4.36 23.81
CA THR F 72 27.14 3.32 24.28
C THR F 72 28.40 3.29 23.41
N GLU F 73 29.46 2.64 23.92
CA GLU F 73 30.61 2.30 23.12
C GLU F 73 30.20 1.36 21.99
N ILE F 74 30.85 1.48 20.83
CA ILE F 74 30.52 0.71 19.64
C ILE F 74 31.67 -0.26 19.34
N PRO F 75 31.38 -1.56 19.10
CA PRO F 75 32.41 -2.55 18.81
C PRO F 75 32.98 -2.41 17.40
N GLU F 76 34.25 -2.81 17.24
CA GLU F 76 34.94 -2.83 15.96
C GLU F 76 34.17 -3.73 15.00
N PHE F 77 34.13 -3.38 13.70
CA PHE F 77 33.54 -4.26 12.69
C PHE F 77 34.61 -5.16 12.07
N PRO F 78 34.55 -6.48 12.34
CA PRO F 78 35.67 -7.37 12.09
C PRO F 78 35.70 -7.90 10.66
N ILE F 79 36.82 -7.70 9.97
CA ILE F 79 36.97 -8.25 8.64
C ILE F 79 38.22 -9.12 8.59
N ALA F 80 38.04 -10.39 8.23
CA ALA F 80 39.15 -11.32 8.12
C ALA F 80 39.96 -11.03 6.87
N PRO F 81 41.29 -11.20 6.88
CA PRO F 81 42.14 -10.78 5.76
C PRO F 81 41.70 -11.29 4.39
N GLU F 82 41.06 -12.47 4.36
CA GLU F 82 40.75 -13.15 3.11
C GLU F 82 39.57 -12.51 2.40
N ILE F 83 38.48 -12.29 3.14
CA ILE F 83 37.27 -11.72 2.57
C ILE F 83 37.39 -10.20 2.48
N ALA F 84 38.56 -9.66 2.82
CA ALA F 84 38.75 -8.21 2.83
C ALA F 84 38.64 -7.65 1.41
N LEU F 85 39.34 -8.29 0.47
CA LEU F 85 39.42 -7.73 -0.87
C LEU F 85 38.04 -7.78 -1.53
N GLU F 86 37.44 -8.98 -1.53
CA GLU F 86 36.15 -9.23 -2.16
C GLU F 86 35.09 -8.30 -1.54
N LEU F 87 35.19 -8.07 -0.23
CA LEU F 87 34.25 -7.23 0.47
C LEU F 87 34.46 -5.78 0.04
N LEU F 88 35.73 -5.35 -0.05
CA LEU F 88 36.03 -3.97 -0.40
C LEU F 88 35.27 -3.59 -1.66
N MET F 89 35.36 -4.48 -2.66
CA MET F 89 34.66 -4.25 -3.92
C MET F 89 33.16 -4.22 -3.68
N ALA F 90 32.63 -5.31 -3.13
CA ALA F 90 31.21 -5.40 -2.85
C ALA F 90 30.69 -4.12 -2.18
N ALA F 91 31.46 -3.59 -1.22
CA ALA F 91 31.02 -2.43 -0.45
C ALA F 91 31.12 -1.17 -1.30
N ASN F 92 32.07 -1.19 -2.24
CA ASN F 92 32.26 -0.10 -3.20
C ASN F 92 31.03 -0.02 -4.10
N PHE F 93 30.73 -1.13 -4.79
CA PHE F 93 29.58 -1.22 -5.66
C PHE F 93 28.35 -0.73 -4.91
N LEU F 94 28.03 -1.40 -3.80
CA LEU F 94 26.79 -1.18 -3.10
C LEU F 94 26.73 0.24 -2.53
N ASP F 95 27.91 0.81 -2.21
CA ASP F 95 28.02 2.16 -1.67
C ASP F 95 27.27 2.26 -0.34
N CYS F 96 27.88 1.72 0.73
CA CYS F 96 27.26 1.69 2.04
C CYS F 96 28.31 1.46 3.13
N MET G 1 20.80 -9.30 26.26
CA MET G 1 19.68 -8.32 26.22
C MET G 1 18.98 -8.38 24.87
N ASP G 2 19.78 -8.35 23.80
CA ASP G 2 19.28 -8.52 22.44
C ASP G 2 20.22 -9.46 21.70
N VAL G 3 19.65 -10.46 21.01
CA VAL G 3 20.47 -11.43 20.29
C VAL G 3 20.24 -11.33 18.79
N PHE G 4 21.31 -11.67 18.05
CA PHE G 4 21.39 -11.41 16.63
C PHE G 4 21.62 -12.69 15.85
N LEU G 5 20.72 -12.97 14.91
CA LEU G 5 20.57 -14.33 14.41
C LEU G 5 20.64 -14.37 12.89
N MET G 6 20.77 -15.60 12.42
CA MET G 6 20.89 -15.98 11.02
C MET G 6 20.18 -17.32 10.89
N ILE G 7 18.84 -17.28 10.78
CA ILE G 7 18.06 -18.50 10.75
C ILE G 7 18.17 -19.07 9.35
N ARG G 8 18.64 -20.33 9.24
CA ARG G 8 19.10 -20.88 7.98
C ARG G 8 18.49 -22.25 7.66
N ARG G 9 18.28 -22.47 6.35
CA ARG G 9 17.78 -23.69 5.76
C ARG G 9 18.14 -23.71 4.27
N HIS G 10 18.77 -24.80 3.81
CA HIS G 10 19.25 -24.93 2.45
C HIS G 10 20.08 -23.70 2.06
N LYS G 11 19.61 -22.93 1.06
CA LYS G 11 20.28 -21.73 0.60
C LYS G 11 19.48 -20.50 1.01
N THR G 12 18.92 -20.53 2.22
CA THR G 12 18.08 -19.45 2.71
C THR G 12 18.55 -19.01 4.08
N THR G 13 18.59 -17.69 4.27
CA THR G 13 19.18 -17.08 5.46
C THR G 13 18.39 -15.84 5.85
N ILE G 14 17.71 -15.92 6.99
CA ILE G 14 16.96 -14.78 7.50
C ILE G 14 17.85 -14.07 8.52
N PHE G 15 17.85 -12.73 8.44
CA PHE G 15 18.64 -11.92 9.35
C PHE G 15 17.71 -11.23 10.32
N THR G 16 17.57 -11.82 11.51
CA THR G 16 16.62 -11.30 12.46
C THR G 16 17.30 -11.16 13.81
N ASP G 17 16.68 -10.35 14.68
CA ASP G 17 17.05 -10.28 16.08
C ASP G 17 15.84 -10.68 16.92
N ALA G 18 16.14 -11.12 18.13
CA ALA G 18 15.11 -11.34 19.13
C ALA G 18 15.71 -10.94 20.47
N LYS G 19 14.88 -10.96 21.51
CA LYS G 19 15.37 -10.74 22.87
C LYS G 19 15.88 -12.05 23.43
N GLU G 20 16.85 -11.94 24.34
CA GLU G 20 17.47 -13.09 24.96
C GLU G 20 16.42 -13.87 25.74
N SER G 21 15.46 -13.12 26.31
CA SER G 21 14.39 -13.64 27.15
C SER G 21 13.30 -14.35 26.34
N SER G 22 13.19 -14.04 25.04
CA SER G 22 12.18 -14.62 24.18
C SER G 22 12.44 -16.11 23.94
N THR G 23 11.38 -16.82 23.56
CA THR G 23 11.39 -18.27 23.44
C THR G 23 11.52 -18.69 21.97
N VAL G 24 11.65 -20.00 21.76
CA VAL G 24 11.90 -20.58 20.44
C VAL G 24 10.63 -20.46 19.60
N PHE G 25 9.49 -20.71 20.25
CA PHE G 25 8.21 -20.67 19.59
C PHE G 25 7.91 -19.25 19.11
N GLU G 26 8.44 -18.27 19.86
CA GLU G 26 8.30 -16.87 19.50
C GLU G 26 9.14 -16.61 18.25
N LEU G 27 10.35 -17.18 18.24
CA LEU G 27 11.21 -17.12 17.08
C LEU G 27 10.58 -17.90 15.95
N LYS G 28 9.87 -18.98 16.30
CA LYS G 28 9.23 -19.84 15.32
C LYS G 28 8.09 -19.06 14.66
N ARG G 29 7.54 -18.09 15.40
CA ARG G 29 6.51 -17.20 14.88
C ARG G 29 7.16 -16.22 13.90
N ILE G 30 8.26 -15.58 14.34
CA ILE G 30 9.02 -14.71 13.46
C ILE G 30 9.23 -15.41 12.12
N VAL G 31 9.60 -16.69 12.19
CA VAL G 31 10.00 -17.42 11.00
C VAL G 31 8.79 -17.57 10.08
N GLU G 32 7.63 -17.75 10.72
CA GLU G 32 6.36 -17.94 10.02
C GLU G 32 6.00 -16.66 9.27
N GLY G 33 6.34 -15.52 9.87
CA GLY G 33 6.01 -14.21 9.33
C GLY G 33 6.71 -13.95 7.99
N ILE G 34 7.73 -14.75 7.69
CA ILE G 34 8.52 -14.52 6.49
C ILE G 34 8.27 -15.65 5.51
N LEU G 35 8.59 -16.87 5.94
CA LEU G 35 8.63 -18.00 5.01
C LEU G 35 7.25 -18.66 4.91
N LYS G 36 6.28 -18.12 5.66
CA LYS G 36 4.88 -18.45 5.53
C LYS G 36 4.64 -19.93 5.82
N ARG G 37 5.27 -20.45 6.87
CA ARG G 37 5.10 -21.84 7.28
C ARG G 37 4.84 -21.91 8.78
N PRO G 38 3.91 -22.80 9.21
CA PRO G 38 3.40 -22.78 10.58
C PRO G 38 4.47 -23.17 11.59
N PRO G 39 4.37 -22.71 12.86
CA PRO G 39 5.35 -23.07 13.90
C PRO G 39 5.36 -24.57 14.13
N ASP G 40 4.27 -25.24 13.75
CA ASP G 40 4.15 -26.67 13.97
C ASP G 40 4.79 -27.44 12.82
N GLU G 41 5.35 -26.71 11.85
CA GLU G 41 6.01 -27.36 10.73
C GLU G 41 7.49 -26.98 10.72
N GLN G 42 7.98 -26.54 11.88
CA GLN G 42 9.34 -26.04 11.99
C GLN G 42 10.11 -26.87 13.00
N ARG G 43 11.41 -27.02 12.75
CA ARG G 43 12.37 -27.49 13.75
C ARG G 43 13.51 -26.49 13.79
N LEU G 44 13.78 -25.94 14.97
CA LEU G 44 14.92 -25.04 15.10
C LEU G 44 16.06 -25.77 15.80
N TYR G 45 17.29 -25.51 15.35
CA TYR G 45 18.47 -26.22 15.83
C TYR G 45 19.59 -25.23 16.13
N LYS G 46 20.13 -25.31 17.36
CA LYS G 46 21.48 -24.82 17.57
C LYS G 46 22.44 -25.97 17.30
N ASP G 47 23.29 -25.80 16.28
CA ASP G 47 24.14 -26.87 15.80
C ASP G 47 23.35 -28.17 15.67
N ASP G 48 23.74 -29.20 16.44
CA ASP G 48 23.17 -30.52 16.31
C ASP G 48 21.84 -30.61 17.04
N GLN G 49 21.56 -29.62 17.89
CA GLN G 49 20.57 -29.80 18.95
C GLN G 49 19.27 -29.08 18.61
N LEU G 50 18.17 -29.86 18.63
CA LEU G 50 16.81 -29.37 18.48
C LEU G 50 16.43 -28.48 19.67
N LEU G 51 16.21 -27.19 19.39
CA LEU G 51 15.79 -26.25 20.42
C LEU G 51 14.32 -26.50 20.77
N ASP G 52 14.04 -26.59 22.07
CA ASP G 52 12.71 -26.92 22.55
C ASP G 52 11.83 -25.68 22.58
N ASP G 53 10.60 -25.83 22.08
CA ASP G 53 9.70 -24.71 21.84
C ASP G 53 9.72 -23.74 23.01
N GLY G 54 9.62 -24.29 24.22
CA GLY G 54 9.36 -23.49 25.40
C GLY G 54 10.63 -22.98 26.08
N LYS G 55 11.76 -23.01 25.37
CA LYS G 55 13.01 -22.54 25.93
C LYS G 55 13.30 -21.12 25.45
N THR G 56 14.00 -20.36 26.29
CA THR G 56 14.44 -19.02 25.93
C THR G 56 15.75 -19.14 25.17
N LEU G 57 15.90 -18.32 24.12
CA LEU G 57 17.07 -18.33 23.28
C LEU G 57 18.33 -18.26 24.12
N GLY G 58 18.23 -17.55 25.26
CA GLY G 58 19.27 -17.51 26.27
C GLY G 58 19.58 -18.90 26.82
N GLU G 59 18.53 -19.59 27.30
CA GLU G 59 18.64 -20.91 27.88
C GLU G 59 19.20 -21.89 26.85
N CYS G 60 19.37 -21.43 25.61
CA CYS G 60 19.80 -22.28 24.51
C CYS G 60 21.27 -22.02 24.18
N GLY G 61 21.84 -20.96 24.76
CA GLY G 61 23.24 -20.64 24.52
C GLY G 61 23.37 -19.52 23.50
N PHE G 62 22.35 -18.65 23.47
CA PHE G 62 22.38 -17.49 22.61
C PHE G 62 22.45 -16.25 23.49
N THR G 63 23.67 -15.95 23.95
CA THR G 63 23.93 -14.72 24.69
C THR G 63 24.18 -13.60 23.69
N SER G 64 23.99 -12.35 24.14
CA SER G 64 24.36 -11.18 23.35
C SER G 64 25.88 -11.07 23.26
N GLN G 65 26.58 -12.09 23.77
CA GLN G 65 28.02 -12.20 23.58
C GLN G 65 28.32 -13.17 22.43
N THR G 66 27.54 -14.25 22.33
CA THR G 66 27.77 -15.22 21.26
C THR G 66 26.99 -14.83 20.01
N ALA G 67 25.97 -13.98 20.16
CA ALA G 67 25.09 -13.64 19.04
C ALA G 67 25.08 -12.13 18.81
N ARG G 68 26.27 -11.58 18.54
CA ARG G 68 26.45 -10.15 18.27
C ARG G 68 25.91 -9.81 16.88
N PRO G 69 25.46 -8.56 16.62
CA PRO G 69 24.92 -8.20 15.30
C PRO G 69 25.91 -8.37 14.14
N GLN G 70 27.17 -7.96 14.33
CA GLN G 70 28.21 -8.04 13.33
C GLN G 70 28.85 -9.43 13.27
N ALA G 71 28.38 -10.37 14.11
CA ALA G 71 28.82 -11.75 14.02
C ALA G 71 27.69 -12.71 14.43
N PRO G 72 26.55 -12.74 13.70
CA PRO G 72 25.32 -13.37 14.21
C PRO G 72 25.42 -14.86 14.50
N ALA G 73 24.41 -15.36 15.23
CA ALA G 73 24.30 -16.76 15.58
C ALA G 73 23.32 -17.43 14.63
N THR G 74 23.70 -18.62 14.13
CA THR G 74 22.98 -19.31 13.09
C THR G 74 22.05 -20.34 13.69
N VAL G 75 20.74 -20.19 13.43
CA VAL G 75 19.74 -21.17 13.84
C VAL G 75 19.39 -22.04 12.63
N GLY G 76 19.55 -23.36 12.79
CA GLY G 76 19.16 -24.31 11.76
C GLY G 76 17.64 -24.41 11.69
N LEU G 77 17.12 -24.67 10.49
CA LEU G 77 15.69 -24.70 10.25
C LEU G 77 15.34 -25.90 9.37
N ALA G 78 14.49 -26.78 9.91
CA ALA G 78 13.93 -27.88 9.13
C ALA G 78 12.43 -27.69 8.99
N PHE G 79 11.89 -28.14 7.86
CA PHE G 79 10.46 -28.08 7.63
C PHE G 79 9.85 -29.48 7.71
N ARG G 80 8.52 -29.52 7.79
CA ARG G 80 7.77 -30.76 7.69
C ARG G 80 7.14 -30.80 6.31
N ALA G 81 7.88 -31.40 5.38
CA ALA G 81 7.37 -31.74 4.06
C ALA G 81 6.20 -32.70 4.25
N ASP G 82 4.99 -32.15 4.20
CA ASP G 82 3.75 -32.90 4.33
C ASP G 82 3.77 -33.72 5.62
N ASP G 83 4.15 -34.99 5.50
CA ASP G 83 4.03 -35.95 6.59
C ASP G 83 5.15 -35.78 7.62
N THR G 84 6.40 -36.07 7.22
CA THR G 84 7.55 -36.04 8.12
C THR G 84 8.52 -34.92 7.73
N PHE G 85 9.51 -34.72 8.59
CA PHE G 85 10.50 -33.67 8.44
C PHE G 85 11.60 -34.11 7.48
N GLU G 86 12.08 -33.12 6.71
CA GLU G 86 13.32 -33.22 5.98
C GLU G 86 14.43 -33.20 7.02
N ALA G 87 15.59 -33.76 6.67
CA ALA G 87 16.75 -33.67 7.54
C ALA G 87 17.27 -32.24 7.46
N LEU G 88 17.96 -31.82 8.51
CA LEU G 88 18.50 -30.46 8.57
C LEU G 88 19.63 -30.36 7.54
N CYS G 89 19.40 -29.53 6.52
CA CYS G 89 20.43 -29.36 5.51
C CYS G 89 20.66 -27.87 5.30
N ILE G 90 21.93 -27.45 5.45
CA ILE G 90 22.30 -26.06 5.30
C ILE G 90 23.42 -25.95 4.26
N GLU G 91 23.03 -25.57 3.05
CA GLU G 91 23.95 -25.37 1.93
C GLU G 91 24.99 -24.34 2.34
N PRO G 92 26.30 -24.70 2.45
CA PRO G 92 27.33 -23.74 2.84
C PRO G 92 27.51 -22.64 1.82
N PHE G 93 27.99 -21.48 2.29
CA PHE G 93 28.31 -20.33 1.46
C PHE G 93 29.50 -20.65 0.55
N SER G 94 29.87 -19.65 -0.26
CA SER G 94 30.96 -19.74 -1.20
C SER G 94 32.28 -19.70 -0.45
N SER G 95 33.39 -19.99 -1.16
CA SER G 95 34.72 -19.91 -0.59
C SER G 95 35.51 -18.75 -1.20
N PRO G 96 36.30 -18.03 -0.37
CA PRO G 96 37.15 -16.94 -0.88
C PRO G 96 38.41 -17.44 -1.55
N PRO G 97 38.99 -16.68 -2.51
CA PRO G 97 40.29 -16.99 -3.10
C PRO G 97 41.35 -17.19 -2.03
N GLU G 98 42.40 -17.94 -2.39
CA GLU G 98 43.61 -18.03 -1.58
C GLU G 98 44.12 -16.63 -1.30
N LEU G 99 44.57 -16.40 -0.05
CA LEU G 99 45.05 -15.09 0.35
C LEU G 99 46.19 -14.67 -0.58
N PRO G 100 46.08 -13.53 -1.29
CA PRO G 100 47.16 -13.03 -2.14
C PRO G 100 48.50 -12.88 -1.44
N ASP G 101 49.58 -13.04 -2.20
CA ASP G 101 50.94 -12.86 -1.72
C ASP G 101 51.03 -11.60 -0.87
N VAL G 102 50.53 -10.50 -1.43
CA VAL G 102 50.78 -9.16 -0.94
C VAL G 102 50.04 -8.93 0.39
N MET G 103 48.98 -9.71 0.64
CA MET G 103 48.09 -9.55 1.78
C MET G 103 48.62 -10.33 2.99
N LYS G 104 49.60 -11.21 2.77
CA LYS G 104 50.26 -11.96 3.83
C LYS G 104 51.38 -11.11 4.43
N PRO G 105 51.85 -11.41 5.65
CA PRO G 105 53.13 -10.90 6.15
C PRO G 105 54.30 -11.74 5.62
N THR H 3 75.32 41.95 40.16
CA THR H 3 74.45 41.16 39.23
C THR H 3 72.98 41.45 39.52
N GLU H 4 72.11 41.08 38.57
CA GLU H 4 70.72 41.49 38.59
C GLU H 4 69.85 40.24 38.66
N TYR H 5 68.66 40.40 39.27
CA TYR H 5 67.70 39.31 39.41
C TYR H 5 66.32 39.79 38.94
N LYS H 6 65.68 38.98 38.09
CA LYS H 6 64.41 39.34 37.47
C LYS H 6 63.29 38.54 38.14
N LEU H 7 62.54 39.24 39.00
CA LEU H 7 61.48 38.65 39.79
C LEU H 7 60.13 38.96 39.13
N VAL H 8 59.26 37.95 39.10
CA VAL H 8 57.88 38.14 38.65
C VAL H 8 56.93 37.84 39.79
N VAL H 9 56.04 38.80 40.07
CA VAL H 9 55.01 38.67 41.08
C VAL H 9 53.71 38.28 40.38
N VAL H 10 53.17 37.12 40.72
CA VAL H 10 51.91 36.67 40.16
C VAL H 10 50.94 36.37 41.30
N GLY H 11 49.64 36.40 40.97
CA GLY H 11 48.61 36.12 41.96
C GLY H 11 47.27 36.73 41.55
N ALA H 12 46.21 36.32 42.26
CA ALA H 12 44.84 36.74 41.96
C ALA H 12 44.65 38.20 42.31
N ASP H 13 43.73 38.86 41.59
CA ASP H 13 43.44 40.28 41.78
C ASP H 13 43.14 40.54 43.25
N GLY H 14 43.91 41.48 43.84
CA GLY H 14 43.64 42.00 45.17
C GLY H 14 44.34 41.25 46.30
N VAL H 15 45.28 40.35 45.94
CA VAL H 15 46.05 39.64 46.95
C VAL H 15 47.05 40.59 47.58
N GLY H 16 47.52 41.55 46.76
CA GLY H 16 48.52 42.49 47.20
C GLY H 16 49.87 42.19 46.58
N LYS H 17 49.90 42.11 45.24
CA LYS H 17 51.15 41.99 44.51
C LYS H 17 51.79 43.36 44.43
N SER H 18 50.98 44.37 44.10
CA SER H 18 51.41 45.74 43.96
C SER H 18 51.70 46.36 45.33
N ALA H 19 51.15 45.75 46.39
CA ALA H 19 51.35 46.22 47.75
C ALA H 19 52.72 45.77 48.28
N LEU H 20 53.04 44.49 48.10
CA LEU H 20 54.32 43.94 48.51
C LEU H 20 55.44 44.55 47.66
N THR H 21 55.08 45.01 46.45
CA THR H 21 56.04 45.57 45.53
C THR H 21 56.44 46.97 45.99
N ILE H 22 55.42 47.80 46.30
CA ILE H 22 55.62 49.18 46.73
C ILE H 22 56.34 49.21 48.08
N GLN H 23 56.05 48.21 48.93
CA GLN H 23 56.56 48.14 50.29
C GLN H 23 58.06 47.88 50.29
N LEU H 24 58.53 47.10 49.31
CA LEU H 24 59.93 46.70 49.24
C LEU H 24 60.80 47.87 48.78
N ILE H 25 60.37 48.57 47.72
CA ILE H 25 61.23 49.52 47.03
C ILE H 25 61.00 50.95 47.53
N GLN H 26 59.76 51.27 47.95
CA GLN H 26 59.41 52.64 48.31
C GLN H 26 59.30 52.79 49.83
N ASN H 27 58.65 51.82 50.50
CA ASN H 27 58.57 51.73 51.95
C ASN H 27 57.26 52.31 52.48
N HIS H 28 56.13 51.89 51.88
CA HIS H 28 54.82 52.25 52.39
C HIS H 28 53.77 51.24 51.90
N PHE H 29 52.75 51.04 52.74
CA PHE H 29 51.58 50.25 52.38
C PHE H 29 50.60 51.13 51.64
N VAL H 30 50.48 50.91 50.32
CA VAL H 30 49.65 51.75 49.47
C VAL H 30 48.18 51.35 49.67
N ASP H 31 47.35 52.36 49.94
CA ASP H 31 45.99 52.14 50.44
C ASP H 31 45.06 51.76 49.28
N GLU H 32 45.15 52.50 48.17
CA GLU H 32 44.48 52.13 46.94
C GLU H 32 45.42 52.37 45.76
N TYR H 33 46.21 51.37 45.40
CA TYR H 33 46.93 51.45 44.15
C TYR H 33 46.16 50.70 43.06
N ASP H 34 46.26 51.22 41.84
CA ASP H 34 45.49 50.73 40.71
C ASP H 34 45.82 49.27 40.46
N PRO H 35 44.81 48.37 40.47
CA PRO H 35 45.00 46.98 40.07
C PRO H 35 44.91 46.86 38.55
N THR H 36 45.66 47.72 37.85
CA THR H 36 45.61 47.80 36.40
C THR H 36 46.99 48.06 35.80
N ILE H 37 47.95 48.50 36.63
CA ILE H 37 49.25 48.93 36.14
C ILE H 37 50.29 47.83 36.33
N GLU H 38 50.81 47.33 35.20
CA GLU H 38 51.78 46.25 35.17
C GLU H 38 53.18 46.84 35.01
N ASP H 39 53.69 47.44 36.09
CA ASP H 39 54.97 48.13 36.06
C ASP H 39 56.04 47.30 36.77
N SER H 40 57.26 47.37 36.24
CA SER H 40 58.42 46.74 36.84
C SER H 40 59.28 47.79 37.55
N TYR H 41 59.57 47.53 38.83
CA TYR H 41 60.32 48.44 39.69
C TYR H 41 61.75 47.93 39.80
N ARG H 42 62.62 48.73 40.44
CA ARG H 42 63.99 48.33 40.71
C ARG H 42 64.38 48.72 42.13
N LYS H 43 65.39 48.01 42.65
CA LYS H 43 65.96 48.27 43.96
C LYS H 43 67.26 47.49 44.07
N GLN H 44 68.32 48.20 44.48
CA GLN H 44 69.57 47.55 44.85
C GLN H 44 69.55 47.35 46.36
N VAL H 45 69.89 46.13 46.79
CA VAL H 45 69.88 45.79 48.20
C VAL H 45 70.95 44.75 48.46
N VAL H 46 71.18 44.48 49.76
CA VAL H 46 72.24 43.58 50.20
C VAL H 46 71.61 42.27 50.66
N ILE H 47 72.08 41.15 50.09
CA ILE H 47 71.58 39.83 50.39
C ILE H 47 72.77 38.88 50.63
N ASP H 48 72.77 38.23 51.80
CA ASP H 48 73.86 37.37 52.23
C ASP H 48 75.17 38.12 52.15
N GLY H 49 75.11 39.44 52.38
CA GLY H 49 76.26 40.32 52.28
C GLY H 49 76.78 40.45 50.85
N GLU H 50 75.85 40.33 49.88
CA GLU H 50 76.17 40.52 48.47
C GLU H 50 75.15 41.46 47.86
N THR H 51 75.65 42.57 47.29
CA THR H 51 74.83 43.62 46.70
C THR H 51 74.45 43.24 45.28
N CYS H 52 73.16 43.40 44.97
CA CYS H 52 72.60 43.06 43.66
C CYS H 52 71.42 43.98 43.35
N ASP H 55 64.93 43.29 39.90
CA ASP H 55 63.96 43.84 38.90
C ASP H 55 62.62 43.13 39.08
N ILE H 56 61.69 43.83 39.75
CA ILE H 56 60.43 43.26 40.19
C ILE H 56 59.34 43.60 39.18
N LEU H 57 58.90 42.59 38.43
CA LEU H 57 57.77 42.71 37.53
C LEU H 57 56.48 42.43 38.31
N ASP H 58 55.70 43.50 38.53
CA ASP H 58 54.40 43.41 39.16
C ASP H 58 53.34 43.18 38.07
N THR H 59 52.60 42.07 38.16
CA THR H 59 51.68 41.64 37.12
C THR H 59 50.29 42.23 37.34
N ALA H 60 49.57 42.42 36.22
CA ALA H 60 48.16 42.78 36.23
C ALA H 60 47.53 42.41 34.89
N GLY H 61 46.50 43.15 34.49
CA GLY H 61 45.74 42.85 33.29
C GLY H 61 44.56 41.93 33.58
N GLN H 62 44.11 41.22 32.54
CA GLN H 62 43.01 40.29 32.70
C GLN H 62 43.53 38.86 32.55
N GLU H 63 42.60 37.91 32.49
CA GLU H 63 42.92 36.50 32.60
C GLU H 63 43.17 35.90 31.22
N GLU H 64 43.09 36.74 30.17
CA GLU H 64 43.35 36.32 28.80
C GLU H 64 44.71 35.64 28.70
N TYR H 65 44.82 34.64 27.81
CA TYR H 65 46.11 34.04 27.49
C TYR H 65 46.72 34.75 26.28
N SER H 66 48.06 34.86 26.27
CA SER H 66 48.81 35.28 25.10
C SER H 66 50.21 34.71 25.14
N ALA H 67 50.77 34.43 23.95
CA ALA H 67 52.13 33.94 23.81
C ALA H 67 53.12 35.06 24.16
N MET H 68 52.64 36.30 24.02
CA MET H 68 53.36 37.49 24.43
C MET H 68 53.61 37.45 25.94
N ARG H 69 52.59 37.01 26.69
CA ARG H 69 52.65 36.92 28.15
C ARG H 69 53.47 35.69 28.57
N ASP H 70 53.61 34.72 27.67
CA ASP H 70 54.50 33.58 27.87
C ASP H 70 55.93 34.01 27.58
N GLN H 71 56.07 34.93 26.62
CA GLN H 71 57.35 35.50 26.25
C GLN H 71 57.88 36.33 27.43
N TYR H 72 56.95 36.96 28.17
CA TYR H 72 57.30 37.85 29.27
C TYR H 72 57.22 37.14 30.62
N MET H 73 57.07 35.81 30.58
CA MET H 73 57.19 35.01 31.80
C MET H 73 58.52 34.26 31.75
N ARG H 74 59.16 34.27 30.58
CA ARG H 74 60.37 33.52 30.36
C ARG H 74 61.59 34.38 30.72
N THR H 75 61.34 35.67 30.95
CA THR H 75 62.40 36.64 31.20
C THR H 75 62.79 36.63 32.68
N GLY H 76 61.79 36.45 33.56
CA GLY H 76 62.01 36.40 34.99
C GLY H 76 62.72 35.10 35.41
N GLU H 77 63.62 35.22 36.39
CA GLU H 77 64.38 34.09 36.89
C GLU H 77 63.61 33.44 38.04
N GLY H 78 62.98 34.28 38.86
CA GLY H 78 62.20 33.83 40.01
C GLY H 78 60.77 34.36 40.00
N PHE H 79 59.88 33.66 40.73
CA PHE H 79 58.46 33.91 40.66
C PHE H 79 57.85 33.90 42.06
N LEU H 80 57.27 35.05 42.45
CA LEU H 80 56.48 35.16 43.65
C LEU H 80 55.04 34.81 43.31
N CYS H 81 54.51 33.78 43.98
CA CYS H 81 53.14 33.35 43.76
C CYS H 81 52.30 33.74 44.97
N VAL H 82 51.68 34.92 44.88
CA VAL H 82 51.09 35.57 46.04
C VAL H 82 49.61 35.22 46.11
N PHE H 83 49.17 34.85 47.32
CA PHE H 83 47.76 34.76 47.65
C PHE H 83 47.48 35.58 48.91
N ALA H 84 46.20 35.72 49.28
CA ALA H 84 45.81 36.36 50.51
C ALA H 84 45.13 35.33 51.42
N ILE H 85 45.48 35.35 52.72
CA ILE H 85 45.08 34.28 53.63
C ILE H 85 43.57 34.32 53.87
N ASN H 86 42.94 35.41 53.41
CA ASN H 86 41.52 35.67 53.62
C ASN H 86 40.71 35.29 52.38
N ASN H 87 41.40 34.80 51.35
CA ASN H 87 40.77 34.51 50.06
C ASN H 87 41.08 33.07 49.67
N THR H 88 40.03 32.22 49.64
CA THR H 88 40.16 30.84 49.20
C THR H 88 40.41 30.80 47.69
N LYS H 89 39.71 31.67 46.95
CA LYS H 89 39.79 31.73 45.51
C LYS H 89 41.24 31.93 45.07
N SER H 90 41.92 32.88 45.71
CA SER H 90 43.27 33.27 45.32
C SER H 90 44.28 32.15 45.62
N PHE H 91 43.91 31.28 46.57
CA PHE H 91 44.76 30.16 46.95
C PHE H 91 44.49 28.99 46.02
N GLU H 92 43.22 28.75 45.72
CA GLU H 92 42.84 27.77 44.72
C GLU H 92 43.53 28.14 43.41
N ASP H 93 43.60 29.44 43.12
CA ASP H 93 44.17 30.01 41.90
C ASP H 93 45.67 29.73 41.79
N ILE H 94 46.31 29.31 42.90
CA ILE H 94 47.75 29.19 42.95
C ILE H 94 48.23 28.11 41.97
N HIS H 95 47.61 26.93 42.08
CA HIS H 95 47.93 25.76 41.27
C HIS H 95 48.08 26.17 39.80
N HIS H 96 47.18 27.04 39.32
CA HIS H 96 47.16 27.46 37.92
C HIS H 96 48.48 28.10 37.51
N TYR H 97 48.99 29.01 38.37
CA TYR H 97 50.18 29.78 38.08
C TYR H 97 51.39 28.86 37.94
N ARG H 98 51.56 27.98 38.94
CA ARG H 98 52.63 26.99 38.99
C ARG H 98 52.69 26.25 37.66
N GLU H 99 51.57 25.64 37.27
CA GLU H 99 51.46 24.86 36.04
C GLU H 99 51.92 25.71 34.87
N GLN H 100 51.47 26.96 34.86
CA GLN H 100 51.67 27.87 33.73
C GLN H 100 53.13 28.27 33.64
N ILE H 101 53.76 28.50 34.80
CA ILE H 101 55.17 28.86 34.85
C ILE H 101 56.00 27.65 34.41
N LYS H 102 55.67 26.48 34.95
CA LYS H 102 56.39 25.25 34.63
C LYS H 102 56.41 25.04 33.12
N ARG H 103 55.25 25.27 32.48
CA ARG H 103 55.11 25.07 31.05
C ARG H 103 56.03 26.03 30.30
N VAL H 104 56.13 27.26 30.79
CA VAL H 104 56.83 28.32 30.08
C VAL H 104 58.35 28.13 30.21
N LYS H 105 58.79 27.73 31.41
CA LYS H 105 60.23 27.65 31.69
C LYS H 105 60.73 26.23 31.41
N ASP H 106 59.81 25.29 31.24
CA ASP H 106 60.10 23.93 30.80
C ASP H 106 60.92 23.18 31.86
N SER H 107 60.43 23.16 33.10
CA SER H 107 61.14 22.53 34.21
C SER H 107 60.22 22.43 35.42
N GLU H 108 60.66 21.63 36.41
CA GLU H 108 60.11 21.66 37.75
C GLU H 108 61.05 22.44 38.67
N ASP H 109 62.32 22.55 38.24
CA ASP H 109 63.36 23.22 39.01
C ASP H 109 63.27 24.72 38.79
N VAL H 110 62.07 25.28 38.99
CA VAL H 110 61.84 26.70 38.71
C VAL H 110 61.89 27.48 40.03
N PRO H 111 62.77 28.50 40.12
CA PRO H 111 62.79 29.45 41.25
C PRO H 111 61.44 30.04 41.60
N MET H 112 60.93 29.65 42.76
CA MET H 112 59.55 29.87 43.15
C MET H 112 59.52 30.11 44.65
N VAL H 113 58.46 30.80 45.11
CA VAL H 113 58.15 30.89 46.53
C VAL H 113 56.67 31.24 46.68
N LEU H 114 55.98 30.44 47.52
CA LEU H 114 54.59 30.68 47.89
C LEU H 114 54.53 31.77 48.95
N VAL H 115 53.58 32.70 48.78
CA VAL H 115 53.47 33.88 49.63
C VAL H 115 52.04 33.98 50.13
N GLY H 116 51.88 34.05 51.47
CA GLY H 116 50.61 34.23 52.13
C GLY H 116 50.45 35.64 52.70
N ASN H 117 49.93 36.55 51.86
CA ASN H 117 49.89 37.98 52.14
C ASN H 117 48.71 38.32 53.05
N LYS H 118 48.64 39.59 53.46
CA LYS H 118 47.58 40.14 54.29
C LYS H 118 47.48 39.39 55.61
N CYS H 119 48.62 39.04 56.22
CA CYS H 119 48.62 38.18 57.41
C CYS H 119 48.46 39.01 58.68
N ASP H 120 48.01 40.25 58.52
CA ASP H 120 47.73 41.14 59.64
C ASP H 120 46.27 40.98 60.05
N LEU H 121 45.44 40.49 59.13
CA LEU H 121 44.00 40.41 59.33
C LEU H 121 43.66 39.15 60.12
N PRO H 122 42.69 39.21 61.07
CA PRO H 122 42.28 38.04 61.86
C PRO H 122 41.42 36.98 61.17
N SER H 123 40.46 37.41 60.34
CA SER H 123 39.66 36.45 59.59
C SER H 123 40.57 35.70 58.62
N ARG H 124 40.60 34.38 58.75
CA ARG H 124 41.53 33.56 58.02
C ARG H 124 40.82 32.34 57.44
N THR H 125 40.76 32.27 56.10
CA THR H 125 40.03 31.23 55.41
C THR H 125 40.95 30.04 55.10
N VAL H 126 42.16 30.33 54.62
CA VAL H 126 43.14 29.28 54.38
C VAL H 126 44.22 29.39 55.46
N ASP H 127 44.27 28.37 56.32
CA ASP H 127 45.22 28.34 57.43
C ASP H 127 46.58 27.86 56.91
N THR H 128 47.56 27.83 57.81
CA THR H 128 48.97 27.73 57.47
C THR H 128 49.34 26.30 57.08
N LYS H 129 48.82 25.32 57.82
CA LYS H 129 49.08 23.91 57.55
C LYS H 129 48.84 23.61 56.07
N GLN H 130 47.83 24.25 55.48
CA GLN H 130 47.38 24.03 54.11
C GLN H 130 48.41 24.53 53.10
N ALA H 131 49.01 25.69 53.41
CA ALA H 131 49.97 26.32 52.53
C ALA H 131 51.27 25.50 52.50
N GLN H 132 51.81 25.22 53.70
CA GLN H 132 53.04 24.45 53.87
C GLN H 132 52.90 23.07 53.25
N ASP H 133 51.66 22.59 53.13
CA ASP H 133 51.35 21.35 52.44
C ASP H 133 51.62 21.51 50.95
N LEU H 134 50.90 22.46 50.32
CA LEU H 134 50.99 22.76 48.90
C LEU H 134 52.43 23.13 48.54
N ALA H 135 53.09 23.90 49.42
CA ALA H 135 54.44 24.39 49.19
C ALA H 135 55.46 23.26 49.29
N ARG H 136 55.14 22.20 50.06
CA ARG H 136 55.98 21.02 50.13
C ARG H 136 55.78 20.19 48.87
N SER H 137 54.54 20.18 48.36
CA SER H 137 54.17 19.38 47.20
C SER H 137 54.97 19.82 45.98
N TYR H 138 55.08 21.15 45.80
CA TYR H 138 55.90 21.74 44.74
C TYR H 138 57.35 21.82 45.21
N GLY H 139 57.57 21.66 46.51
CA GLY H 139 58.90 21.70 47.09
C GLY H 139 59.53 23.08 46.95
N ILE H 140 58.85 24.09 47.51
CA ILE H 140 59.34 25.46 47.54
C ILE H 140 58.99 26.10 48.88
N PRO H 141 59.67 27.21 49.28
CA PRO H 141 59.41 27.87 50.57
C PRO H 141 58.02 28.50 50.61
N PHE H 142 57.46 28.55 51.82
CA PHE H 142 56.28 29.35 52.11
C PHE H 142 56.64 30.40 53.15
N ILE H 143 56.15 31.63 52.95
CA ILE H 143 56.46 32.75 53.82
C ILE H 143 55.21 33.63 53.95
N GLU H 144 54.67 33.69 55.18
CA GLU H 144 53.56 34.57 55.50
C GLU H 144 54.07 36.01 55.48
N THR H 145 53.39 36.86 54.69
CA THR H 145 53.78 38.26 54.60
C THR H 145 52.58 39.15 54.92
N SER H 146 52.88 40.42 55.18
CA SER H 146 51.89 41.48 55.31
C SER H 146 52.50 42.79 54.77
N ALA H 147 51.95 43.27 53.65
CA ALA H 147 52.41 44.50 53.03
C ALA H 147 52.01 45.70 53.89
N LYS H 148 51.04 45.48 54.80
CA LYS H 148 50.51 46.52 55.66
C LYS H 148 51.44 46.74 56.86
N THR H 149 51.84 45.66 57.53
CA THR H 149 52.69 45.73 58.70
C THR H 149 54.17 45.83 58.29
N ARG H 150 54.47 45.35 57.07
CA ARG H 150 55.79 45.23 56.49
C ARG H 150 56.45 43.91 56.93
N GLN H 151 55.63 43.06 57.58
CA GLN H 151 56.05 41.75 58.03
C GLN H 151 56.52 40.90 56.84
N GLY H 152 57.77 40.44 56.92
CA GLY H 152 58.30 39.42 56.03
C GLY H 152 58.37 39.88 54.58
N VAL H 153 58.09 41.16 54.34
CA VAL H 153 58.13 41.76 53.02
C VAL H 153 59.53 41.61 52.44
N ASP H 154 60.50 41.34 53.32
CA ASP H 154 61.87 41.13 52.91
C ASP H 154 62.09 39.64 52.65
N ASP H 155 61.66 38.81 53.61
CA ASP H 155 61.93 37.39 53.63
C ASP H 155 61.51 36.74 52.31
N ALA H 156 60.31 37.09 51.84
CA ALA H 156 59.76 36.53 50.62
C ALA H 156 60.71 36.78 49.45
N PHE H 157 61.08 38.05 49.26
CA PHE H 157 61.84 38.49 48.10
C PHE H 157 63.23 37.89 48.10
N TYR H 158 63.88 37.87 49.27
CA TYR H 158 65.26 37.45 49.38
C TYR H 158 65.36 35.93 49.21
N THR H 159 64.42 35.20 49.80
CA THR H 159 64.43 33.75 49.72
C THR H 159 64.41 33.33 48.26
N LEU H 160 63.66 34.09 47.44
CA LEU H 160 63.58 33.87 46.01
C LEU H 160 64.97 34.08 45.39
N VAL H 161 65.65 35.14 45.84
CA VAL H 161 66.99 35.47 45.36
C VAL H 161 67.93 34.31 45.71
N ARG H 162 67.74 33.73 46.90
CA ARG H 162 68.49 32.57 47.34
C ARG H 162 68.11 31.35 46.51
N GLU H 163 66.85 31.29 46.06
CA GLU H 163 66.39 30.20 45.22
C GLU H 163 67.03 30.30 43.84
N ILE H 164 67.29 31.55 43.40
CA ILE H 164 67.90 31.80 42.10
C ILE H 164 69.40 31.51 42.19
N ARG H 165 70.02 31.92 43.32
CA ARG H 165 71.43 31.61 43.56
C ARG H 165 71.61 30.10 43.68
N LYS H 166 70.69 29.44 44.42
CA LYS H 166 70.72 28.00 44.64
C LYS H 166 70.63 27.27 43.30
N HIS H 167 69.67 27.69 42.46
CA HIS H 167 69.57 27.19 41.10
C HIS H 167 70.83 27.62 40.34
N LYS H 168 71.59 26.62 39.88
CA LYS H 168 72.87 26.85 39.21
C LYS H 168 72.61 27.40 37.81
N ARG I 10 -49.33 8.79 -8.78
CA ARG I 10 -48.66 9.43 -7.60
C ARG I 10 -47.46 8.60 -7.14
N PRO I 11 -47.50 7.24 -7.21
CA PRO I 11 -46.28 6.43 -7.15
C PRO I 11 -45.27 6.96 -8.17
N VAL I 12 -43.98 6.79 -7.87
CA VAL I 12 -42.95 7.33 -8.73
C VAL I 12 -42.50 6.29 -9.74
N LEU I 13 -43.13 5.10 -9.70
CA LEU I 13 -42.94 4.12 -10.74
C LEU I 13 -44.23 3.94 -11.52
N ARG I 14 -44.43 4.88 -12.45
CA ARG I 14 -45.60 4.95 -13.32
C ARG I 14 -45.12 5.24 -14.74
N SER I 15 -45.90 4.82 -15.74
CA SER I 15 -45.68 5.25 -17.10
C SER I 15 -46.31 6.63 -17.30
N VAL I 16 -45.61 7.52 -18.02
CA VAL I 16 -46.11 8.85 -18.29
C VAL I 16 -47.02 8.78 -19.53
N ASN I 17 -48.24 9.29 -19.40
CA ASN I 17 -49.26 9.22 -20.46
C ASN I 17 -48.83 10.07 -21.66
N SER I 18 -48.12 9.43 -22.61
CA SER I 18 -47.26 10.16 -23.52
C SER I 18 -47.95 10.41 -24.87
N ARG I 19 -48.90 9.56 -25.24
CA ARG I 19 -49.59 9.70 -26.52
C ARG I 19 -48.57 9.97 -27.62
N GLU I 20 -47.40 9.31 -27.53
CA GLU I 20 -46.41 9.27 -28.59
C GLU I 20 -46.02 7.80 -28.81
N PRO I 21 -46.57 7.13 -29.86
CA PRO I 21 -46.27 5.73 -30.13
C PRO I 21 -44.79 5.48 -30.39
N SER I 22 -44.35 4.26 -30.07
CA SER I 22 -42.95 3.88 -30.07
C SER I 22 -42.80 2.38 -30.32
N GLN I 23 -42.63 2.00 -31.60
CA GLN I 23 -42.51 0.61 -31.99
C GLN I 23 -41.25 0.01 -31.36
N VAL I 24 -41.43 -1.07 -30.59
CA VAL I 24 -40.35 -1.63 -29.79
C VAL I 24 -40.35 -3.14 -29.95
N ILE I 25 -39.18 -3.76 -29.78
CA ILE I 25 -39.04 -5.19 -30.01
C ILE I 25 -38.73 -5.90 -28.71
N PHE I 26 -39.46 -7.00 -28.49
CA PHE I 26 -39.24 -7.88 -27.36
C PHE I 26 -38.74 -9.22 -27.86
N CYS I 27 -37.59 -9.67 -27.35
CA CYS I 27 -37.21 -11.06 -27.60
C CYS I 27 -36.62 -11.66 -26.34
N ASN I 28 -37.22 -12.79 -25.97
CA ASN I 28 -36.85 -13.60 -24.84
C ASN I 28 -35.56 -14.33 -25.18
N ARG I 29 -34.43 -13.80 -24.69
CA ARG I 29 -33.15 -14.49 -24.83
C ARG I 29 -32.81 -15.17 -23.50
N SER I 30 -33.86 -15.68 -22.85
CA SER I 30 -33.73 -16.52 -21.66
C SER I 30 -34.49 -17.82 -21.94
N PRO I 31 -34.15 -18.94 -21.25
CA PRO I 31 -34.95 -20.17 -21.32
C PRO I 31 -36.40 -19.99 -20.88
N ARG I 32 -36.64 -18.94 -20.07
CA ARG I 32 -37.87 -18.79 -19.32
C ARG I 32 -38.99 -18.35 -20.24
N VAL I 33 -40.16 -19.00 -20.14
CA VAL I 33 -41.37 -18.44 -20.72
C VAL I 33 -41.55 -17.08 -20.08
N VAL I 34 -41.44 -16.01 -20.89
CA VAL I 34 -41.30 -14.67 -20.35
C VAL I 34 -42.67 -13.99 -20.27
N LEU I 35 -42.90 -13.35 -19.12
CA LEU I 35 -44.06 -12.49 -18.92
C LEU I 35 -43.60 -11.04 -18.89
N PRO I 36 -44.08 -10.21 -19.86
CA PRO I 36 -43.88 -8.78 -19.82
C PRO I 36 -44.97 -8.10 -18.99
N VAL I 37 -44.54 -7.08 -18.22
CA VAL I 37 -45.42 -6.37 -17.32
C VAL I 37 -45.26 -4.86 -17.57
N TRP I 38 -46.37 -4.23 -18.00
CA TRP I 38 -46.41 -2.79 -18.16
C TRP I 38 -46.97 -2.15 -16.89
N LEU I 39 -46.17 -1.26 -16.29
CA LEU I 39 -46.64 -0.46 -15.18
C LEU I 39 -47.60 0.57 -15.73
N ASN I 40 -48.90 0.33 -15.52
CA ASN I 40 -49.94 1.21 -16.04
C ASN I 40 -49.74 2.60 -15.46
N PHE I 41 -50.10 3.63 -16.24
CA PHE I 41 -49.88 5.00 -15.82
C PHE I 41 -50.27 5.15 -14.36
N ASP I 42 -51.45 4.60 -14.06
CA ASP I 42 -52.09 4.69 -12.76
C ASP I 42 -51.13 4.21 -11.66
N GLY I 43 -50.27 3.23 -11.99
CA GLY I 43 -49.24 2.76 -11.08
C GLY I 43 -49.20 1.23 -10.98
N GLU I 44 -50.38 0.60 -11.04
CA GLU I 44 -50.58 -0.84 -10.89
C GLU I 44 -50.08 -1.56 -12.15
N PRO I 45 -49.27 -2.66 -12.00
CA PRO I 45 -48.78 -3.44 -13.15
C PRO I 45 -49.86 -4.25 -13.87
N GLN I 46 -49.60 -4.54 -15.15
CA GLN I 46 -50.51 -5.28 -16.00
C GLN I 46 -49.76 -6.44 -16.67
N PRO I 47 -50.44 -7.59 -16.95
CA PRO I 47 -49.79 -8.72 -17.61
C PRO I 47 -50.05 -8.77 -19.11
N TYR I 48 -48.97 -8.78 -19.90
CA TYR I 48 -49.06 -8.77 -21.34
C TYR I 48 -48.74 -10.16 -21.91
N PRO I 49 -49.12 -10.45 -23.18
CA PRO I 49 -48.97 -11.79 -23.74
C PRO I 49 -47.57 -12.35 -23.55
N THR I 50 -47.48 -13.63 -23.14
CA THR I 50 -46.22 -14.26 -22.82
C THR I 50 -45.35 -14.41 -24.07
N LEU I 51 -44.04 -14.24 -23.88
CA LEU I 51 -43.03 -14.52 -24.89
C LEU I 51 -42.54 -15.96 -24.73
N PRO I 52 -42.89 -16.88 -25.66
CA PRO I 52 -42.30 -18.23 -25.68
C PRO I 52 -40.78 -18.12 -25.61
N PRO I 53 -40.07 -19.11 -25.04
CA PRO I 53 -38.63 -19.02 -24.86
C PRO I 53 -37.92 -18.84 -26.20
N GLY I 54 -37.34 -17.65 -26.40
CA GLY I 54 -36.46 -17.39 -27.52
C GLY I 54 -37.15 -16.77 -28.74
N THR I 55 -38.38 -16.27 -28.57
CA THR I 55 -39.10 -15.68 -29.69
C THR I 55 -39.12 -14.15 -29.58
N GLY I 56 -39.32 -13.50 -30.72
CA GLY I 56 -39.31 -12.05 -30.78
C GLY I 56 -40.67 -11.47 -31.18
N ARG I 57 -40.91 -10.22 -30.80
CA ARG I 57 -42.16 -9.54 -31.10
C ARG I 57 -41.94 -8.03 -31.19
N ARG I 58 -42.43 -7.48 -32.31
CA ARG I 58 -42.49 -6.04 -32.53
C ARG I 58 -43.80 -5.55 -31.94
N ILE I 59 -43.72 -4.59 -31.03
CA ILE I 59 -44.76 -4.24 -30.09
C ILE I 59 -45.10 -2.76 -30.23
N HIS I 60 -46.40 -2.47 -30.34
CA HIS I 60 -46.86 -1.09 -30.29
C HIS I 60 -46.92 -0.66 -28.82
N SER I 61 -45.93 0.14 -28.43
CA SER I 61 -45.88 0.75 -27.10
C SER I 61 -45.68 2.26 -27.24
N TYR I 62 -45.61 2.95 -26.11
CA TYR I 62 -45.56 4.39 -26.11
C TYR I 62 -44.28 4.88 -25.42
N ARG I 63 -43.68 5.93 -25.98
CA ARG I 63 -42.46 6.44 -25.39
C ARG I 63 -42.81 6.89 -23.97
N GLY I 64 -41.93 6.56 -23.03
CA GLY I 64 -42.09 6.98 -21.65
C GLY I 64 -42.95 6.01 -20.85
N HIS I 65 -43.19 4.82 -21.40
CA HIS I 65 -43.85 3.77 -20.64
C HIS I 65 -42.80 2.91 -19.96
N LEU I 66 -43.23 2.16 -18.93
CA LEU I 66 -42.32 1.39 -18.11
C LEU I 66 -42.69 -0.09 -18.18
N TRP I 67 -41.74 -0.90 -18.64
CA TRP I 67 -41.88 -2.36 -18.70
C TRP I 67 -40.89 -3.03 -17.75
N LEU I 68 -41.36 -4.12 -17.12
CA LEU I 68 -40.48 -5.13 -16.53
C LEU I 68 -40.97 -6.53 -16.90
N PHE I 69 -40.09 -7.52 -16.69
CA PHE I 69 -40.30 -8.87 -17.21
C PHE I 69 -39.90 -9.91 -16.17
N ARG I 70 -40.72 -10.95 -16.06
CA ARG I 70 -40.47 -12.06 -15.15
C ARG I 70 -40.75 -13.36 -15.88
N ASP I 71 -40.31 -14.47 -15.28
CA ASP I 71 -40.77 -15.82 -15.59
C ASP I 71 -42.28 -15.85 -15.43
N ALA I 72 -42.98 -16.49 -16.38
CA ALA I 72 -44.44 -16.51 -16.37
C ALA I 72 -44.96 -17.55 -15.37
N GLY I 73 -44.05 -18.43 -14.93
CA GLY I 73 -44.37 -19.56 -14.08
C GLY I 73 -44.15 -19.27 -12.60
N THR I 74 -42.95 -18.79 -12.25
CA THR I 74 -42.56 -18.56 -10.87
C THR I 74 -42.58 -17.07 -10.54
N HIS I 75 -42.69 -16.23 -11.58
CA HIS I 75 -42.56 -14.78 -11.49
C HIS I 75 -41.14 -14.39 -11.07
N ASP I 76 -40.16 -15.23 -11.43
CA ASP I 76 -38.75 -14.95 -11.17
C ASP I 76 -38.28 -13.75 -11.98
N GLY I 77 -37.61 -12.82 -11.29
CA GLY I 77 -37.15 -11.57 -11.87
C GLY I 77 -36.14 -11.78 -12.99
N LEU I 78 -36.21 -10.92 -14.01
CA LEU I 78 -35.33 -10.98 -15.16
C LEU I 78 -34.69 -9.60 -15.39
N LEU I 79 -33.64 -9.57 -16.23
CA LEU I 79 -33.02 -8.33 -16.66
C LEU I 79 -33.47 -8.01 -18.10
N VAL I 80 -33.49 -6.71 -18.42
CA VAL I 80 -33.81 -6.25 -19.77
C VAL I 80 -32.85 -5.12 -20.11
N ASN I 81 -32.04 -5.36 -21.15
CA ASN I 81 -30.88 -4.55 -21.47
C ASN I 81 -30.03 -4.41 -20.21
N GLN I 82 -29.84 -5.57 -19.55
CA GLN I 82 -29.15 -5.73 -18.27
C GLN I 82 -29.64 -4.72 -17.25
N THR I 83 -30.97 -4.66 -17.06
CA THR I 83 -31.56 -3.84 -16.03
C THR I 83 -32.98 -4.31 -15.75
N GLU I 84 -33.54 -3.88 -14.61
CA GLU I 84 -34.79 -4.44 -14.11
C GLU I 84 -35.96 -3.74 -14.81
N LEU I 85 -35.78 -2.46 -15.11
CA LEU I 85 -36.83 -1.63 -15.68
C LEU I 85 -36.44 -1.24 -17.10
N PHE I 86 -37.46 -1.07 -17.96
CA PHE I 86 -37.24 -0.69 -19.35
C PHE I 86 -38.17 0.46 -19.74
N VAL I 87 -37.60 1.52 -20.31
CA VAL I 87 -38.36 2.64 -20.84
C VAL I 87 -37.89 2.96 -22.26
N PRO I 88 -38.77 2.91 -23.29
CA PRO I 88 -38.38 3.29 -24.65
C PRO I 88 -38.50 4.79 -24.86
N SER I 89 -37.40 5.42 -25.31
CA SER I 89 -37.48 6.75 -25.88
C SER I 89 -38.23 6.67 -27.20
N LEU I 90 -38.27 7.78 -27.96
CA LEU I 90 -38.84 7.76 -29.30
C LEU I 90 -37.87 7.06 -30.25
N ASN I 91 -38.34 6.74 -31.46
CA ASN I 91 -37.54 5.98 -32.41
C ASN I 91 -36.96 6.92 -33.45
N VAL I 92 -35.62 6.95 -33.53
CA VAL I 92 -34.91 7.75 -34.53
C VAL I 92 -35.22 7.19 -35.92
N ASP I 93 -35.89 8.01 -36.75
CA ASP I 93 -36.20 7.73 -38.15
C ASP I 93 -36.90 6.37 -38.29
N GLY I 94 -37.84 6.07 -37.38
CA GLY I 94 -38.68 4.91 -37.60
C GLY I 94 -38.04 3.60 -37.13
N GLN I 95 -36.71 3.59 -37.01
CA GLN I 95 -35.95 2.46 -36.47
C GLN I 95 -36.47 2.13 -35.06
N PRO I 96 -36.88 0.87 -34.78
CA PRO I 96 -37.55 0.54 -33.51
C PRO I 96 -36.60 0.23 -32.35
N ILE I 97 -37.00 0.61 -31.13
CA ILE I 97 -36.20 0.37 -29.93
C ILE I 97 -36.21 -1.12 -29.59
N PHE I 98 -35.09 -1.62 -29.06
CA PHE I 98 -34.85 -3.04 -28.86
C PHE I 98 -34.67 -3.35 -27.38
N ALA I 99 -35.48 -4.30 -26.89
CA ALA I 99 -35.45 -4.70 -25.49
C ALA I 99 -35.06 -6.18 -25.39
N ASN I 100 -33.79 -6.43 -25.00
CA ASN I 100 -33.33 -7.78 -24.74
C ASN I 100 -33.79 -8.24 -23.37
N ILE I 101 -34.43 -9.40 -23.33
CA ILE I 101 -34.96 -9.93 -22.09
C ILE I 101 -34.21 -11.21 -21.78
N THR I 102 -33.42 -11.18 -20.70
CA THR I 102 -32.54 -12.30 -20.36
C THR I 102 -32.70 -12.71 -18.90
N LEU I 103 -31.79 -13.60 -18.47
CA LEU I 103 -31.69 -14.04 -17.09
C LEU I 103 -30.70 -13.13 -16.35
N PRO I 104 -30.95 -12.83 -15.04
CA PRO I 104 -29.92 -12.25 -14.19
C PRO I 104 -28.99 -13.34 -13.66
N VAL I 105 -27.88 -12.91 -13.05
CA VAL I 105 -26.97 -13.82 -12.35
C VAL I 105 -27.30 -13.79 -10.86
N TYR I 106 -28.36 -14.51 -10.49
CA TYR I 106 -28.89 -14.50 -9.13
C TYR I 106 -27.87 -15.12 -8.16
N THR I 107 -28.07 -14.84 -6.87
CA THR I 107 -27.42 -15.57 -5.79
C THR I 107 -27.95 -17.00 -5.79
N LEU I 108 -27.06 -17.94 -5.44
CA LEU I 108 -27.37 -19.37 -5.44
C LEU I 108 -28.52 -19.65 -4.48
N LYS I 109 -28.73 -18.75 -3.51
CA LYS I 109 -29.84 -18.84 -2.58
C LYS I 109 -31.15 -19.00 -3.35
N GLU I 110 -31.52 -17.96 -4.10
CA GLU I 110 -32.80 -17.92 -4.78
C GLU I 110 -32.85 -18.93 -5.91
N ARG I 111 -31.68 -19.25 -6.50
CA ARG I 111 -31.59 -20.22 -7.56
C ARG I 111 -31.96 -21.60 -7.02
N CYS I 112 -31.33 -21.99 -5.90
CA CYS I 112 -31.59 -23.27 -5.26
C CYS I 112 -33.04 -23.28 -4.75
N LEU I 113 -33.46 -22.16 -4.16
CA LEU I 113 -34.85 -21.98 -3.77
C LEU I 113 -35.75 -22.22 -4.98
N GLN I 114 -35.33 -21.70 -6.14
CA GLN I 114 -36.10 -21.67 -7.39
C GLN I 114 -36.43 -23.08 -7.88
N VAL I 115 -35.44 -23.99 -7.82
CA VAL I 115 -35.61 -25.35 -8.31
C VAL I 115 -36.48 -26.13 -7.32
N VAL I 116 -36.30 -25.86 -6.03
CA VAL I 116 -37.12 -26.46 -5.00
C VAL I 116 -38.56 -25.96 -5.19
N ARG I 117 -38.72 -24.70 -5.61
CA ARG I 117 -40.02 -24.11 -5.85
C ARG I 117 -40.83 -24.98 -6.81
N SER I 118 -40.16 -25.44 -7.88
CA SER I 118 -40.81 -26.16 -8.97
C SER I 118 -40.99 -27.64 -8.63
N LEU I 119 -39.99 -28.23 -7.95
CA LEU I 119 -39.97 -29.66 -7.67
C LEU I 119 -40.95 -30.00 -6.55
N VAL I 120 -41.09 -29.09 -5.58
CA VAL I 120 -41.89 -29.32 -4.39
C VAL I 120 -43.20 -28.52 -4.48
N LYS I 121 -44.33 -29.25 -4.43
CA LYS I 121 -45.64 -28.65 -4.27
C LYS I 121 -45.65 -27.85 -2.96
N PRO I 122 -46.36 -26.70 -2.89
CA PRO I 122 -46.16 -25.73 -1.81
C PRO I 122 -46.46 -26.25 -0.39
N GLU I 123 -47.38 -27.20 -0.30
CA GLU I 123 -47.86 -27.72 0.99
C GLU I 123 -46.77 -28.53 1.67
N ASN I 124 -45.90 -29.19 0.88
CA ASN I 124 -44.94 -30.15 1.40
C ASN I 124 -43.57 -29.50 1.59
N TYR I 125 -43.51 -28.18 1.39
CA TYR I 125 -42.38 -27.35 1.75
C TYR I 125 -41.98 -27.67 3.19
N ARG I 126 -42.99 -27.78 4.05
CA ARG I 126 -42.84 -27.95 5.48
C ARG I 126 -42.36 -29.37 5.79
N ARG I 127 -42.39 -30.23 4.76
CA ARG I 127 -42.15 -31.65 4.94
C ARG I 127 -40.78 -32.03 4.39
N LEU I 128 -39.79 -31.14 4.59
CA LEU I 128 -38.42 -31.44 4.20
C LEU I 128 -37.49 -31.26 5.39
N ASP I 129 -36.30 -31.89 5.30
CA ASP I 129 -35.31 -31.90 6.36
C ASP I 129 -34.32 -30.76 6.15
N ILE I 130 -34.67 -29.55 6.62
CA ILE I 130 -33.89 -28.35 6.38
C ILE I 130 -33.80 -27.52 7.65
N VAL I 131 -33.02 -26.42 7.57
CA VAL I 131 -32.99 -25.37 8.58
C VAL I 131 -34.39 -24.74 8.65
N ARG I 132 -34.70 -24.11 9.80
CA ARG I 132 -36.02 -23.56 10.08
C ARG I 132 -36.26 -22.30 9.24
N SER I 133 -35.21 -21.49 9.10
CA SER I 133 -35.27 -20.18 8.45
C SER I 133 -35.72 -20.28 7.00
N LEU I 134 -35.53 -21.47 6.40
CA LEU I 134 -35.64 -21.64 4.96
C LEU I 134 -36.99 -22.24 4.56
N TYR I 135 -37.80 -22.60 5.57
CA TYR I 135 -39.20 -22.96 5.34
C TYR I 135 -39.96 -21.71 4.88
N GLU I 136 -39.43 -20.54 5.26
CA GLU I 136 -40.01 -19.24 4.96
C GLU I 136 -39.39 -18.65 3.69
N ASP I 137 -38.09 -18.91 3.48
CA ASP I 137 -37.37 -18.45 2.30
C ASP I 137 -38.03 -19.02 1.04
N LEU I 138 -38.66 -20.18 1.19
CA LEU I 138 -39.42 -20.83 0.13
C LEU I 138 -40.78 -20.16 -0.01
N GLU I 139 -41.42 -19.92 1.14
CA GLU I 139 -42.80 -19.45 1.23
C GLU I 139 -42.89 -18.01 0.74
N ASP I 140 -41.72 -17.35 0.65
CA ASP I 140 -41.60 -16.02 0.07
C ASP I 140 -41.39 -16.16 -1.43
N HIS I 141 -42.36 -16.81 -2.09
CA HIS I 141 -42.38 -16.91 -3.54
C HIS I 141 -42.24 -15.50 -4.14
N PRO I 142 -41.31 -15.29 -5.09
CA PRO I 142 -40.95 -13.94 -5.54
C PRO I 142 -42.18 -13.19 -6.04
N ASN I 143 -42.24 -11.88 -5.76
CA ASN I 143 -43.45 -11.12 -6.01
C ASN I 143 -43.13 -9.79 -6.69
N VAL I 144 -44.04 -9.40 -7.61
CA VAL I 144 -43.91 -8.20 -8.41
C VAL I 144 -44.24 -6.98 -7.54
N GLN I 145 -45.39 -7.02 -6.85
CA GLN I 145 -45.79 -5.97 -5.92
C GLN I 145 -44.64 -5.69 -4.95
N LYS I 146 -43.98 -6.76 -4.51
CA LYS I 146 -42.85 -6.71 -3.60
C LYS I 146 -41.67 -5.99 -4.26
N ASP I 147 -41.52 -6.18 -5.58
CA ASP I 147 -40.34 -5.69 -6.26
C ASP I 147 -40.52 -4.21 -6.62
N LEU I 148 -41.77 -3.80 -6.83
CA LEU I 148 -42.10 -2.42 -7.14
C LEU I 148 -41.97 -1.57 -5.86
N GLU I 149 -42.81 -1.87 -4.86
CA GLU I 149 -42.75 -1.23 -3.56
C GLU I 149 -41.29 -1.21 -3.07
N ARG I 150 -40.51 -2.20 -3.52
CA ARG I 150 -39.09 -2.30 -3.20
C ARG I 150 -38.32 -1.22 -3.96
N LEU I 151 -38.27 -1.36 -5.29
CA LEU I 151 -37.43 -0.54 -6.15
C LEU I 151 -37.85 0.93 -6.09
N THR I 152 -39.11 1.19 -5.72
CA THR I 152 -39.63 2.54 -5.58
C THR I 152 -38.79 3.29 -4.56
N GLN I 153 -38.63 2.68 -3.37
CA GLN I 153 -37.88 3.25 -2.27
C GLN I 153 -36.38 3.02 -2.49
N GLU I 154 -36.02 2.74 -3.75
CA GLU I 154 -34.62 2.60 -4.14
C GLU I 154 -34.15 3.91 -4.77
N ARG I 155 -34.87 4.37 -5.79
CA ARG I 155 -34.58 5.63 -6.46
C ARG I 155 -34.98 6.79 -5.56
N ILE I 156 -35.82 6.51 -4.55
CA ILE I 156 -36.22 7.50 -3.57
C ILE I 156 -35.06 7.75 -2.60
N ALA I 157 -34.37 6.68 -2.21
CA ALA I 157 -33.16 6.77 -1.40
C ALA I 157 -32.02 7.33 -2.26
N HIS I 158 -32.20 7.28 -3.58
CA HIS I 158 -31.22 7.79 -4.53
C HIS I 158 -31.75 9.07 -5.18
N MET J 1 -4.07 -14.04 -5.99
CA MET J 1 -3.91 -15.10 -5.00
C MET J 1 -5.05 -16.10 -5.14
N TYR J 2 -5.15 -17.03 -4.18
CA TYR J 2 -6.14 -18.09 -4.19
C TYR J 2 -6.61 -18.37 -2.76
N VAL J 3 -7.68 -19.16 -2.62
CA VAL J 3 -8.05 -19.72 -1.33
C VAL J 3 -8.03 -21.24 -1.41
N LYS J 4 -8.28 -21.88 -0.27
CA LYS J 4 -8.33 -23.34 -0.19
C LYS J 4 -9.49 -23.74 0.72
N LEU J 5 -10.64 -24.02 0.10
CA LEU J 5 -11.85 -24.40 0.81
C LEU J 5 -11.86 -25.92 0.99
N ILE J 6 -11.85 -26.37 2.25
CA ILE J 6 -11.83 -27.79 2.57
C ILE J 6 -13.24 -28.21 2.97
N SER J 7 -13.71 -29.33 2.41
CA SER J 7 -15.06 -29.82 2.67
C SER J 7 -15.05 -30.86 3.79
N SER J 8 -16.21 -31.51 3.98
CA SER J 8 -16.46 -32.47 5.07
C SER J 8 -15.64 -33.73 4.87
N ASP J 9 -15.58 -34.22 3.62
CA ASP J 9 -14.81 -35.40 3.26
C ASP J 9 -13.36 -35.00 2.98
N GLY J 10 -13.00 -33.77 3.36
CA GLY J 10 -11.63 -33.30 3.36
C GLY J 10 -11.18 -32.75 2.00
N HIS J 11 -12.08 -32.82 0.99
CA HIS J 11 -11.79 -32.34 -0.34
C HIS J 11 -11.42 -30.86 -0.28
N GLU J 12 -10.25 -30.53 -0.87
CA GLU J 12 -9.67 -29.20 -0.83
C GLU J 12 -9.88 -28.52 -2.18
N PHE J 13 -10.19 -27.22 -2.15
CA PHE J 13 -10.56 -26.50 -3.35
C PHE J 13 -9.79 -25.18 -3.43
N ILE J 14 -8.83 -25.12 -4.37
CA ILE J 14 -8.00 -23.94 -4.58
C ILE J 14 -8.64 -23.07 -5.65
N VAL J 15 -9.61 -22.23 -5.24
CA VAL J 15 -10.30 -21.33 -6.14
C VAL J 15 -9.67 -19.94 -6.01
N LYS J 16 -9.87 -19.10 -7.03
CA LYS J 16 -9.32 -17.74 -7.06
C LYS J 16 -9.97 -16.93 -5.94
N ARG J 17 -9.13 -16.20 -5.19
CA ARG J 17 -9.51 -15.59 -3.92
C ARG J 17 -10.70 -14.65 -4.10
N GLU J 18 -10.81 -14.06 -5.29
CA GLU J 18 -11.88 -13.14 -5.60
C GLU J 18 -13.19 -13.91 -5.80
N HIS J 19 -13.10 -15.06 -6.49
CA HIS J 19 -14.25 -15.89 -6.79
C HIS J 19 -14.96 -16.33 -5.51
N ALA J 20 -14.18 -16.51 -4.44
CA ALA J 20 -14.71 -16.93 -3.15
C ALA J 20 -15.45 -15.77 -2.48
N LEU J 21 -14.96 -14.54 -2.72
CA LEU J 21 -15.48 -13.33 -2.10
C LEU J 21 -16.94 -13.12 -2.47
N THR J 22 -17.43 -13.92 -3.43
CA THR J 22 -18.83 -13.96 -3.83
C THR J 22 -19.69 -14.29 -2.61
N SER J 23 -19.22 -15.26 -1.83
CA SER J 23 -19.81 -15.58 -0.54
C SER J 23 -19.45 -14.49 0.48
N GLY J 24 -20.42 -14.16 1.34
CA GLY J 24 -20.20 -13.21 2.42
C GLY J 24 -19.60 -13.88 3.65
N THR J 25 -19.87 -15.17 3.80
CA THR J 25 -19.38 -15.96 4.92
C THR J 25 -17.85 -16.02 4.86
N ILE J 26 -17.30 -16.25 3.66
CA ILE J 26 -15.86 -16.32 3.44
C ILE J 26 -15.25 -14.92 3.50
N LYS J 27 -16.11 -13.90 3.30
CA LYS J 27 -15.72 -12.51 3.42
C LYS J 27 -15.64 -12.15 4.90
N ALA J 28 -16.28 -12.97 5.74
CA ALA J 28 -16.29 -12.80 7.17
C ALA J 28 -15.36 -13.80 7.86
N MET J 29 -14.50 -14.44 7.06
CA MET J 29 -13.58 -15.45 7.57
C MET J 29 -12.14 -15.10 7.19
N LEU J 30 -12.00 -14.25 6.16
CA LEU J 30 -10.70 -13.76 5.74
C LEU J 30 -10.71 -12.24 5.82
N SER J 31 -10.91 -11.74 7.05
CA SER J 31 -11.22 -10.34 7.27
C SER J 31 -10.46 -9.84 8.51
N GLY J 32 -9.24 -9.37 8.28
CA GLY J 32 -8.40 -8.84 9.35
C GLY J 32 -7.26 -7.98 8.81
N PRO J 33 -7.18 -6.68 9.15
CA PRO J 33 -6.13 -5.79 8.66
C PRO J 33 -4.70 -6.29 8.93
N ASN J 42 -4.20 -18.68 1.44
CA ASN J 42 -5.11 -18.77 2.61
C ASN J 42 -6.02 -19.98 2.48
N GLU J 43 -6.58 -20.41 3.62
CA GLU J 43 -7.45 -21.56 3.68
C GLU J 43 -8.58 -21.26 4.66
N VAL J 44 -9.69 -21.99 4.54
CA VAL J 44 -10.76 -22.02 5.51
C VAL J 44 -11.47 -23.36 5.38
N ASN J 45 -11.85 -23.93 6.54
CA ASN J 45 -12.34 -25.30 6.57
C ASN J 45 -13.85 -25.29 6.81
N PHE J 46 -14.55 -26.15 6.06
CA PHE J 46 -15.99 -26.32 6.18
C PHE J 46 -16.30 -27.72 6.69
N ARG J 47 -16.43 -27.83 8.01
CA ARG J 47 -16.51 -29.11 8.71
C ARG J 47 -17.93 -29.66 8.66
N GLU J 48 -18.78 -29.08 7.81
CA GLU J 48 -20.20 -29.41 7.80
C GLU J 48 -20.75 -29.35 6.38
N ILE J 49 -19.87 -29.37 5.37
CA ILE J 49 -20.28 -29.28 3.97
C ILE J 49 -19.56 -30.34 3.15
N PRO J 50 -20.28 -31.26 2.45
CA PRO J 50 -19.65 -32.26 1.60
C PRO J 50 -18.99 -31.70 0.33
N SER J 51 -18.43 -32.59 -0.49
CA SER J 51 -17.61 -32.20 -1.63
C SER J 51 -18.45 -32.00 -2.89
N HIS J 52 -19.39 -32.91 -3.13
CA HIS J 52 -20.32 -32.84 -4.26
C HIS J 52 -21.16 -31.57 -4.14
N VAL J 53 -20.99 -30.85 -3.03
CA VAL J 53 -21.75 -29.64 -2.72
C VAL J 53 -20.84 -28.42 -2.81
N LEU J 54 -19.61 -28.54 -2.30
CA LEU J 54 -18.68 -27.42 -2.23
C LEU J 54 -18.07 -27.15 -3.61
N SER J 55 -18.10 -28.16 -4.49
CA SER J 55 -17.58 -28.04 -5.85
C SER J 55 -18.55 -27.24 -6.72
N LYS J 56 -19.85 -27.54 -6.60
CA LYS J 56 -20.89 -26.86 -7.34
C LYS J 56 -21.02 -25.42 -6.84
N VAL J 57 -20.71 -25.22 -5.55
CA VAL J 57 -20.63 -23.88 -4.96
C VAL J 57 -19.42 -23.17 -5.54
N CYS J 58 -18.33 -23.91 -5.74
CA CYS J 58 -17.14 -23.36 -6.35
C CYS J 58 -17.40 -23.06 -7.83
N MET J 59 -18.41 -23.75 -8.39
CA MET J 59 -18.79 -23.55 -9.78
C MET J 59 -19.52 -22.21 -9.95
N TYR J 60 -20.63 -22.03 -9.21
CA TYR J 60 -21.42 -20.81 -9.28
C TYR J 60 -20.49 -19.59 -9.22
N PHE J 61 -19.38 -19.74 -8.49
CA PHE J 61 -18.41 -18.67 -8.28
C PHE J 61 -17.74 -18.33 -9.61
N THR J 62 -17.27 -19.34 -10.33
CA THR J 62 -16.64 -19.20 -11.64
C THR J 62 -17.60 -18.48 -12.59
N TYR J 63 -18.90 -18.65 -12.32
CA TYR J 63 -20.00 -18.22 -13.17
C TYR J 63 -20.37 -16.79 -12.86
N LYS J 64 -20.65 -16.50 -11.58
CA LYS J 64 -21.03 -15.16 -11.15
C LYS J 64 -19.87 -14.19 -11.34
N VAL J 65 -18.67 -14.72 -11.60
CA VAL J 65 -17.52 -13.87 -11.88
C VAL J 65 -17.59 -13.38 -13.33
N ARG J 66 -18.10 -14.23 -14.23
CA ARG J 66 -17.98 -14.00 -15.65
C ARG J 66 -19.24 -13.35 -16.23
N TYR J 67 -20.34 -13.34 -15.47
CA TYR J 67 -21.62 -12.91 -16.05
C TYR J 67 -22.22 -11.69 -15.35
N THR J 68 -21.67 -11.32 -14.18
CA THR J 68 -22.11 -10.11 -13.51
C THR J 68 -21.85 -8.92 -14.44
N ASN J 69 -22.93 -8.20 -14.78
CA ASN J 69 -22.90 -7.10 -15.73
C ASN J 69 -22.33 -7.61 -17.05
N SER J 70 -23.11 -8.44 -17.74
CA SER J 70 -22.75 -8.90 -19.07
C SER J 70 -23.80 -8.43 -20.06
N SER J 71 -23.34 -7.87 -21.19
CA SER J 71 -24.22 -7.34 -22.22
C SER J 71 -24.83 -8.47 -23.04
N THR J 72 -24.18 -9.65 -22.99
CA THR J 72 -24.60 -10.84 -23.71
C THR J 72 -25.81 -11.48 -23.02
N GLU J 73 -26.41 -12.48 -23.69
CA GLU J 73 -27.42 -13.33 -23.08
C GLU J 73 -26.74 -14.26 -22.07
N ILE J 74 -27.48 -14.67 -21.05
CA ILE J 74 -26.88 -15.38 -19.93
C ILE J 74 -27.42 -16.81 -19.87
N PRO J 75 -26.54 -17.81 -19.67
CA PRO J 75 -26.94 -19.21 -19.55
C PRO J 75 -27.49 -19.53 -18.16
N GLU J 76 -28.54 -20.37 -18.14
CA GLU J 76 -29.19 -20.84 -16.93
C GLU J 76 -28.14 -21.54 -16.06
N PHE J 77 -28.22 -21.35 -14.73
CA PHE J 77 -27.33 -22.08 -13.84
C PHE J 77 -27.89 -23.48 -13.57
N PRO J 78 -27.09 -24.55 -13.79
CA PRO J 78 -27.62 -25.91 -13.77
C PRO J 78 -27.62 -26.51 -12.36
N ILE J 79 -28.75 -27.13 -11.99
CA ILE J 79 -28.88 -27.83 -10.72
C ILE J 79 -29.81 -29.02 -10.88
N ALA J 80 -29.29 -30.21 -10.55
CA ALA J 80 -30.01 -31.47 -10.59
C ALA J 80 -30.87 -31.62 -9.33
N PRO J 81 -32.04 -32.30 -9.41
CA PRO J 81 -33.03 -32.26 -8.33
C PRO J 81 -32.60 -32.82 -6.97
N GLU J 82 -31.39 -33.37 -6.89
CA GLU J 82 -30.99 -34.09 -5.68
C GLU J 82 -29.93 -33.31 -4.91
N ILE J 83 -29.20 -32.43 -5.62
CA ILE J 83 -28.10 -31.70 -5.03
C ILE J 83 -28.60 -30.40 -4.43
N ALA J 84 -29.79 -29.97 -4.88
CA ALA J 84 -30.40 -28.70 -4.53
C ALA J 84 -30.55 -28.58 -3.02
N LEU J 85 -31.11 -29.63 -2.41
CA LEU J 85 -31.47 -29.63 -1.00
C LEU J 85 -30.23 -29.41 -0.14
N GLU J 86 -29.09 -29.93 -0.61
CA GLU J 86 -27.81 -29.76 0.06
C GLU J 86 -27.21 -28.40 -0.27
N LEU J 87 -27.45 -27.93 -1.50
CA LEU J 87 -26.93 -26.65 -1.97
C LEU J 87 -27.73 -25.51 -1.35
N LEU J 88 -28.98 -25.82 -0.94
CA LEU J 88 -29.88 -24.90 -0.27
C LEU J 88 -29.21 -24.39 1.00
N MET J 89 -28.86 -25.32 1.90
CA MET J 89 -28.20 -25.02 3.16
C MET J 89 -26.85 -24.38 2.90
N ALA J 90 -26.08 -24.99 1.99
CA ALA J 90 -24.74 -24.55 1.66
C ALA J 90 -24.73 -23.04 1.43
N ALA J 91 -25.55 -22.58 0.50
CA ALA J 91 -25.62 -21.18 0.09
C ALA J 91 -26.22 -20.34 1.22
N ASN J 92 -27.17 -20.92 1.96
CA ASN J 92 -27.82 -20.23 3.06
C ASN J 92 -26.77 -19.85 4.11
N PHE J 93 -25.82 -20.78 4.34
CA PHE J 93 -24.73 -20.55 5.26
C PHE J 93 -23.72 -19.59 4.63
N LEU J 94 -23.36 -19.87 3.36
CA LEU J 94 -22.30 -19.16 2.68
C LEU J 94 -22.72 -17.73 2.34
N ASP J 95 -24.03 -17.54 2.13
CA ASP J 95 -24.62 -16.25 1.78
C ASP J 95 -24.08 -15.81 0.42
N CYS J 96 -24.64 -16.40 -0.63
CA CYS J 96 -24.29 -16.11 -2.02
C CYS J 96 -25.27 -16.85 -2.95
N MET K 1 -11.46 -19.04 -27.80
CA MET K 1 -12.17 -18.35 -26.69
C MET K 1 -11.56 -18.80 -25.36
N ASP K 2 -12.36 -18.78 -24.29
CA ASP K 2 -11.91 -19.22 -22.98
C ASP K 2 -12.51 -20.58 -22.68
N VAL K 3 -11.71 -21.46 -22.07
CA VAL K 3 -12.18 -22.74 -21.59
C VAL K 3 -12.00 -22.79 -20.08
N PHE K 4 -13.08 -23.14 -19.37
CA PHE K 4 -13.10 -23.16 -17.92
C PHE K 4 -12.76 -24.57 -17.44
N LEU K 5 -11.90 -24.64 -16.42
CA LEU K 5 -11.15 -25.86 -16.13
C LEU K 5 -11.26 -26.25 -14.67
N MET K 6 -11.16 -27.57 -14.43
CA MET K 6 -10.98 -28.17 -13.13
C MET K 6 -9.74 -29.05 -13.17
N ILE K 7 -8.73 -28.70 -12.37
CA ILE K 7 -7.49 -29.45 -12.32
C ILE K 7 -7.54 -30.43 -11.14
N HIS K 10 -5.96 -36.09 -6.71
CA HIS K 10 -6.34 -36.86 -5.49
C HIS K 10 -7.55 -36.21 -4.81
N LYS K 11 -7.27 -35.25 -3.91
CA LYS K 11 -8.30 -34.63 -3.08
C LYS K 11 -8.41 -33.13 -3.39
N THR K 12 -7.31 -32.52 -3.86
CA THR K 12 -7.28 -31.11 -4.24
C THR K 12 -7.96 -30.89 -5.59
N THR K 13 -8.70 -29.79 -5.71
CA THR K 13 -9.31 -29.38 -6.97
C THR K 13 -9.12 -27.88 -7.14
N ILE K 14 -8.47 -27.49 -8.24
CA ILE K 14 -8.29 -26.09 -8.61
C ILE K 14 -9.35 -25.71 -9.65
N PHE K 15 -9.93 -24.52 -9.50
CA PHE K 15 -10.88 -23.98 -10.44
C PHE K 15 -10.23 -22.83 -11.20
N THR K 16 -10.10 -22.99 -12.53
CA THR K 16 -9.44 -21.99 -13.35
C THR K 16 -10.12 -21.93 -14.72
N ASP K 17 -9.66 -20.96 -15.53
CA ASP K 17 -9.98 -20.89 -16.94
C ASP K 17 -8.67 -20.69 -17.71
N ALA K 18 -8.71 -20.92 -19.02
CA ALA K 18 -7.60 -20.63 -19.90
C ALA K 18 -8.12 -20.39 -21.31
N LYS K 19 -7.32 -19.69 -22.12
CA LYS K 19 -7.62 -19.46 -23.52
C LYS K 19 -7.42 -20.76 -24.29
N GLU K 20 -8.47 -21.12 -25.06
CA GLU K 20 -8.60 -22.41 -25.74
C GLU K 20 -7.41 -22.65 -26.66
N SER K 21 -6.92 -21.58 -27.27
CA SER K 21 -5.83 -21.67 -28.24
C SER K 21 -4.47 -21.79 -27.55
N SER K 22 -4.44 -21.63 -26.22
CA SER K 22 -3.20 -21.75 -25.46
C SER K 22 -2.86 -23.23 -25.26
N THR K 23 -1.55 -23.49 -25.09
CA THR K 23 -1.00 -24.84 -25.10
C THR K 23 -1.19 -25.50 -23.73
N VAL K 24 -0.52 -26.65 -23.54
CA VAL K 24 -0.64 -27.45 -22.33
C VAL K 24 0.51 -27.11 -21.38
N PHE K 25 1.66 -26.72 -21.94
CA PHE K 25 2.80 -26.28 -21.14
C PHE K 25 2.44 -24.96 -20.44
N GLU K 26 1.47 -24.24 -21.01
CA GLU K 26 1.02 -22.96 -20.47
C GLU K 26 0.07 -23.21 -19.30
N LEU K 27 -0.71 -24.29 -19.38
CA LEU K 27 -1.59 -24.71 -18.30
C LEU K 27 -0.77 -25.24 -17.14
N LYS K 28 0.41 -25.81 -17.45
CA LYS K 28 1.33 -26.34 -16.45
C LYS K 28 2.03 -25.20 -15.72
N ARG K 29 2.54 -24.23 -16.48
CA ARG K 29 3.19 -23.05 -15.93
C ARG K 29 2.22 -22.34 -14.98
N ILE K 30 0.92 -22.40 -15.32
CA ILE K 30 -0.13 -21.83 -14.49
C ILE K 30 -0.14 -22.55 -13.13
N VAL K 31 -0.17 -23.89 -13.15
CA VAL K 31 -0.28 -24.66 -11.91
C VAL K 31 1.08 -24.73 -11.22
N GLU K 32 2.12 -24.18 -11.86
CA GLU K 32 3.42 -24.02 -11.24
C GLU K 32 3.42 -22.73 -10.42
N GLY K 33 2.61 -21.76 -10.84
CA GLY K 33 2.35 -20.56 -10.06
C GLY K 33 1.45 -20.87 -8.86
N ILE K 34 1.00 -22.13 -8.78
CA ILE K 34 0.08 -22.58 -7.74
C ILE K 34 0.80 -23.54 -6.80
N LEU K 35 0.98 -24.80 -7.25
CA LEU K 35 1.43 -25.89 -6.41
C LEU K 35 2.96 -25.94 -6.34
N LYS K 36 3.62 -24.94 -6.94
CA LYS K 36 5.05 -24.68 -6.86
C LYS K 36 5.86 -25.86 -7.40
N ARG K 37 5.29 -26.59 -8.37
CA ARG K 37 5.94 -27.76 -8.93
C ARG K 37 6.25 -27.50 -10.41
N PRO K 38 7.55 -27.55 -10.81
CA PRO K 38 7.96 -27.30 -12.20
C PRO K 38 7.33 -28.20 -13.27
N PRO K 39 7.19 -27.73 -14.53
CA PRO K 39 6.45 -28.44 -15.57
C PRO K 39 7.20 -29.64 -16.17
N ASP K 40 8.35 -29.98 -15.56
CA ASP K 40 9.14 -31.11 -16.01
C ASP K 40 8.78 -32.35 -15.18
N GLU K 41 8.11 -32.14 -14.05
CA GLU K 41 7.76 -33.28 -13.22
C GLU K 41 6.30 -33.67 -13.46
N GLN K 42 5.48 -32.72 -13.97
CA GLN K 42 4.03 -32.89 -14.03
C GLN K 42 3.58 -33.31 -15.43
N ARG K 43 2.43 -33.99 -15.48
CA ARG K 43 1.76 -34.38 -16.71
C ARG K 43 0.25 -34.23 -16.54
N LEU K 44 -0.44 -33.85 -17.63
CA LEU K 44 -1.86 -33.57 -17.61
C LEU K 44 -2.60 -34.56 -18.51
N TYR K 45 -3.85 -34.86 -18.15
CA TYR K 45 -4.61 -35.91 -18.80
C TYR K 45 -6.01 -35.41 -19.16
N LYS K 46 -6.53 -35.87 -20.31
CA LYS K 46 -7.94 -35.78 -20.62
C LYS K 46 -8.58 -37.17 -20.45
N ASP K 47 -9.05 -37.44 -19.23
CA ASP K 47 -9.66 -38.69 -18.82
C ASP K 47 -8.57 -39.75 -18.60
N ASP K 48 -7.80 -40.03 -19.65
CA ASP K 48 -6.70 -40.99 -19.59
C ASP K 48 -5.57 -40.53 -20.51
N GLN K 49 -5.91 -39.66 -21.47
CA GLN K 49 -5.00 -39.23 -22.51
C GLN K 49 -4.01 -38.19 -21.95
N LEU K 50 -2.76 -38.61 -21.80
CA LEU K 50 -1.66 -37.72 -21.51
C LEU K 50 -1.49 -36.76 -22.68
N LEU K 51 -1.79 -35.48 -22.45
CA LEU K 51 -1.73 -34.46 -23.47
C LEU K 51 -0.32 -33.87 -23.48
N ASP K 52 0.26 -33.75 -24.68
CA ASP K 52 1.66 -33.36 -24.80
C ASP K 52 1.82 -31.85 -24.59
N ASP K 53 3.08 -31.41 -24.55
CA ASP K 53 3.52 -30.13 -24.02
C ASP K 53 2.91 -28.97 -24.81
N GLY K 54 3.21 -28.94 -26.12
CA GLY K 54 2.88 -27.79 -26.96
C GLY K 54 1.62 -28.01 -27.81
N LYS K 55 0.74 -28.91 -27.34
CA LYS K 55 -0.57 -29.08 -27.96
C LYS K 55 -1.57 -28.18 -27.25
N THR K 56 -2.47 -27.57 -28.04
CA THR K 56 -3.42 -26.61 -27.52
C THR K 56 -4.60 -27.35 -26.88
N LEU K 57 -5.27 -26.65 -25.95
CA LEU K 57 -6.33 -27.22 -25.14
C LEU K 57 -7.53 -27.58 -26.01
N GLY K 58 -7.77 -26.77 -27.05
CA GLY K 58 -8.82 -27.03 -28.01
C GLY K 58 -8.57 -28.30 -28.82
N GLU K 59 -7.29 -28.51 -29.19
CA GLU K 59 -6.88 -29.69 -29.93
C GLU K 59 -6.97 -30.92 -29.05
N CYS K 60 -6.75 -30.72 -27.74
CA CYS K 60 -6.83 -31.78 -26.76
C CYS K 60 -8.30 -32.16 -26.50
N GLY K 61 -9.21 -31.32 -26.99
CA GLY K 61 -10.64 -31.58 -26.93
C GLY K 61 -11.36 -30.72 -25.90
N PHE K 62 -10.98 -29.44 -25.82
CA PHE K 62 -11.64 -28.48 -24.96
C PHE K 62 -12.18 -27.32 -25.80
N THR K 63 -13.42 -27.46 -26.27
CA THR K 63 -14.15 -26.32 -26.80
C THR K 63 -14.75 -25.57 -25.62
N SER K 64 -15.11 -24.30 -25.85
CA SER K 64 -15.86 -23.54 -24.86
C SER K 64 -17.20 -24.23 -24.60
N GLN K 65 -17.70 -24.95 -25.63
CA GLN K 65 -18.96 -25.67 -25.58
C GLN K 65 -18.96 -26.69 -24.44
N THR K 66 -17.80 -27.33 -24.21
CA THR K 66 -17.70 -28.42 -23.25
C THR K 66 -17.08 -27.93 -21.94
N ALA K 67 -16.49 -26.72 -21.95
CA ALA K 67 -15.75 -26.22 -20.81
C ALA K 67 -16.28 -24.84 -20.39
N ARG K 68 -17.56 -24.80 -19.98
CA ARG K 68 -18.21 -23.58 -19.53
C ARG K 68 -18.05 -23.44 -18.02
N PRO K 69 -18.10 -22.21 -17.46
CA PRO K 69 -17.89 -22.00 -16.02
C PRO K 69 -18.81 -22.80 -15.10
N GLN K 70 -20.12 -22.83 -15.43
CA GLN K 70 -21.12 -23.47 -14.60
C GLN K 70 -21.08 -24.99 -14.79
N ALA K 71 -20.04 -25.46 -15.52
CA ALA K 71 -19.72 -26.87 -15.65
C ALA K 71 -18.39 -27.03 -16.41
N PRO K 72 -17.21 -26.88 -15.74
CA PRO K 72 -15.92 -27.04 -16.42
C PRO K 72 -15.59 -28.49 -16.75
N ALA K 73 -14.87 -28.69 -17.86
CA ALA K 73 -14.29 -29.99 -18.18
C ALA K 73 -13.07 -30.20 -17.27
N THR K 74 -12.75 -31.47 -17.01
CA THR K 74 -11.74 -31.81 -16.01
C THR K 74 -10.40 -32.12 -16.68
N VAL K 75 -9.32 -31.66 -16.03
CA VAL K 75 -7.95 -31.95 -16.42
C VAL K 75 -7.28 -32.76 -15.31
N ALA K 78 -0.89 -35.26 -12.36
CA ALA K 78 0.03 -36.36 -12.01
C ALA K 78 1.46 -35.81 -11.89
N PHE K 79 2.13 -36.16 -10.78
CA PHE K 79 3.45 -35.59 -10.55
C PHE K 79 4.49 -36.66 -10.24
N ARG K 80 5.51 -36.72 -11.09
CA ARG K 80 6.62 -37.67 -11.01
C ARG K 80 7.40 -37.44 -9.72
N ALA K 81 7.92 -38.54 -9.16
CA ALA K 81 8.80 -38.50 -8.01
C ALA K 81 10.08 -39.27 -8.34
N ASP K 82 11.22 -38.56 -8.28
CA ASP K 82 12.52 -39.10 -8.63
C ASP K 82 12.60 -39.31 -10.15
N ASP K 83 12.03 -40.41 -10.64
CA ASP K 83 12.11 -40.79 -12.05
C ASP K 83 10.71 -40.96 -12.64
N THR K 84 10.03 -42.06 -12.26
CA THR K 84 8.74 -42.43 -12.83
C THR K 84 7.65 -41.52 -12.31
N PHE K 85 6.56 -41.42 -13.08
CA PHE K 85 5.41 -40.61 -12.72
C PHE K 85 4.55 -41.36 -11.70
N GLU K 86 3.85 -40.58 -10.86
CA GLU K 86 2.83 -41.09 -9.96
C GLU K 86 1.63 -41.55 -10.78
N ALA K 87 0.94 -42.58 -10.30
CA ALA K 87 -0.24 -43.13 -10.96
C ALA K 87 -1.33 -42.06 -11.07
N LEU K 88 -2.11 -42.13 -12.16
CA LEU K 88 -3.20 -41.19 -12.42
C LEU K 88 -4.30 -41.42 -11.40
N CYS K 89 -4.23 -40.68 -10.28
CA CYS K 89 -5.16 -40.84 -9.17
C CYS K 89 -6.10 -39.64 -9.10
N ILE K 90 -7.39 -39.91 -9.26
CA ILE K 90 -8.45 -38.91 -9.11
C ILE K 90 -9.46 -39.44 -8.11
N GLU K 91 -9.27 -39.06 -6.83
CA GLU K 91 -10.15 -39.51 -5.76
C GLU K 91 -11.51 -38.82 -5.89
N PRO K 92 -12.59 -39.58 -6.16
CA PRO K 92 -13.87 -39.00 -6.58
C PRO K 92 -14.67 -38.32 -5.46
N PHE K 93 -15.50 -37.34 -5.85
CA PHE K 93 -16.29 -36.55 -4.92
C PHE K 93 -17.32 -37.43 -4.23
N SER K 94 -17.71 -37.01 -3.01
CA SER K 94 -18.68 -37.73 -2.21
C SER K 94 -20.01 -37.87 -2.96
N SER K 95 -20.87 -38.76 -2.45
CA SER K 95 -22.18 -38.98 -3.02
C SER K 95 -23.26 -38.30 -2.19
N PRO K 96 -24.27 -37.65 -2.81
CA PRO K 96 -25.31 -36.94 -2.07
C PRO K 96 -26.35 -37.88 -1.47
N PRO K 97 -26.89 -37.55 -0.28
CA PRO K 97 -27.99 -38.30 0.32
C PRO K 97 -29.17 -38.61 -0.61
N GLU K 98 -29.98 -39.60 -0.19
CA GLU K 98 -31.15 -40.06 -0.94
C GLU K 98 -32.05 -38.88 -1.27
N LEU K 99 -32.64 -38.93 -2.46
CA LEU K 99 -33.61 -37.96 -2.95
C LEU K 99 -34.88 -38.05 -2.10
N PRO K 100 -35.25 -36.99 -1.34
CA PRO K 100 -36.46 -37.00 -0.53
C PRO K 100 -37.72 -37.31 -1.34
N ASP K 101 -38.77 -37.75 -0.63
CA ASP K 101 -39.95 -38.36 -1.22
C ASP K 101 -40.76 -37.35 -2.02
N VAL K 102 -40.78 -36.09 -1.55
CA VAL K 102 -41.59 -35.05 -2.18
C VAL K 102 -40.76 -34.28 -3.21
N MET K 103 -39.44 -34.56 -3.24
CA MET K 103 -38.53 -33.93 -4.19
C MET K 103 -38.31 -34.83 -5.39
N LYS K 104 -38.93 -36.02 -5.36
CA LYS K 104 -39.13 -36.83 -6.56
C LYS K 104 -40.59 -36.75 -7.00
N PRO K 105 -40.88 -36.88 -8.32
CA PRO K 105 -42.21 -36.59 -8.85
C PRO K 105 -43.33 -37.52 -8.32
N THR L 3 -82.56 -3.35 -39.96
CA THR L 3 -81.54 -3.24 -38.87
C THR L 3 -80.67 -2.01 -39.10
N GLU L 4 -79.71 -1.80 -38.18
CA GLU L 4 -78.96 -0.56 -38.09
C GLU L 4 -77.49 -0.84 -37.79
N TYR L 5 -76.60 -0.15 -38.50
CA TYR L 5 -75.17 -0.39 -38.41
C TYR L 5 -74.47 0.82 -37.80
N LYS L 6 -73.56 0.55 -36.86
CA LYS L 6 -72.81 1.59 -36.16
C LYS L 6 -71.43 1.71 -36.80
N LEU L 7 -71.24 2.83 -37.52
CA LEU L 7 -69.98 3.11 -38.18
C LEU L 7 -69.28 4.22 -37.42
N VAL L 8 -67.98 4.01 -37.16
CA VAL L 8 -67.13 5.00 -36.51
C VAL L 8 -66.05 5.42 -37.50
N VAL L 9 -65.94 6.73 -37.72
CA VAL L 9 -65.04 7.27 -38.71
C VAL L 9 -63.85 7.88 -37.97
N VAL L 10 -62.65 7.37 -38.24
CA VAL L 10 -61.45 7.85 -37.58
C VAL L 10 -60.44 8.34 -38.62
N GLY L 11 -59.43 9.08 -38.15
CA GLY L 11 -58.42 9.64 -39.04
C GLY L 11 -57.91 10.97 -38.52
N ALA L 12 -56.72 11.37 -38.99
CA ALA L 12 -56.03 12.56 -38.49
C ALA L 12 -56.79 13.81 -38.94
N ASP L 13 -56.52 14.93 -38.26
CA ASP L 13 -57.22 16.17 -38.49
C ASP L 13 -57.15 16.54 -39.97
N GLY L 14 -58.31 16.84 -40.55
CA GLY L 14 -58.42 17.42 -41.87
C GLY L 14 -58.22 16.42 -43.01
N VAL L 15 -58.41 15.13 -42.72
CA VAL L 15 -58.39 14.10 -43.77
C VAL L 15 -59.72 14.14 -44.49
N GLY L 16 -60.73 14.68 -43.81
CA GLY L 16 -62.06 14.82 -44.38
C GLY L 16 -63.01 13.74 -43.89
N LYS L 17 -62.89 13.40 -42.60
CA LYS L 17 -63.88 12.53 -41.99
C LYS L 17 -65.23 13.23 -42.06
N SER L 18 -65.27 14.48 -41.60
CA SER L 18 -66.47 15.29 -41.60
C SER L 18 -67.07 15.37 -43.01
N ALA L 19 -66.24 15.64 -44.02
CA ALA L 19 -66.71 15.88 -45.38
C ALA L 19 -67.32 14.62 -45.98
N LEU L 20 -66.65 13.47 -45.80
CA LEU L 20 -67.11 12.20 -46.32
C LEU L 20 -68.47 11.86 -45.69
N THR L 21 -68.66 12.28 -44.44
CA THR L 21 -69.87 11.97 -43.70
C THR L 21 -71.00 12.92 -44.11
N ILE L 22 -70.63 14.13 -44.53
CA ILE L 22 -71.61 15.10 -44.98
C ILE L 22 -72.09 14.70 -46.37
N GLN L 23 -71.13 14.45 -47.27
CA GLN L 23 -71.43 14.06 -48.63
C GLN L 23 -72.39 12.88 -48.64
N LEU L 24 -72.27 11.98 -47.64
CA LEU L 24 -73.08 10.79 -47.55
C LEU L 24 -74.53 11.14 -47.22
N ILE L 25 -74.73 11.89 -46.13
CA ILE L 25 -76.06 12.00 -45.53
C ILE L 25 -76.75 13.31 -45.91
N GLN L 26 -76.08 14.15 -46.71
CA GLN L 26 -76.66 15.45 -47.07
C GLN L 26 -76.51 15.74 -48.57
N ASN L 27 -75.33 15.47 -49.13
CA ASN L 27 -75.11 15.49 -50.57
C ASN L 27 -74.37 16.75 -51.01
N HIS L 28 -73.36 17.18 -50.24
CA HIS L 28 -72.54 18.30 -50.66
C HIS L 28 -71.15 18.23 -50.04
N PHE L 29 -70.15 18.59 -50.84
CA PHE L 29 -68.78 18.74 -50.40
C PHE L 29 -68.68 20.04 -49.60
N VAL L 30 -68.72 19.89 -48.26
CA VAL L 30 -68.66 21.02 -47.35
C VAL L 30 -67.26 21.64 -47.41
N ASP L 31 -67.21 22.98 -47.52
CA ASP L 31 -65.98 23.65 -47.91
C ASP L 31 -65.13 23.96 -46.67
N GLU L 32 -65.79 24.41 -45.59
CA GLU L 32 -65.10 24.81 -44.37
C GLU L 32 -65.90 24.37 -43.15
N TYR L 33 -66.00 23.05 -42.93
CA TYR L 33 -66.74 22.61 -41.76
C TYR L 33 -65.82 22.43 -40.55
N ASP L 34 -66.37 22.75 -39.38
CA ASP L 34 -65.68 22.73 -38.09
C ASP L 34 -64.92 21.42 -37.91
N PRO L 35 -63.60 21.47 -37.66
CA PRO L 35 -62.83 20.27 -37.32
C PRO L 35 -62.85 20.09 -35.81
N THR L 36 -64.01 20.35 -35.20
CA THR L 36 -64.08 20.45 -33.75
C THR L 36 -65.26 19.64 -33.24
N ILE L 37 -66.23 19.40 -34.13
CA ILE L 37 -67.50 18.79 -33.77
C ILE L 37 -67.45 17.29 -34.01
N GLU L 38 -67.90 16.54 -32.98
CA GLU L 38 -67.97 15.08 -32.98
C GLU L 38 -69.45 14.67 -32.95
N ASP L 39 -70.14 14.86 -34.08
CA ASP L 39 -71.56 14.57 -34.20
C ASP L 39 -71.76 13.26 -34.95
N SER L 40 -72.80 12.51 -34.58
CA SER L 40 -73.21 11.30 -35.29
C SER L 40 -74.46 11.56 -36.13
N TYR L 41 -74.40 11.14 -37.40
CA TYR L 41 -75.46 11.36 -38.38
C TYR L 41 -76.21 10.04 -38.61
N ARG L 42 -77.30 10.10 -39.38
CA ARG L 42 -78.06 8.92 -39.76
C ARG L 42 -78.48 8.99 -41.21
N LYS L 43 -78.63 7.81 -41.83
CA LYS L 43 -79.15 7.64 -43.17
C LYS L 43 -79.67 6.23 -43.33
N GLN L 44 -80.90 6.12 -43.84
CA GLN L 44 -81.44 4.82 -44.23
C GLN L 44 -81.18 4.66 -45.72
N VAL L 45 -80.50 3.57 -46.10
CA VAL L 45 -80.09 3.38 -47.47
C VAL L 45 -80.33 1.92 -47.89
N VAL L 46 -80.10 1.65 -49.19
CA VAL L 46 -80.33 0.37 -49.81
C VAL L 46 -78.99 -0.24 -50.22
N ILE L 47 -78.59 -1.31 -49.52
CA ILE L 47 -77.34 -2.02 -49.77
C ILE L 47 -77.64 -3.48 -50.07
N ASP L 48 -77.22 -3.92 -51.27
CA ASP L 48 -77.44 -5.27 -51.76
C ASP L 48 -78.94 -5.59 -51.75
N GLY L 49 -79.75 -4.55 -52.00
CA GLY L 49 -81.20 -4.67 -52.04
C GLY L 49 -81.82 -4.78 -50.66
N GLU L 50 -81.03 -4.54 -49.62
CA GLU L 50 -81.49 -4.62 -48.24
C GLU L 50 -81.35 -3.25 -47.59
N THR L 51 -82.50 -2.68 -47.18
CA THR L 51 -82.54 -1.36 -46.58
C THR L 51 -82.15 -1.46 -45.11
N CYS L 52 -81.37 -0.48 -44.64
CA CYS L 52 -80.86 -0.47 -43.28
C CYS L 52 -80.54 0.97 -42.88
N LEU L 53 -80.55 1.22 -41.56
CA LEU L 53 -80.16 2.50 -41.01
C LEU L 53 -78.67 2.42 -40.65
N LEU L 54 -77.89 3.33 -41.23
CA LEU L 54 -76.51 3.52 -40.80
C LEU L 54 -76.50 4.56 -39.69
N ASP L 55 -75.65 4.33 -38.68
CA ASP L 55 -75.33 5.33 -37.67
C ASP L 55 -73.84 5.62 -37.74
N ILE L 56 -73.49 6.73 -38.43
CA ILE L 56 -72.12 7.12 -38.63
C ILE L 56 -71.69 8.04 -37.48
N LEU L 57 -70.50 7.79 -36.93
CA LEU L 57 -69.93 8.61 -35.87
C LEU L 57 -68.62 9.23 -36.37
N ASP L 58 -68.70 10.52 -36.74
CA ASP L 58 -67.55 11.34 -37.09
C ASP L 58 -66.80 11.63 -35.78
N THR L 59 -65.66 10.97 -35.57
CA THR L 59 -64.84 11.28 -34.41
C THR L 59 -64.09 12.59 -34.69
N ALA L 60 -63.83 13.31 -33.59
CA ALA L 60 -62.96 14.47 -33.61
C ALA L 60 -62.29 14.57 -32.24
N GLY L 61 -61.99 15.80 -31.81
CA GLY L 61 -61.30 16.01 -30.55
C GLY L 61 -59.79 16.12 -30.74
N GLN L 62 -59.06 15.84 -29.66
CA GLN L 62 -57.61 15.93 -29.70
C GLN L 62 -57.02 14.59 -29.26
N GLU L 63 -55.68 14.55 -29.21
CA GLU L 63 -54.90 13.33 -29.11
C GLU L 63 -54.83 12.84 -27.67
N GLU L 64 -55.89 13.13 -26.91
CA GLU L 64 -56.01 12.71 -25.51
C GLU L 64 -56.42 11.24 -25.45
N TYR L 65 -55.79 10.47 -24.56
CA TYR L 65 -56.29 9.14 -24.27
C TYR L 65 -57.32 9.20 -23.14
N SER L 66 -58.48 8.57 -23.38
CA SER L 66 -59.52 8.42 -22.38
C SER L 66 -60.16 7.04 -22.50
N ALA L 67 -60.51 6.45 -21.36
CA ALA L 67 -61.29 5.22 -21.33
C ALA L 67 -62.71 5.51 -21.81
N MET L 68 -63.16 6.76 -21.62
CA MET L 68 -64.46 7.22 -22.08
C MET L 68 -64.52 7.16 -23.60
N ARG L 69 -63.34 7.26 -24.22
CA ARG L 69 -63.19 7.20 -25.67
C ARG L 69 -63.10 5.74 -26.11
N ASP L 70 -62.59 4.88 -25.23
CA ASP L 70 -62.54 3.44 -25.44
C ASP L 70 -63.95 2.86 -25.36
N GLN L 71 -64.76 3.38 -24.43
CA GLN L 71 -66.17 3.01 -24.36
C GLN L 71 -66.82 3.31 -25.71
N TYR L 72 -66.62 4.54 -26.20
CA TYR L 72 -67.34 5.02 -27.37
C TYR L 72 -66.74 4.49 -28.66
N MET L 73 -65.73 3.61 -28.54
CA MET L 73 -65.12 2.96 -29.69
C MET L 73 -65.55 1.49 -29.73
N ARG L 74 -66.20 1.04 -28.65
CA ARG L 74 -66.68 -0.33 -28.55
C ARG L 74 -68.16 -0.38 -28.95
N THR L 75 -68.71 0.78 -29.30
CA THR L 75 -70.12 0.87 -29.66
C THR L 75 -70.29 0.65 -31.15
N GLY L 76 -69.30 1.13 -31.92
CA GLY L 76 -69.31 1.00 -33.37
C GLY L 76 -69.02 -0.42 -33.82
N GLU L 77 -69.73 -0.87 -34.87
CA GLU L 77 -69.56 -2.20 -35.40
C GLU L 77 -68.38 -2.22 -36.37
N GLY L 78 -68.32 -1.21 -37.27
CA GLY L 78 -67.28 -1.09 -38.27
C GLY L 78 -66.63 0.29 -38.26
N PHE L 79 -65.43 0.39 -38.86
CA PHE L 79 -64.59 1.57 -38.70
C PHE L 79 -63.98 2.02 -40.03
N LEU L 80 -64.21 3.29 -40.37
CA LEU L 80 -63.55 3.89 -41.52
C LEU L 80 -62.26 4.55 -41.06
N CYS L 81 -61.14 3.96 -41.45
CA CYS L 81 -59.84 4.55 -41.19
C CYS L 81 -59.44 5.41 -42.39
N VAL L 82 -59.58 6.73 -42.23
CA VAL L 82 -59.45 7.63 -43.37
C VAL L 82 -58.12 8.37 -43.30
N PHE L 83 -57.45 8.43 -44.46
CA PHE L 83 -56.28 9.28 -44.64
C PHE L 83 -56.41 10.03 -45.97
N ALA L 84 -55.60 11.09 -46.12
CA ALA L 84 -55.60 11.89 -47.34
C ALA L 84 -54.35 11.60 -48.15
N ILE L 85 -54.54 11.39 -49.46
CA ILE L 85 -53.52 10.87 -50.36
C ILE L 85 -52.36 11.85 -50.48
N ASN L 86 -52.57 13.08 -50.01
CA ASN L 86 -51.60 14.16 -50.09
C ASN L 86 -51.03 14.45 -48.71
N ASN L 87 -51.14 13.48 -47.78
CA ASN L 87 -50.76 13.69 -46.40
C ASN L 87 -50.07 12.44 -45.87
N THR L 88 -48.73 12.45 -45.92
CA THR L 88 -47.92 11.35 -45.42
C THR L 88 -48.30 11.05 -43.99
N LYS L 89 -48.38 12.11 -43.17
CA LYS L 89 -48.63 12.02 -41.74
C LYS L 89 -49.93 11.24 -41.49
N SER L 90 -51.00 11.62 -42.20
CA SER L 90 -52.31 11.03 -42.00
C SER L 90 -52.26 9.52 -42.21
N PHE L 91 -51.40 9.08 -43.13
CA PHE L 91 -51.23 7.68 -43.47
C PHE L 91 -50.37 6.99 -42.42
N GLU L 92 -49.21 7.57 -42.11
CA GLU L 92 -48.35 7.08 -41.03
C GLU L 92 -49.24 6.79 -39.83
N ASP L 93 -50.14 7.75 -39.54
CA ASP L 93 -51.07 7.71 -38.43
C ASP L 93 -51.91 6.43 -38.44
N ILE L 94 -52.30 5.97 -39.64
CA ILE L 94 -53.31 4.92 -39.77
C ILE L 94 -53.00 3.79 -38.80
N HIS L 95 -51.74 3.34 -38.77
CA HIS L 95 -51.36 2.18 -37.98
C HIS L 95 -51.91 2.31 -36.57
N HIS L 96 -51.70 3.48 -35.96
CA HIS L 96 -52.04 3.70 -34.57
C HIS L 96 -53.53 3.46 -34.34
N TYR L 97 -54.37 3.93 -35.26
CA TYR L 97 -55.79 3.71 -35.18
C TYR L 97 -56.08 2.22 -35.14
N ARG L 98 -55.68 1.51 -36.20
CA ARG L 98 -55.84 0.07 -36.26
C ARG L 98 -55.59 -0.53 -34.87
N GLU L 99 -54.37 -0.32 -34.35
CA GLU L 99 -53.93 -0.95 -33.12
C GLU L 99 -54.92 -0.68 -31.99
N GLN L 100 -55.38 0.57 -31.92
CA GLN L 100 -56.27 1.03 -30.88
C GLN L 100 -57.63 0.37 -31.03
N ILE L 101 -58.06 0.21 -32.30
CA ILE L 101 -59.34 -0.41 -32.59
C ILE L 101 -59.30 -1.87 -32.13
N LYS L 102 -58.20 -2.55 -32.47
CA LYS L 102 -58.00 -3.94 -32.11
C LYS L 102 -57.91 -4.06 -30.58
N ARG L 103 -57.13 -3.15 -29.97
CA ARG L 103 -56.87 -3.18 -28.54
C ARG L 103 -58.19 -3.23 -27.77
N VAL L 104 -59.24 -2.61 -28.34
CA VAL L 104 -60.49 -2.36 -27.64
C VAL L 104 -61.51 -3.46 -27.92
N LYS L 105 -61.73 -3.75 -29.21
CA LYS L 105 -62.77 -4.69 -29.63
C LYS L 105 -62.29 -6.12 -29.42
N ASP L 106 -60.98 -6.25 -29.17
CA ASP L 106 -60.33 -7.45 -28.66
C ASP L 106 -60.36 -8.56 -29.71
N SER L 107 -59.91 -8.22 -30.92
CA SER L 107 -60.02 -9.06 -32.10
C SER L 107 -59.03 -8.57 -33.15
N GLU L 108 -58.79 -9.38 -34.19
CA GLU L 108 -58.12 -8.91 -35.38
C GLU L 108 -59.14 -8.76 -36.50
N ASP L 109 -60.19 -9.60 -36.45
CA ASP L 109 -61.18 -9.72 -37.49
C ASP L 109 -62.25 -8.64 -37.30
N VAL L 110 -61.88 -7.54 -36.65
CA VAL L 110 -62.83 -6.45 -36.42
C VAL L 110 -62.99 -5.67 -37.72
N PRO L 111 -64.24 -5.52 -38.23
CA PRO L 111 -64.49 -4.93 -39.55
C PRO L 111 -63.98 -3.49 -39.66
N MET L 112 -63.56 -3.11 -40.87
CA MET L 112 -62.73 -1.94 -41.05
C MET L 112 -62.35 -1.82 -42.51
N VAL L 113 -62.12 -0.59 -42.98
CA VAL L 113 -61.78 -0.33 -44.38
C VAL L 113 -60.97 0.96 -44.48
N LEU L 114 -59.72 0.81 -44.95
CA LEU L 114 -58.82 1.92 -45.16
C LEU L 114 -59.31 2.75 -46.35
N VAL L 115 -59.44 4.06 -46.15
CA VAL L 115 -59.94 4.94 -47.19
C VAL L 115 -58.93 6.05 -47.43
N GLY L 116 -58.49 6.17 -48.68
CA GLY L 116 -57.68 7.28 -49.14
C GLY L 116 -58.55 8.38 -49.72
N ASN L 117 -58.73 9.46 -48.96
CA ASN L 117 -59.65 10.53 -49.32
C ASN L 117 -58.93 11.58 -50.17
N LYS L 118 -59.71 12.57 -50.61
CA LYS L 118 -59.23 13.66 -51.46
C LYS L 118 -58.40 13.10 -52.60
N CYS L 119 -59.05 12.29 -53.46
CA CYS L 119 -58.33 11.66 -54.56
C CYS L 119 -58.60 12.41 -55.86
N ASP L 120 -59.15 13.62 -55.75
CA ASP L 120 -59.31 14.49 -56.91
C ASP L 120 -58.04 15.31 -57.13
N LEU L 121 -57.20 15.42 -56.09
CA LEU L 121 -56.03 16.29 -56.08
C LEU L 121 -54.90 15.65 -56.87
N PRO L 122 -54.13 16.45 -57.66
CA PRO L 122 -52.99 15.93 -58.42
C PRO L 122 -51.81 15.55 -57.53
N SER L 123 -51.43 16.46 -56.63
CA SER L 123 -50.32 16.26 -55.73
C SER L 123 -50.61 15.05 -54.83
N ARG L 124 -49.70 14.07 -54.83
CA ARG L 124 -49.96 12.78 -54.20
C ARG L 124 -48.67 12.25 -53.59
N THR L 125 -48.67 12.06 -52.27
CA THR L 125 -47.47 11.67 -51.53
C THR L 125 -47.47 10.16 -51.28
N VAL L 126 -48.64 9.62 -50.97
CA VAL L 126 -48.81 8.19 -50.75
C VAL L 126 -49.57 7.62 -51.94
N ASP L 127 -48.86 6.85 -52.79
CA ASP L 127 -49.42 6.23 -53.97
C ASP L 127 -50.26 5.03 -53.55
N THR L 128 -50.82 4.33 -54.55
CA THR L 128 -51.86 3.33 -54.34
C THR L 128 -51.26 1.99 -53.90
N LYS L 129 -50.11 1.62 -54.47
CA LYS L 129 -49.47 0.33 -54.20
C LYS L 129 -49.19 0.19 -52.71
N GLN L 130 -48.86 1.33 -52.07
CA GLN L 130 -48.53 1.40 -50.65
C GLN L 130 -49.74 1.04 -49.80
N ALA L 131 -50.88 1.66 -50.13
CA ALA L 131 -52.12 1.52 -49.37
C ALA L 131 -52.66 0.10 -49.48
N GLN L 132 -52.65 -0.44 -50.72
CA GLN L 132 -53.13 -1.78 -50.99
C GLN L 132 -52.33 -2.80 -50.20
N ASP L 133 -51.01 -2.55 -50.07
CA ASP L 133 -50.13 -3.44 -49.34
C ASP L 133 -50.43 -3.39 -47.85
N LEU L 134 -50.55 -2.18 -47.30
CA LEU L 134 -50.96 -2.01 -45.92
C LEU L 134 -52.31 -2.70 -45.72
N ALA L 135 -53.29 -2.32 -46.55
CA ALA L 135 -54.62 -2.92 -46.53
C ALA L 135 -54.50 -4.44 -46.56
N ARG L 136 -53.55 -4.93 -47.37
CA ARG L 136 -53.30 -6.35 -47.52
C ARG L 136 -52.87 -6.93 -46.18
N SER L 137 -51.91 -6.27 -45.52
CA SER L 137 -51.30 -6.76 -44.30
C SER L 137 -52.38 -6.94 -43.22
N TYR L 138 -53.27 -5.95 -43.12
CA TYR L 138 -54.37 -6.01 -42.16
C TYR L 138 -55.45 -6.94 -42.71
N GLY L 139 -55.50 -7.04 -44.04
CA GLY L 139 -56.49 -7.87 -44.71
C GLY L 139 -57.88 -7.21 -44.68
N ILE L 140 -57.97 -6.05 -45.32
CA ILE L 140 -59.19 -5.25 -45.33
C ILE L 140 -59.22 -4.44 -46.62
N PRO L 141 -60.43 -4.11 -47.13
CA PRO L 141 -60.57 -3.36 -48.39
C PRO L 141 -60.00 -1.95 -48.32
N PHE L 142 -59.34 -1.53 -49.41
CA PHE L 142 -58.92 -0.15 -49.58
C PHE L 142 -59.75 0.49 -50.68
N ILE L 143 -60.24 1.71 -50.43
CA ILE L 143 -61.07 2.44 -51.38
C ILE L 143 -60.61 3.89 -51.46
N GLU L 144 -60.15 4.30 -52.64
CA GLU L 144 -59.86 5.70 -52.89
C GLU L 144 -61.17 6.46 -53.09
N THR L 145 -61.37 7.48 -52.24
CA THR L 145 -62.59 8.27 -52.31
C THR L 145 -62.21 9.75 -52.39
N SER L 146 -63.21 10.57 -52.75
CA SER L 146 -63.10 12.01 -52.73
C SER L 146 -64.46 12.60 -52.36
N ALA L 147 -64.55 13.20 -51.17
CA ALA L 147 -65.77 13.85 -50.73
C ALA L 147 -66.11 15.00 -51.69
N LYS L 148 -65.09 15.55 -52.36
CA LYS L 148 -65.29 16.65 -53.29
C LYS L 148 -66.09 16.17 -54.50
N THR L 149 -65.49 15.28 -55.31
CA THR L 149 -66.13 14.82 -56.53
C THR L 149 -67.30 13.88 -56.19
N ARG L 150 -67.32 13.41 -54.93
CA ARG L 150 -68.24 12.42 -54.40
C ARG L 150 -67.98 11.05 -55.02
N GLN L 151 -66.75 10.84 -55.50
CA GLN L 151 -66.32 9.55 -55.99
C GLN L 151 -66.19 8.59 -54.82
N GLY L 152 -66.73 7.38 -54.99
CA GLY L 152 -66.43 6.25 -54.13
C GLY L 152 -66.86 6.47 -52.68
N VAL L 153 -67.53 7.60 -52.41
CA VAL L 153 -68.04 7.86 -51.07
C VAL L 153 -68.97 6.72 -50.66
N ASP L 154 -69.70 6.19 -51.65
CA ASP L 154 -70.67 5.13 -51.42
C ASP L 154 -69.96 3.82 -51.12
N ASP L 155 -69.05 3.41 -52.01
CA ASP L 155 -68.32 2.18 -51.89
C ASP L 155 -67.83 2.03 -50.45
N ALA L 156 -66.96 2.96 -50.05
CA ALA L 156 -66.36 3.03 -48.73
C ALA L 156 -67.35 2.58 -47.66
N PHE L 157 -68.51 3.24 -47.61
CA PHE L 157 -69.44 3.05 -46.51
C PHE L 157 -70.09 1.67 -46.59
N TYR L 158 -70.51 1.29 -47.81
CA TYR L 158 -71.32 0.11 -48.00
C TYR L 158 -70.47 -1.14 -47.80
N THR L 159 -69.21 -1.07 -48.25
CA THR L 159 -68.25 -2.16 -48.12
C THR L 159 -68.12 -2.52 -46.64
N LEU L 160 -68.04 -1.48 -45.80
CA LEU L 160 -67.98 -1.63 -44.35
C LEU L 160 -69.26 -2.31 -43.85
N VAL L 161 -70.41 -1.92 -44.41
CA VAL L 161 -71.67 -2.57 -44.08
C VAL L 161 -71.54 -4.06 -44.37
N ARG L 162 -71.03 -4.36 -45.58
CA ARG L 162 -70.83 -5.73 -46.04
C ARG L 162 -69.89 -6.47 -45.09
N GLU L 163 -68.88 -5.75 -44.57
CA GLU L 163 -67.85 -6.31 -43.72
C GLU L 163 -68.40 -6.58 -42.32
N ILE L 164 -69.48 -5.88 -41.97
CA ILE L 164 -70.19 -6.17 -40.73
C ILE L 164 -71.25 -7.22 -41.01
N ARG L 165 -71.72 -7.29 -42.26
CA ARG L 165 -72.57 -8.39 -42.69
C ARG L 165 -71.76 -9.68 -42.67
N LYS L 166 -70.56 -9.62 -43.28
CA LYS L 166 -69.68 -10.78 -43.43
C LYS L 166 -69.28 -11.32 -42.07
N HIS L 167 -68.78 -10.43 -41.21
CA HIS L 167 -68.57 -10.76 -39.81
C HIS L 167 -69.91 -11.19 -39.21
N LYS L 168 -69.99 -12.48 -38.82
CA LYS L 168 -71.22 -13.06 -38.30
C LYS L 168 -71.54 -12.46 -36.92
N ARG M 10 -23.44 18.21 -44.92
CA ARG M 10 -23.78 18.33 -46.37
C ARG M 10 -24.34 17.01 -46.91
N PRO M 11 -23.62 15.86 -46.83
CA PRO M 11 -24.23 14.55 -47.12
C PRO M 11 -25.29 14.19 -46.09
N VAL M 12 -26.34 13.51 -46.54
CA VAL M 12 -27.49 13.26 -45.68
C VAL M 12 -27.23 12.02 -44.81
N LEU M 13 -26.20 11.24 -45.18
CA LEU M 13 -25.89 10.03 -44.43
C LEU M 13 -24.58 10.21 -43.67
N ARG M 14 -24.70 10.82 -42.48
CA ARG M 14 -23.56 11.27 -41.71
C ARG M 14 -23.96 11.28 -40.23
N SER M 15 -22.97 11.13 -39.36
CA SER M 15 -23.19 11.38 -37.94
C SER M 15 -23.35 12.88 -37.73
N VAL M 16 -24.04 13.28 -36.65
CA VAL M 16 -24.22 14.68 -36.32
C VAL M 16 -23.58 14.97 -34.96
N ASN M 17 -22.91 16.13 -34.86
CA ASN M 17 -22.26 16.57 -33.62
C ASN M 17 -23.32 16.78 -32.55
N SER M 18 -23.38 15.85 -31.58
CA SER M 18 -24.50 15.84 -30.66
C SER M 18 -24.09 16.32 -29.28
N ARG M 19 -22.80 16.15 -28.96
CA ARG M 19 -22.18 16.70 -27.76
C ARG M 19 -22.71 16.02 -26.50
N GLU M 20 -23.59 15.02 -26.66
CA GLU M 20 -24.09 14.25 -25.54
C GLU M 20 -24.04 12.76 -25.86
N PRO M 21 -23.19 11.98 -25.16
CA PRO M 21 -23.00 10.57 -25.48
C PRO M 21 -24.19 9.67 -25.13
N SER M 22 -24.19 8.48 -25.76
CA SER M 22 -25.10 7.40 -25.47
C SER M 22 -24.33 6.08 -25.41
N GLN M 23 -24.57 5.29 -24.36
CA GLN M 23 -24.00 3.96 -24.26
C GLN M 23 -24.92 3.01 -25.01
N VAL M 24 -24.31 2.19 -25.90
CA VAL M 24 -25.03 1.26 -26.74
C VAL M 24 -24.39 -0.11 -26.61
N ILE M 25 -25.22 -1.17 -26.57
CA ILE M 25 -24.76 -2.56 -26.65
C ILE M 25 -24.85 -3.05 -28.10
N PHE M 26 -23.68 -3.34 -28.70
CA PHE M 26 -23.65 -4.07 -29.95
C PHE M 26 -23.52 -5.56 -29.64
N CYS M 27 -24.60 -6.33 -29.81
CA CYS M 27 -24.43 -7.77 -29.74
C CYS M 27 -24.65 -8.40 -31.12
N ASN M 28 -23.68 -9.22 -31.54
CA ASN M 28 -23.71 -9.91 -32.82
C ASN M 28 -24.49 -11.20 -32.66
N ARG M 29 -25.73 -11.23 -33.17
CA ARG M 29 -26.54 -12.43 -33.13
C ARG M 29 -26.63 -13.00 -34.55
N SER M 30 -25.63 -12.67 -35.37
CA SER M 30 -25.37 -13.36 -36.62
C SER M 30 -24.29 -14.41 -36.38
N PRO M 31 -24.03 -15.33 -37.34
CA PRO M 31 -22.93 -16.27 -37.21
C PRO M 31 -21.68 -15.77 -37.95
N ARG M 32 -21.73 -14.53 -38.42
CA ARG M 32 -20.60 -13.89 -39.06
C ARG M 32 -19.81 -13.11 -38.01
N VAL M 33 -18.59 -12.72 -38.40
CA VAL M 33 -17.85 -11.68 -37.71
C VAL M 33 -18.41 -10.33 -38.16
N VAL M 34 -18.80 -9.49 -37.20
CA VAL M 34 -19.43 -8.22 -37.51
C VAL M 34 -18.39 -7.11 -37.40
N LEU M 35 -18.29 -6.31 -38.48
CA LEU M 35 -17.42 -5.14 -38.48
C LEU M 35 -18.31 -3.92 -38.27
N PRO M 36 -18.33 -3.32 -37.06
CA PRO M 36 -19.08 -2.09 -36.84
C PRO M 36 -18.46 -1.03 -37.75
N VAL M 37 -19.32 -0.43 -38.58
CA VAL M 37 -18.91 0.69 -39.40
C VAL M 37 -19.61 1.94 -38.87
N TRP M 38 -18.85 3.05 -38.82
CA TRP M 38 -19.43 4.31 -38.40
C TRP M 38 -19.21 5.35 -39.51
N LEU M 39 -20.29 6.03 -39.90
CA LEU M 39 -20.18 7.13 -40.84
C LEU M 39 -19.80 8.38 -40.04
N ASN M 40 -18.69 9.02 -40.44
CA ASN M 40 -18.23 10.22 -39.77
C ASN M 40 -19.11 11.39 -40.18
N PHE M 41 -18.67 12.60 -39.78
CA PHE M 41 -19.44 13.81 -39.95
C PHE M 41 -19.41 14.23 -41.41
N ASP M 42 -18.34 13.86 -42.11
CA ASP M 42 -18.23 14.11 -43.54
C ASP M 42 -19.00 13.02 -44.29
N GLY M 43 -19.14 11.84 -43.68
CA GLY M 43 -19.86 10.74 -44.29
C GLY M 43 -18.94 9.59 -44.70
N GLU M 44 -17.62 9.82 -44.61
CA GLU M 44 -16.65 8.76 -44.82
C GLU M 44 -16.84 7.68 -43.74
N PRO M 45 -17.08 6.41 -44.15
CA PRO M 45 -17.30 5.32 -43.20
C PRO M 45 -15.99 4.86 -42.55
N GLN M 46 -16.06 4.57 -41.25
CA GLN M 46 -14.89 4.33 -40.41
C GLN M 46 -15.03 3.00 -39.70
N PRO M 47 -14.03 2.10 -39.86
CA PRO M 47 -14.10 0.74 -39.32
C PRO M 47 -13.66 0.64 -37.86
N TYR M 48 -14.54 0.07 -37.03
CA TYR M 48 -14.32 -0.18 -35.61
C TYR M 48 -14.01 -1.66 -35.40
N PRO M 49 -13.52 -2.10 -34.22
CA PRO M 49 -13.04 -3.47 -34.05
C PRO M 49 -14.16 -4.52 -34.09
N THR M 50 -13.80 -5.72 -34.56
CA THR M 50 -14.76 -6.74 -34.95
C THR M 50 -15.46 -7.32 -33.73
N LEU M 51 -16.69 -7.78 -33.95
CA LEU M 51 -17.48 -8.53 -33.01
C LEU M 51 -17.59 -9.98 -33.47
N PRO M 52 -16.97 -10.94 -32.74
CA PRO M 52 -17.27 -12.36 -32.91
C PRO M 52 -18.73 -12.75 -32.71
N PRO M 53 -19.21 -13.78 -33.46
CA PRO M 53 -20.57 -14.30 -33.29
C PRO M 53 -20.88 -14.53 -31.82
N GLY M 54 -22.15 -14.31 -31.47
CA GLY M 54 -22.69 -14.62 -30.15
C GLY M 54 -22.19 -13.65 -29.08
N THR M 55 -21.35 -12.68 -29.48
CA THR M 55 -20.68 -11.83 -28.52
C THR M 55 -21.19 -10.40 -28.61
N GLY M 56 -21.55 -9.86 -27.44
CA GLY M 56 -21.97 -8.47 -27.32
C GLY M 56 -21.02 -7.65 -26.44
N ARG M 57 -21.06 -6.32 -26.64
CA ARG M 57 -20.30 -5.38 -25.84
C ARG M 57 -21.12 -4.09 -25.72
N ARG M 58 -21.06 -3.45 -24.54
CA ARG M 58 -21.63 -2.13 -24.36
C ARG M 58 -20.58 -1.08 -24.71
N ILE M 59 -20.94 -0.14 -25.58
CA ILE M 59 -20.00 0.75 -26.26
C ILE M 59 -20.42 2.20 -26.02
N HIS M 60 -19.42 3.09 -25.92
CA HIS M 60 -19.73 4.50 -25.79
C HIS M 60 -19.70 5.14 -27.17
N SER M 61 -20.86 5.63 -27.60
CA SER M 61 -21.01 6.42 -28.80
C SER M 61 -21.74 7.71 -28.45
N TYR M 62 -22.35 8.37 -29.45
CA TYR M 62 -23.03 9.64 -29.26
C TYR M 62 -24.41 9.60 -29.89
N ARG M 63 -25.34 10.32 -29.26
CA ARG M 63 -26.68 10.51 -29.80
C ARG M 63 -26.57 11.07 -31.22
N GLY M 64 -27.44 10.60 -32.12
CA GLY M 64 -27.44 11.09 -33.49
C GLY M 64 -26.29 10.55 -34.34
N HIS M 65 -25.56 9.56 -33.83
CA HIS M 65 -24.47 8.97 -34.59
C HIS M 65 -24.99 7.81 -35.44
N LEU M 66 -24.35 7.61 -36.59
CA LEU M 66 -24.86 6.70 -37.61
C LEU M 66 -23.99 5.44 -37.65
N TRP M 67 -24.63 4.28 -37.46
CA TRP M 67 -23.95 2.99 -37.51
C TRP M 67 -24.59 2.04 -38.52
N LEU M 68 -23.74 1.25 -39.17
CA LEU M 68 -24.16 0.16 -40.04
C LEU M 68 -23.14 -0.97 -39.97
N PHE M 69 -23.59 -2.21 -40.19
CA PHE M 69 -22.76 -3.37 -39.92
C PHE M 69 -22.65 -4.28 -41.14
N ARG M 70 -21.45 -4.85 -41.32
CA ARG M 70 -21.20 -5.78 -42.40
C ARG M 70 -20.55 -7.03 -41.82
N ASP M 71 -20.57 -8.11 -42.61
CA ASP M 71 -19.77 -9.29 -42.38
C ASP M 71 -18.32 -8.93 -42.67
N ALA M 72 -17.46 -9.07 -41.65
CA ALA M 72 -16.16 -8.44 -41.64
C ALA M 72 -15.25 -9.04 -42.72
N GLY M 73 -15.43 -10.33 -42.98
CA GLY M 73 -14.64 -11.03 -43.99
C GLY M 73 -14.94 -10.51 -45.39
N THR M 74 -16.23 -10.45 -45.74
CA THR M 74 -16.62 -10.29 -47.13
C THR M 74 -17.52 -9.06 -47.32
N HIS M 75 -17.70 -8.28 -46.25
CA HIS M 75 -18.43 -7.04 -46.33
C HIS M 75 -19.87 -7.28 -46.77
N ASP M 76 -20.37 -8.49 -46.51
CA ASP M 76 -21.78 -8.80 -46.67
C ASP M 76 -22.59 -7.91 -45.73
N GLY M 77 -23.72 -7.42 -46.24
CA GLY M 77 -24.62 -6.57 -45.47
C GLY M 77 -25.32 -7.33 -44.34
N LEU M 78 -25.63 -6.60 -43.26
CA LEU M 78 -26.22 -7.19 -42.09
C LEU M 78 -27.38 -6.31 -41.64
N LEU M 79 -28.34 -6.90 -40.92
CA LEU M 79 -29.39 -6.11 -40.32
C LEU M 79 -29.05 -5.78 -38.87
N VAL M 80 -29.48 -4.59 -38.44
CA VAL M 80 -29.42 -4.21 -37.05
C VAL M 80 -30.80 -3.71 -36.63
N ASN M 81 -31.44 -4.43 -35.70
CA ASN M 81 -32.76 -4.07 -35.21
C ASN M 81 -33.72 -3.98 -36.40
N GLN M 82 -33.55 -4.89 -37.36
CA GLN M 82 -34.49 -4.99 -38.46
C GLN M 82 -34.09 -4.04 -39.59
N THR M 83 -33.43 -2.93 -39.25
CA THR M 83 -33.07 -1.95 -40.26
C THR M 83 -31.61 -2.08 -40.65
N GLU M 84 -31.24 -1.36 -41.72
CA GLU M 84 -29.88 -1.39 -42.23
C GLU M 84 -29.02 -0.33 -41.54
N LEU M 85 -29.69 0.58 -40.80
CA LEU M 85 -29.01 1.71 -40.21
C LEU M 85 -29.39 1.86 -38.74
N PHE M 86 -28.36 2.09 -37.91
CA PHE M 86 -28.57 2.24 -36.48
C PHE M 86 -28.19 3.64 -36.02
N VAL M 87 -29.16 4.31 -35.36
CA VAL M 87 -28.93 5.56 -34.66
C VAL M 87 -29.63 5.48 -33.32
N PRO M 88 -28.91 5.70 -32.20
CA PRO M 88 -29.49 5.53 -30.87
C PRO M 88 -30.19 6.79 -30.35
N SER M 89 -31.32 6.55 -29.70
CA SER M 89 -32.10 7.58 -29.03
C SER M 89 -31.36 8.07 -27.78
N LEU M 90 -31.86 9.11 -27.13
CA LEU M 90 -31.38 9.41 -25.79
C LEU M 90 -31.88 8.31 -24.86
N ASN M 91 -31.00 7.84 -23.97
CA ASN M 91 -31.35 6.76 -23.06
C ASN M 91 -32.18 7.34 -21.93
N VAL M 92 -33.34 6.73 -21.67
CA VAL M 92 -34.15 7.11 -20.53
C VAL M 92 -33.41 6.65 -19.27
N ASP M 93 -33.00 7.61 -18.44
CA ASP M 93 -32.56 7.35 -17.07
C ASP M 93 -31.28 6.51 -17.05
N GLY M 94 -30.42 6.70 -18.05
CA GLY M 94 -29.11 6.06 -18.08
C GLY M 94 -29.15 4.60 -18.57
N GLN M 95 -30.36 4.05 -18.76
CA GLN M 95 -30.54 2.72 -19.31
C GLN M 95 -30.04 2.71 -20.76
N PRO M 96 -29.17 1.76 -21.15
CA PRO M 96 -28.51 1.81 -22.47
C PRO M 96 -29.33 1.23 -23.62
N ILE M 97 -29.01 1.69 -24.84
CA ILE M 97 -29.68 1.26 -26.06
C ILE M 97 -29.10 -0.07 -26.50
N PHE M 98 -29.89 -0.86 -27.23
CA PHE M 98 -29.51 -2.21 -27.67
C PHE M 98 -29.47 -2.31 -29.20
N ALA M 99 -28.40 -2.93 -29.71
CA ALA M 99 -28.18 -3.03 -31.14
C ALA M 99 -28.02 -4.49 -31.55
N ASN M 100 -29.16 -5.15 -31.74
CA ASN M 100 -29.22 -6.53 -32.19
C ASN M 100 -28.75 -6.60 -33.64
N ILE M 101 -27.63 -7.29 -33.88
CA ILE M 101 -27.08 -7.42 -35.21
C ILE M 101 -27.37 -8.81 -35.77
N THR M 102 -28.11 -8.89 -36.89
CA THR M 102 -28.56 -10.16 -37.46
C THR M 102 -28.24 -10.24 -38.95
N LEU M 103 -28.54 -11.41 -39.55
CA LEU M 103 -28.54 -11.60 -40.98
C LEU M 103 -29.81 -11.00 -41.58
N PRO M 104 -29.74 -10.40 -42.78
CA PRO M 104 -30.94 -10.10 -43.54
C PRO M 104 -31.31 -11.37 -44.29
N VAL M 105 -32.57 -11.45 -44.69
CA VAL M 105 -32.99 -12.54 -45.56
C VAL M 105 -32.56 -12.15 -46.96
N TYR M 106 -31.33 -12.54 -47.34
CA TYR M 106 -30.85 -12.24 -48.68
C TYR M 106 -31.68 -13.00 -49.70
N THR M 107 -31.69 -12.47 -50.92
CA THR M 107 -32.30 -13.19 -52.02
C THR M 107 -31.45 -14.42 -52.32
N LEU M 108 -32.11 -15.50 -52.73
CA LEU M 108 -31.46 -16.77 -52.99
C LEU M 108 -30.19 -16.49 -53.78
N LYS M 109 -30.29 -15.55 -54.72
CA LYS M 109 -29.25 -15.27 -55.70
C LYS M 109 -27.99 -14.72 -55.03
N GLU M 110 -28.12 -13.65 -54.24
CA GLU M 110 -26.90 -13.11 -53.66
C GLU M 110 -26.63 -13.78 -52.32
N ARG M 111 -27.49 -14.75 -51.98
CA ARG M 111 -27.09 -15.77 -51.02
C ARG M 111 -26.14 -16.71 -51.75
N CYS M 112 -26.61 -17.24 -52.87
CA CYS M 112 -25.82 -18.12 -53.71
C CYS M 112 -24.49 -17.46 -54.08
N LEU M 113 -24.54 -16.19 -54.48
CA LEU M 113 -23.29 -15.54 -54.87
C LEU M 113 -22.31 -15.66 -53.70
N GLN M 114 -22.76 -15.35 -52.48
CA GLN M 114 -21.94 -15.47 -51.28
C GLN M 114 -21.20 -16.82 -51.26
N VAL M 115 -21.95 -17.91 -51.48
CA VAL M 115 -21.38 -19.23 -51.33
C VAL M 115 -20.34 -19.46 -52.40
N VAL M 116 -20.72 -19.25 -53.67
CA VAL M 116 -19.83 -19.49 -54.79
C VAL M 116 -18.56 -18.65 -54.61
N ARG M 117 -18.71 -17.43 -54.06
CA ARG M 117 -17.63 -16.48 -53.89
C ARG M 117 -16.73 -16.93 -52.76
N SER M 118 -17.27 -17.76 -51.87
CA SER M 118 -16.58 -18.24 -50.69
C SER M 118 -15.84 -19.52 -51.04
N LEU M 119 -16.08 -20.04 -52.24
CA LEU M 119 -15.61 -21.36 -52.59
C LEU M 119 -14.72 -21.29 -53.83
N VAL M 120 -14.62 -20.09 -54.41
CA VAL M 120 -13.97 -19.93 -55.70
C VAL M 120 -13.11 -18.68 -55.61
N LYS M 121 -11.79 -18.86 -55.76
CA LYS M 121 -10.84 -17.76 -55.76
C LYS M 121 -11.15 -16.84 -56.95
N PRO M 122 -11.05 -15.50 -56.81
CA PRO M 122 -11.76 -14.58 -57.69
C PRO M 122 -11.33 -14.71 -59.15
N GLU M 123 -10.04 -14.98 -59.37
CA GLU M 123 -9.48 -15.11 -60.70
C GLU M 123 -10.18 -16.25 -61.45
N ASN M 124 -10.73 -17.20 -60.69
CA ASN M 124 -11.24 -18.44 -61.24
C ASN M 124 -12.75 -18.41 -61.41
N TYR M 125 -13.42 -17.31 -61.03
CA TYR M 125 -14.84 -17.20 -61.30
C TYR M 125 -15.09 -17.56 -62.77
N ARG M 126 -14.25 -17.05 -63.67
CA ARG M 126 -14.48 -17.18 -65.11
C ARG M 126 -14.30 -18.63 -65.60
N ARG M 127 -14.11 -19.58 -64.68
CA ARG M 127 -13.94 -20.98 -65.07
C ARG M 127 -15.15 -21.81 -64.64
N LEU M 128 -16.07 -21.18 -63.90
CA LEU M 128 -17.31 -21.83 -63.52
C LEU M 128 -18.22 -21.92 -64.75
N ASP M 129 -18.81 -23.11 -64.93
CA ASP M 129 -19.61 -23.43 -66.11
C ASP M 129 -21.01 -22.84 -65.96
N ILE M 130 -21.10 -21.50 -66.08
CA ILE M 130 -22.31 -20.79 -65.68
C ILE M 130 -22.58 -19.67 -66.69
N VAL M 131 -23.86 -19.46 -67.01
CA VAL M 131 -24.27 -18.40 -67.92
C VAL M 131 -23.50 -17.12 -67.58
N ARG M 132 -23.02 -16.44 -68.64
CA ARG M 132 -21.87 -15.56 -68.54
C ARG M 132 -22.19 -14.26 -67.81
N SER M 133 -23.47 -13.90 -67.72
CA SER M 133 -23.87 -12.69 -67.01
C SER M 133 -23.35 -12.73 -65.58
N LEU M 134 -23.34 -13.93 -65.00
CA LEU M 134 -23.17 -14.14 -63.57
C LEU M 134 -21.70 -13.99 -63.15
N TYR M 135 -20.79 -13.95 -64.14
CA TYR M 135 -19.39 -13.63 -63.87
C TYR M 135 -19.29 -12.18 -63.41
N GLU M 136 -20.09 -11.30 -64.02
CA GLU M 136 -20.20 -9.93 -63.57
C GLU M 136 -20.78 -9.94 -62.16
N ASP M 137 -21.88 -10.69 -61.97
CA ASP M 137 -22.60 -10.71 -60.72
C ASP M 137 -21.67 -11.22 -59.61
N LEU M 138 -20.94 -12.30 -59.90
CA LEU M 138 -19.95 -12.84 -58.98
C LEU M 138 -18.94 -11.76 -58.62
N GLU M 139 -18.46 -11.04 -59.64
CA GLU M 139 -17.32 -10.14 -59.57
C GLU M 139 -17.65 -8.84 -58.83
N ASP M 140 -18.94 -8.60 -58.58
CA ASP M 140 -19.40 -7.37 -57.95
C ASP M 140 -19.71 -7.64 -56.48
N HIS M 141 -18.68 -7.65 -55.63
CA HIS M 141 -18.89 -8.04 -54.24
C HIS M 141 -19.56 -6.91 -53.48
N PRO M 142 -20.09 -7.15 -52.26
CA PRO M 142 -20.75 -6.11 -51.47
C PRO M 142 -19.76 -5.01 -51.08
N ASN M 143 -20.26 -3.76 -51.06
CA ASN M 143 -19.40 -2.62 -50.82
C ASN M 143 -20.14 -1.55 -50.03
N VAL M 144 -19.58 -1.18 -48.87
CA VAL M 144 -20.13 -0.18 -47.98
C VAL M 144 -20.46 1.08 -48.77
N GLN M 145 -19.49 1.51 -49.59
CA GLN M 145 -19.60 2.75 -50.36
C GLN M 145 -20.77 2.64 -51.33
N LYS M 146 -20.95 1.45 -51.89
CA LYS M 146 -22.05 1.20 -52.82
C LYS M 146 -23.38 1.28 -52.08
N ASP M 147 -23.51 0.52 -51.00
CA ASP M 147 -24.74 0.40 -50.25
C ASP M 147 -25.21 1.78 -49.78
N LEU M 148 -24.25 2.69 -49.56
CA LEU M 148 -24.53 4.00 -49.02
C LEU M 148 -25.11 4.92 -50.10
N GLU M 149 -24.55 4.84 -51.31
CA GLU M 149 -25.07 5.60 -52.45
C GLU M 149 -26.54 5.24 -52.65
N ARG M 150 -26.84 3.94 -52.70
CA ARG M 150 -28.22 3.47 -52.85
C ARG M 150 -29.10 4.04 -51.74
N LEU M 151 -28.66 3.86 -50.50
CA LEU M 151 -29.39 4.27 -49.30
C LEU M 151 -29.65 5.78 -49.31
N THR M 152 -28.71 6.52 -49.92
CA THR M 152 -28.84 7.97 -50.06
C THR M 152 -30.09 8.26 -50.90
N GLN M 153 -30.23 7.55 -52.03
CA GLN M 153 -31.23 7.80 -53.05
C GLN M 153 -32.64 7.51 -52.53
N GLU M 154 -32.77 6.40 -51.79
CA GLU M 154 -34.06 6.02 -51.22
C GLU M 154 -34.56 7.12 -50.28
N ARG M 155 -33.71 7.52 -49.33
CA ARG M 155 -34.09 8.55 -48.38
C ARG M 155 -34.21 9.89 -49.09
N ILE M 156 -33.40 10.08 -50.14
CA ILE M 156 -33.41 11.28 -50.95
C ILE M 156 -34.78 11.42 -51.63
N ALA M 157 -35.45 10.28 -51.84
CA ALA M 157 -36.75 10.23 -52.49
C ALA M 157 -37.88 10.35 -51.47
N HIS M 158 -37.63 9.87 -50.25
CA HIS M 158 -38.58 9.99 -49.15
C HIS M 158 -38.14 11.14 -48.24
N MET N 1 -54.19 -20.49 -51.18
CA MET N 1 -54.19 -21.10 -52.50
C MET N 1 -52.84 -21.76 -52.72
N TYR N 2 -52.87 -22.95 -53.34
CA TYR N 2 -51.63 -23.66 -53.63
C TYR N 2 -51.32 -23.58 -55.12
N VAL N 3 -50.05 -23.81 -55.45
CA VAL N 3 -49.58 -23.84 -56.83
C VAL N 3 -48.76 -25.11 -57.04
N LYS N 4 -48.53 -25.47 -58.30
CA LYS N 4 -47.83 -26.70 -58.63
C LYS N 4 -46.65 -26.31 -59.51
N LEU N 5 -45.42 -26.53 -59.02
CA LEU N 5 -44.22 -26.23 -59.78
C LEU N 5 -43.52 -27.54 -60.13
N ILE N 6 -43.37 -27.80 -61.44
CA ILE N 6 -42.84 -29.06 -61.91
C ILE N 6 -41.42 -28.84 -62.42
N SER N 7 -40.50 -29.66 -61.88
CA SER N 7 -39.11 -29.62 -62.29
C SER N 7 -38.92 -30.42 -63.57
N SER N 8 -37.74 -30.26 -64.16
CA SER N 8 -37.40 -30.83 -65.45
C SER N 8 -37.63 -32.34 -65.46
N ASP N 9 -37.41 -32.99 -64.31
CA ASP N 9 -37.56 -34.44 -64.24
C ASP N 9 -38.96 -34.79 -63.74
N GLY N 10 -39.89 -33.84 -63.88
CA GLY N 10 -41.30 -34.14 -63.69
C GLY N 10 -41.64 -34.42 -62.23
N HIS N 11 -40.76 -33.98 -61.33
CA HIS N 11 -41.16 -33.83 -59.95
C HIS N 11 -42.14 -32.66 -59.86
N GLU N 12 -43.26 -32.89 -59.16
CA GLU N 12 -44.31 -31.91 -58.98
C GLU N 12 -44.24 -31.34 -57.56
N PHE N 13 -44.09 -30.02 -57.44
CA PHE N 13 -43.86 -29.39 -56.17
C PHE N 13 -45.03 -28.50 -55.76
N ILE N 14 -45.70 -28.89 -54.67
CA ILE N 14 -46.89 -28.19 -54.21
C ILE N 14 -46.48 -27.23 -53.10
N VAL N 15 -46.58 -25.93 -53.39
CA VAL N 15 -46.21 -24.91 -52.40
C VAL N 15 -47.29 -23.84 -52.37
N LYS N 16 -47.35 -23.07 -51.27
CA LYS N 16 -48.33 -22.02 -51.10
C LYS N 16 -48.13 -20.91 -52.14
N ARG N 17 -49.23 -20.39 -52.68
CA ARG N 17 -49.15 -19.36 -53.72
C ARG N 17 -48.33 -18.19 -53.19
N GLU N 18 -48.71 -17.68 -52.02
CA GLU N 18 -48.06 -16.54 -51.41
C GLU N 18 -46.54 -16.74 -51.42
N HIS N 19 -46.11 -17.92 -50.95
CA HIS N 19 -44.71 -18.33 -50.94
C HIS N 19 -44.07 -18.12 -52.31
N ALA N 20 -44.61 -18.81 -53.32
CA ALA N 20 -44.03 -18.90 -54.65
C ALA N 20 -43.89 -17.53 -55.30
N LEU N 21 -44.77 -16.60 -54.91
CA LEU N 21 -44.80 -15.27 -55.49
C LEU N 21 -43.50 -14.52 -55.18
N THR N 22 -42.74 -15.06 -54.21
CA THR N 22 -41.41 -14.56 -53.90
C THR N 22 -40.56 -14.46 -55.17
N SER N 23 -40.63 -15.51 -56.01
CA SER N 23 -39.98 -15.54 -57.30
C SER N 23 -40.70 -14.59 -58.26
N GLY N 24 -39.97 -13.56 -58.70
CA GLY N 24 -40.49 -12.58 -59.64
C GLY N 24 -40.94 -13.24 -60.95
N THR N 25 -40.15 -14.21 -61.41
CA THR N 25 -40.43 -14.91 -62.65
C THR N 25 -41.72 -15.73 -62.49
N ILE N 26 -41.89 -16.36 -61.33
CA ILE N 26 -43.07 -17.18 -61.13
C ILE N 26 -44.27 -16.24 -61.01
N LYS N 27 -44.07 -15.12 -60.31
CA LYS N 27 -45.11 -14.13 -60.11
C LYS N 27 -45.67 -13.72 -61.47
N ALA N 28 -44.76 -13.56 -62.44
CA ALA N 28 -45.10 -13.18 -63.80
C ALA N 28 -46.01 -14.23 -64.44
N MET N 29 -45.53 -15.48 -64.49
CA MET N 29 -46.15 -16.54 -65.29
C MET N 29 -47.56 -16.85 -64.78
N LEU N 30 -47.93 -16.25 -63.65
CA LEU N 30 -49.28 -16.39 -63.12
C LEU N 30 -49.96 -15.03 -63.10
N SER N 31 -50.16 -14.45 -64.29
CA SER N 31 -50.76 -13.11 -64.41
C SER N 31 -52.03 -13.18 -65.25
N ASN N 42 -53.32 -22.97 -60.12
CA ASN N 42 -52.60 -22.97 -61.42
C ASN N 42 -51.56 -24.09 -61.41
N GLU N 43 -50.34 -23.81 -61.89
CA GLU N 43 -49.31 -24.78 -62.22
C GLU N 43 -48.27 -24.09 -63.10
N VAL N 44 -46.99 -24.38 -62.88
CA VAL N 44 -45.94 -23.85 -63.75
C VAL N 44 -44.94 -24.98 -64.04
N ASN N 45 -44.30 -24.92 -65.22
CA ASN N 45 -43.40 -25.97 -65.64
C ASN N 45 -42.03 -25.37 -65.96
N PHE N 46 -41.00 -25.83 -65.23
CA PHE N 46 -39.63 -25.43 -65.46
C PHE N 46 -38.88 -26.59 -66.11
N ARG N 47 -38.40 -26.35 -67.33
CA ARG N 47 -37.95 -27.42 -68.21
C ARG N 47 -36.44 -27.65 -68.08
N GLU N 48 -35.76 -26.81 -67.28
CA GLU N 48 -34.30 -26.80 -67.25
C GLU N 48 -33.79 -26.65 -65.81
N ILE N 49 -34.71 -26.61 -64.84
CA ILE N 49 -34.36 -26.77 -63.44
C ILE N 49 -34.78 -28.17 -62.99
N PRO N 50 -33.85 -28.97 -62.44
CA PRO N 50 -34.18 -30.32 -61.97
C PRO N 50 -34.78 -30.33 -60.57
N SER N 51 -35.33 -31.48 -60.18
CA SER N 51 -35.93 -31.67 -58.87
C SER N 51 -34.97 -31.23 -57.76
N HIS N 52 -33.76 -31.79 -57.76
CA HIS N 52 -32.82 -31.58 -56.68
C HIS N 52 -32.60 -30.08 -56.43
N VAL N 53 -32.91 -29.26 -57.43
CA VAL N 53 -32.76 -27.83 -57.25
C VAL N 53 -34.10 -27.24 -56.84
N LEU N 54 -35.15 -27.51 -57.63
CA LEU N 54 -36.43 -26.86 -57.44
C LEU N 54 -36.93 -27.13 -56.03
N SER N 55 -36.50 -28.25 -55.44
CA SER N 55 -36.82 -28.52 -54.05
C SER N 55 -36.18 -27.46 -53.15
N LYS N 56 -34.90 -27.15 -53.39
CA LYS N 56 -34.17 -26.19 -52.57
C LYS N 56 -34.64 -24.77 -52.82
N VAL N 57 -35.18 -24.53 -54.02
CA VAL N 57 -35.75 -23.22 -54.33
C VAL N 57 -36.99 -23.00 -53.46
N CYS N 58 -37.82 -24.04 -53.32
CA CYS N 58 -38.99 -23.95 -52.46
C CYS N 58 -38.55 -23.76 -51.02
N MET N 59 -37.49 -24.48 -50.63
CA MET N 59 -36.99 -24.37 -49.27
C MET N 59 -36.60 -22.92 -49.00
N TYR N 60 -36.17 -22.23 -50.06
CA TYR N 60 -35.83 -20.82 -49.94
C TYR N 60 -37.12 -20.00 -49.82
N PHE N 61 -38.22 -20.53 -50.38
CA PHE N 61 -39.49 -19.85 -50.21
C PHE N 61 -39.95 -20.02 -48.77
N THR N 62 -40.00 -21.28 -48.29
CA THR N 62 -40.53 -21.55 -46.96
C THR N 62 -39.78 -20.66 -45.97
N TYR N 63 -38.53 -20.35 -46.32
CA TYR N 63 -37.60 -19.68 -45.43
C TYR N 63 -37.65 -18.16 -45.61
N LYS N 64 -37.80 -17.69 -46.86
CA LYS N 64 -37.86 -16.26 -47.13
C LYS N 64 -39.10 -15.66 -46.48
N VAL N 65 -40.20 -16.44 -46.43
CA VAL N 65 -41.46 -15.94 -45.92
C VAL N 65 -41.42 -15.86 -44.41
N ARG N 66 -40.84 -16.89 -43.78
CA ARG N 66 -40.83 -17.07 -42.35
C ARG N 66 -39.98 -16.01 -41.65
N TYR N 67 -38.93 -15.52 -42.33
CA TYR N 67 -37.90 -14.77 -41.65
C TYR N 67 -37.82 -13.31 -42.11
N THR N 68 -38.45 -13.00 -43.24
CA THR N 68 -38.61 -11.61 -43.65
C THR N 68 -39.47 -10.89 -42.61
N ASN N 69 -39.05 -9.68 -42.23
CA ASN N 69 -39.74 -8.89 -41.23
C ASN N 69 -39.85 -9.67 -39.93
N SER N 70 -38.76 -10.36 -39.58
CA SER N 70 -38.65 -11.01 -38.27
C SER N 70 -37.65 -10.25 -37.42
N SER N 71 -38.11 -9.85 -36.24
CA SER N 71 -37.33 -9.12 -35.25
C SER N 71 -36.34 -10.06 -34.57
N THR N 72 -36.58 -11.36 -34.73
CA THR N 72 -35.81 -12.43 -34.08
C THR N 72 -34.43 -12.57 -34.74
N GLU N 73 -33.62 -13.47 -34.17
CA GLU N 73 -32.39 -13.97 -34.75
C GLU N 73 -32.74 -14.77 -36.01
N ILE N 74 -32.06 -14.48 -37.12
CA ILE N 74 -32.38 -15.12 -38.39
C ILE N 74 -31.26 -16.10 -38.74
N PRO N 75 -31.57 -17.39 -39.02
CA PRO N 75 -30.56 -18.39 -39.38
C PRO N 75 -29.86 -18.20 -40.73
N GLU N 76 -28.63 -18.72 -40.83
CA GLU N 76 -27.92 -18.74 -42.10
C GLU N 76 -28.73 -19.59 -43.06
N PHE N 77 -28.73 -19.24 -44.36
CA PHE N 77 -29.36 -20.13 -45.33
C PHE N 77 -28.32 -21.09 -45.87
N PRO N 78 -28.52 -22.41 -45.69
CA PRO N 78 -27.50 -23.41 -46.05
C PRO N 78 -27.47 -23.70 -47.54
N ILE N 79 -26.28 -23.64 -48.14
CA ILE N 79 -26.13 -24.14 -49.49
C ILE N 79 -24.90 -25.05 -49.57
N ALA N 80 -25.17 -26.36 -49.75
CA ALA N 80 -24.15 -27.37 -49.96
C ALA N 80 -23.34 -26.98 -51.19
N PRO N 81 -22.01 -27.25 -51.24
CA PRO N 81 -21.16 -26.79 -52.34
C PRO N 81 -21.63 -27.26 -53.71
N GLU N 82 -22.26 -28.44 -53.77
CA GLU N 82 -22.51 -29.13 -55.02
C GLU N 82 -23.82 -28.71 -55.69
N ILE N 83 -24.71 -28.03 -54.95
CA ILE N 83 -25.89 -27.49 -55.61
C ILE N 83 -25.67 -26.00 -55.87
N ALA N 84 -24.61 -25.46 -55.27
CA ALA N 84 -24.33 -24.04 -55.30
C ALA N 84 -24.38 -23.50 -56.73
N LEU N 85 -23.61 -24.10 -57.65
CA LEU N 85 -23.55 -23.54 -58.99
C LEU N 85 -24.95 -23.53 -59.62
N GLU N 86 -25.63 -24.67 -59.50
CA GLU N 86 -26.91 -24.92 -60.16
C GLU N 86 -27.99 -23.97 -59.63
N LEU N 87 -28.04 -23.85 -58.30
CA LEU N 87 -29.04 -23.07 -57.61
C LEU N 87 -28.90 -21.60 -58.02
N LEU N 88 -27.66 -21.11 -58.15
CA LEU N 88 -27.40 -19.74 -58.58
C LEU N 88 -28.01 -19.51 -59.95
N MET N 89 -27.90 -20.52 -60.82
CA MET N 89 -28.54 -20.39 -62.12
C MET N 89 -30.05 -20.35 -61.93
N ALA N 90 -30.59 -21.37 -61.23
CA ALA N 90 -32.00 -21.39 -60.86
C ALA N 90 -32.39 -20.03 -60.29
N ALA N 91 -31.67 -19.61 -59.24
CA ALA N 91 -32.01 -18.40 -58.50
C ALA N 91 -32.04 -17.19 -59.43
N ASN N 92 -31.09 -17.15 -60.37
CA ASN N 92 -30.95 -16.01 -61.27
C ASN N 92 -32.17 -15.91 -62.17
N PHE N 93 -32.60 -17.05 -62.72
CA PHE N 93 -33.69 -17.12 -63.68
C PHE N 93 -35.04 -16.96 -62.96
N LEU N 94 -35.06 -17.12 -61.64
CA LEU N 94 -36.31 -17.04 -60.90
C LEU N 94 -36.52 -15.64 -60.34
N ASP N 95 -35.41 -14.87 -60.22
CA ASP N 95 -35.44 -13.50 -59.71
C ASP N 95 -35.96 -13.48 -58.26
N CYS N 96 -35.12 -13.92 -57.32
CA CYS N 96 -35.53 -14.16 -55.95
C CYS N 96 -34.31 -14.56 -55.09
N MET O 1 -42.15 -24.62 -31.80
CA MET O 1 -43.64 -24.51 -31.70
C MET O 1 -44.23 -24.47 -33.11
N ASP O 2 -43.41 -24.80 -34.11
CA ASP O 2 -43.83 -24.73 -35.50
C ASP O 2 -42.86 -25.52 -36.38
N VAL O 3 -43.37 -26.57 -37.05
CA VAL O 3 -42.53 -27.48 -37.80
C VAL O 3 -42.76 -27.30 -39.31
N PHE O 4 -41.75 -27.70 -40.09
CA PHE O 4 -41.64 -27.41 -41.51
C PHE O 4 -41.49 -28.71 -42.29
N LEU O 5 -42.32 -28.88 -43.32
CA LEU O 5 -42.54 -30.25 -43.77
C LEU O 5 -42.51 -30.35 -45.29
N MET O 6 -41.98 -31.49 -45.74
CA MET O 6 -42.15 -31.95 -47.09
C MET O 6 -42.91 -33.27 -47.02
N ILE O 7 -44.19 -33.25 -47.43
CA ILE O 7 -44.95 -34.48 -47.52
C ILE O 7 -44.76 -35.06 -48.92
N ARG O 8 -44.38 -36.33 -48.97
CA ARG O 8 -43.79 -36.83 -50.20
C ARG O 8 -44.45 -38.13 -50.61
N ARG O 9 -44.92 -38.16 -51.87
CA ARG O 9 -45.47 -39.34 -52.50
C ARG O 9 -45.03 -39.37 -53.95
N HIS O 10 -44.54 -40.53 -54.39
CA HIS O 10 -44.00 -40.71 -55.73
C HIS O 10 -43.14 -39.51 -56.12
N LYS O 11 -43.61 -38.76 -57.12
CA LYS O 11 -42.91 -37.59 -57.66
C LYS O 11 -43.55 -36.32 -57.10
N THR O 12 -44.33 -36.44 -56.02
CA THR O 12 -45.10 -35.34 -55.46
C THR O 12 -44.57 -34.95 -54.08
N THR O 13 -44.52 -33.63 -53.84
CA THR O 13 -43.84 -33.05 -52.69
C THR O 13 -44.60 -31.78 -52.26
N ILE O 14 -45.18 -31.85 -51.06
CA ILE O 14 -46.00 -30.78 -50.50
C ILE O 14 -45.14 -30.01 -49.50
N PHE O 15 -45.33 -28.68 -49.45
CA PHE O 15 -44.52 -27.83 -48.59
C PHE O 15 -45.42 -27.11 -47.59
N THR O 16 -46.05 -27.89 -46.69
CA THR O 16 -46.88 -27.32 -45.65
C THR O 16 -46.11 -27.23 -44.34
N ASP O 17 -46.56 -26.32 -43.48
CA ASP O 17 -46.18 -26.29 -42.08
C ASP O 17 -47.40 -26.64 -41.23
N ALA O 18 -47.11 -27.00 -39.97
CA ALA O 18 -48.10 -27.18 -38.93
C ALA O 18 -47.33 -27.12 -37.62
N LYS O 19 -48.06 -26.83 -36.53
CA LYS O 19 -47.46 -26.63 -35.22
C LYS O 19 -47.03 -27.97 -34.65
N GLU O 20 -46.13 -27.92 -33.66
CA GLU O 20 -45.54 -29.10 -33.06
C GLU O 20 -46.60 -29.88 -32.31
N SER O 21 -47.59 -29.15 -31.76
CA SER O 21 -48.61 -29.70 -30.90
C SER O 21 -49.85 -30.06 -31.71
N SER O 22 -49.75 -29.98 -33.04
CA SER O 22 -50.78 -30.55 -33.91
C SER O 22 -50.54 -32.05 -34.12
N THR O 23 -51.60 -32.77 -34.49
CA THR O 23 -51.55 -34.22 -34.56
C THR O 23 -51.44 -34.68 -36.02
N VAL O 24 -51.28 -35.99 -36.19
CA VAL O 24 -51.12 -36.60 -37.49
C VAL O 24 -52.42 -36.41 -38.29
N PHE O 25 -53.54 -36.81 -37.68
CA PHE O 25 -54.83 -36.69 -38.35
C PHE O 25 -54.95 -35.27 -38.92
N GLU O 26 -54.62 -34.31 -38.05
CA GLU O 26 -54.81 -32.90 -38.35
C GLU O 26 -54.09 -32.57 -39.67
N LEU O 27 -52.92 -33.18 -39.85
CA LEU O 27 -52.11 -32.98 -41.04
C LEU O 27 -52.74 -33.74 -42.20
N LYS O 28 -53.16 -34.99 -41.93
CA LYS O 28 -53.81 -35.77 -42.97
C LYS O 28 -54.90 -34.92 -43.61
N ARG O 29 -55.60 -34.15 -42.75
CA ARG O 29 -56.65 -33.20 -43.08
C ARG O 29 -56.13 -32.16 -44.07
N ILE O 30 -54.98 -31.54 -43.75
CA ILE O 30 -54.29 -30.62 -44.65
C ILE O 30 -54.07 -31.29 -46.01
N VAL O 31 -53.49 -32.51 -45.98
CA VAL O 31 -53.19 -33.22 -47.20
C VAL O 31 -54.48 -33.36 -48.01
N GLU O 32 -55.58 -33.65 -47.28
CA GLU O 32 -56.88 -33.86 -47.88
C GLU O 32 -57.24 -32.66 -48.75
N GLY O 33 -57.05 -31.46 -48.18
CA GLY O 33 -57.42 -30.21 -48.86
C GLY O 33 -56.70 -30.04 -50.19
N ILE O 34 -55.46 -30.53 -50.24
CA ILE O 34 -54.55 -30.29 -51.34
C ILE O 34 -54.66 -31.42 -52.37
N LEU O 35 -54.65 -32.66 -51.90
CA LEU O 35 -54.59 -33.82 -52.78
C LEU O 35 -55.95 -34.49 -52.87
N LYS O 36 -56.96 -33.87 -52.24
CA LYS O 36 -58.36 -34.21 -52.38
C LYS O 36 -58.57 -35.72 -52.18
N ARG O 37 -57.99 -36.27 -51.11
CA ARG O 37 -58.26 -37.66 -50.76
C ARG O 37 -58.54 -37.78 -49.27
N PRO O 38 -59.52 -38.63 -48.86
CA PRO O 38 -59.95 -38.72 -47.47
C PRO O 38 -58.78 -39.18 -46.59
N PRO O 39 -58.67 -38.69 -45.33
CA PRO O 39 -57.54 -39.03 -44.49
C PRO O 39 -57.54 -40.51 -44.13
N ASP O 40 -58.71 -41.13 -44.26
CA ASP O 40 -58.86 -42.55 -44.02
C ASP O 40 -58.13 -43.35 -45.10
N GLU O 41 -57.69 -42.67 -46.16
CA GLU O 41 -57.04 -43.30 -47.31
C GLU O 41 -55.56 -42.93 -47.34
N GLN O 42 -55.08 -42.27 -46.29
CA GLN O 42 -53.70 -41.84 -46.20
C GLN O 42 -52.96 -42.66 -45.14
N ARG O 43 -51.71 -43.04 -45.44
CA ARG O 43 -50.74 -43.35 -44.39
C ARG O 43 -49.64 -42.28 -44.38
N LEU O 44 -49.23 -41.86 -43.19
CA LEU O 44 -48.03 -41.04 -43.04
C LEU O 44 -46.95 -41.82 -42.28
N TYR O 45 -45.70 -41.57 -42.67
CA TYR O 45 -44.55 -42.25 -42.10
C TYR O 45 -43.46 -41.23 -41.77
N LYS O 46 -42.76 -41.47 -40.65
CA LYS O 46 -41.47 -40.86 -40.43
C LYS O 46 -40.43 -41.92 -40.72
N ASP O 47 -39.63 -41.69 -41.77
CA ASP O 47 -38.76 -42.70 -42.31
C ASP O 47 -39.62 -43.89 -42.71
N ASP O 48 -39.60 -44.95 -41.91
CA ASP O 48 -40.33 -46.16 -42.23
C ASP O 48 -41.34 -46.48 -41.12
N GLN O 49 -41.53 -45.51 -40.22
CA GLN O 49 -42.35 -45.69 -39.04
C GLN O 49 -43.68 -45.01 -39.28
N LEU O 50 -44.74 -45.83 -39.26
CA LEU O 50 -46.11 -45.37 -39.46
C LEU O 50 -46.50 -44.45 -38.32
N LEU O 51 -47.02 -43.26 -38.64
CA LEU O 51 -47.48 -42.34 -37.61
C LEU O 51 -48.97 -42.52 -37.38
N ASP O 52 -49.34 -42.69 -36.10
CA ASP O 52 -50.71 -43.01 -35.70
C ASP O 52 -51.53 -41.73 -35.66
N ASP O 53 -52.73 -41.78 -36.26
CA ASP O 53 -53.56 -40.61 -36.50
C ASP O 53 -53.53 -39.65 -35.31
N GLY O 54 -53.46 -40.20 -34.09
CA GLY O 54 -53.78 -39.46 -32.88
C GLY O 54 -52.56 -38.92 -32.14
N LYS O 55 -51.38 -39.03 -32.77
CA LYS O 55 -50.14 -38.59 -32.16
C LYS O 55 -49.84 -37.15 -32.59
N THR O 56 -49.32 -36.34 -31.65
CA THR O 56 -48.81 -35.03 -32.02
C THR O 56 -47.46 -35.20 -32.72
N LEU O 57 -47.16 -34.27 -33.64
CA LEU O 57 -45.96 -34.30 -34.47
C LEU O 57 -44.71 -34.17 -33.61
N GLY O 58 -44.85 -33.50 -32.46
CA GLY O 58 -43.86 -33.59 -31.39
C GLY O 58 -43.63 -35.05 -30.99
N GLU O 59 -44.71 -35.74 -30.60
CA GLU O 59 -44.61 -37.12 -30.14
C GLU O 59 -44.00 -37.97 -31.25
N CYS O 60 -44.01 -37.45 -32.47
CA CYS O 60 -43.59 -38.24 -33.62
C CYS O 60 -42.07 -38.14 -33.81
N GLY O 61 -41.53 -36.93 -33.62
CA GLY O 61 -40.11 -36.71 -33.76
C GLY O 61 -39.82 -35.38 -34.44
N PHE O 62 -40.88 -34.80 -35.01
CA PHE O 62 -40.78 -33.53 -35.71
C PHE O 62 -40.70 -32.40 -34.68
N THR O 63 -39.46 -32.00 -34.35
CA THR O 63 -39.18 -30.89 -33.47
C THR O 63 -38.96 -29.63 -34.32
N SER O 64 -39.32 -28.47 -33.77
CA SER O 64 -39.12 -27.21 -34.46
C SER O 64 -37.64 -27.00 -34.77
N GLN O 65 -36.78 -27.77 -34.11
CA GLN O 65 -35.35 -27.62 -34.26
C GLN O 65 -34.77 -28.76 -35.10
N THR O 66 -35.64 -29.51 -35.80
CA THR O 66 -35.17 -30.47 -36.80
C THR O 66 -35.99 -30.29 -38.08
N ALA O 67 -37.18 -29.70 -37.93
CA ALA O 67 -38.03 -29.39 -39.07
C ALA O 67 -38.04 -27.88 -39.33
N ARG O 68 -36.85 -27.29 -39.52
CA ARG O 68 -36.70 -25.86 -39.75
C ARG O 68 -37.02 -25.55 -41.21
N PRO O 69 -37.46 -24.31 -41.54
CA PRO O 69 -38.04 -24.03 -42.86
C PRO O 69 -37.07 -24.37 -43.99
N GLN O 70 -35.81 -23.94 -43.82
CA GLN O 70 -34.75 -24.09 -44.81
C GLN O 70 -34.37 -25.56 -45.01
N ALA O 71 -34.54 -26.36 -43.96
CA ALA O 71 -34.26 -27.79 -44.00
C ALA O 71 -35.47 -28.56 -43.48
N PRO O 72 -36.59 -28.67 -44.23
CA PRO O 72 -37.83 -29.26 -43.71
C PRO O 72 -37.65 -30.74 -43.39
N ALA O 73 -38.58 -31.27 -42.58
CA ALA O 73 -38.65 -32.68 -42.27
C ALA O 73 -39.58 -33.35 -43.26
N THR O 74 -39.28 -34.61 -43.62
CA THR O 74 -39.97 -35.27 -44.72
C THR O 74 -40.95 -36.30 -44.20
N VAL O 75 -42.24 -35.95 -44.21
CA VAL O 75 -43.30 -36.92 -43.97
C VAL O 75 -43.55 -37.66 -45.28
N GLY O 76 -43.68 -38.99 -45.20
CA GLY O 76 -43.96 -39.81 -46.35
C GLY O 76 -45.43 -40.18 -46.41
N LEU O 77 -46.06 -39.93 -47.58
CA LEU O 77 -47.48 -40.17 -47.77
C LEU O 77 -47.71 -41.46 -48.56
N ALA O 78 -48.71 -42.25 -48.12
CA ALA O 78 -49.14 -43.46 -48.79
C ALA O 78 -50.66 -43.44 -48.96
N PHE O 79 -51.14 -43.94 -50.11
CA PHE O 79 -52.56 -43.92 -50.42
C PHE O 79 -53.16 -45.32 -50.34
N ARG O 80 -54.41 -45.39 -49.87
CA ARG O 80 -55.24 -46.57 -49.98
C ARG O 80 -55.90 -46.54 -51.35
N ALA O 81 -55.34 -47.32 -52.29
CA ALA O 81 -55.93 -47.48 -53.60
C ALA O 81 -57.02 -48.54 -53.48
N ASP O 82 -58.28 -48.11 -53.62
CA ASP O 82 -59.44 -48.98 -53.46
C ASP O 82 -59.39 -49.66 -52.09
N ASP O 83 -58.97 -50.93 -52.07
CA ASP O 83 -59.11 -51.74 -50.87
C ASP O 83 -57.89 -51.63 -49.94
N THR O 84 -56.70 -51.99 -50.43
CA THR O 84 -55.50 -51.95 -49.58
C THR O 84 -54.53 -50.87 -50.05
N PHE O 85 -53.78 -50.32 -49.09
CA PHE O 85 -52.81 -49.27 -49.33
C PHE O 85 -51.63 -49.80 -50.14
N GLU O 86 -51.08 -48.93 -50.99
CA GLU O 86 -49.85 -49.22 -51.70
C GLU O 86 -48.70 -49.19 -50.70
N ALA O 87 -47.54 -49.71 -51.13
CA ALA O 87 -46.32 -49.52 -50.38
C ALA O 87 -45.92 -48.05 -50.49
N LEU O 88 -45.28 -47.52 -49.45
CA LEU O 88 -44.70 -46.18 -49.52
C LEU O 88 -43.78 -46.12 -50.73
N CYS O 89 -43.83 -45.02 -51.49
CA CYS O 89 -42.79 -44.80 -52.48
C CYS O 89 -42.53 -43.31 -52.65
N ILE O 90 -41.26 -42.92 -52.48
CA ILE O 90 -40.84 -41.57 -52.80
C ILE O 90 -39.75 -41.66 -53.86
N GLU O 91 -40.11 -41.26 -55.08
CA GLU O 91 -39.18 -41.09 -56.18
C GLU O 91 -38.12 -40.07 -55.75
N PRO O 92 -36.81 -40.40 -55.79
CA PRO O 92 -35.77 -39.46 -55.38
C PRO O 92 -35.70 -38.23 -56.27
N PHE O 93 -35.03 -37.19 -55.78
CA PHE O 93 -34.68 -36.04 -56.58
C PHE O 93 -33.48 -36.42 -57.43
N SER O 94 -33.07 -35.51 -58.31
CA SER O 94 -31.86 -35.70 -59.11
C SER O 94 -30.63 -35.56 -58.22
N SER O 95 -29.48 -36.03 -58.72
CA SER O 95 -28.21 -35.76 -58.06
C SER O 95 -27.55 -34.58 -58.76
N PRO O 96 -26.81 -33.71 -58.04
CA PRO O 96 -26.04 -32.66 -58.71
C PRO O 96 -24.83 -33.26 -59.43
N PRO O 97 -24.33 -32.58 -60.49
CA PRO O 97 -23.00 -32.87 -61.05
C PRO O 97 -21.92 -33.03 -59.99
N GLU O 98 -20.89 -33.83 -60.33
CA GLU O 98 -19.67 -33.92 -59.54
C GLU O 98 -19.09 -32.51 -59.37
N LEU O 99 -18.62 -32.19 -58.16
CA LEU O 99 -18.18 -30.84 -57.84
C LEU O 99 -17.06 -30.42 -58.78
N PRO O 100 -17.21 -29.28 -59.49
CA PRO O 100 -16.13 -28.76 -60.34
C PRO O 100 -14.81 -28.65 -59.58
N ASP O 101 -13.70 -28.98 -60.27
CA ASP O 101 -12.35 -28.91 -59.75
C ASP O 101 -12.13 -27.58 -59.04
N VAL O 102 -12.57 -26.49 -59.68
CA VAL O 102 -12.29 -25.12 -59.23
C VAL O 102 -13.05 -24.82 -57.95
N MET O 103 -14.00 -25.70 -57.60
CA MET O 103 -14.90 -25.51 -56.47
C MET O 103 -14.45 -26.38 -55.30
N LYS O 104 -13.40 -27.18 -55.52
CA LYS O 104 -12.79 -28.00 -54.49
C LYS O 104 -11.75 -27.16 -53.75
N PRO O 105 -11.52 -27.41 -52.44
CA PRO O 105 -10.36 -26.83 -51.74
C PRO O 105 -9.08 -27.64 -51.99
N THR P 3 12.98 21.25 -16.42
CA THR P 3 12.14 20.85 -17.59
C THR P 3 10.72 21.41 -17.41
N GLU P 4 9.90 21.26 -18.45
CA GLU P 4 8.62 21.93 -18.56
C GLU P 4 7.49 20.91 -18.66
N TYR P 5 6.39 21.17 -17.93
CA TYR P 5 5.22 20.31 -17.96
C TYR P 5 4.03 21.07 -18.56
N LYS P 6 3.26 20.35 -19.38
CA LYS P 6 2.11 20.94 -20.06
C LYS P 6 0.84 20.36 -19.43
N LEU P 7 0.11 21.22 -18.73
CA LEU P 7 -1.07 20.82 -17.99
C LEU P 7 -2.30 21.39 -18.70
N VAL P 8 -3.25 20.51 -19.03
CA VAL P 8 -4.52 20.93 -19.60
C VAL P 8 -5.60 20.75 -18.53
N VAL P 9 -6.38 21.81 -18.33
CA VAL P 9 -7.45 21.82 -17.35
C VAL P 9 -8.78 21.77 -18.11
N VAL P 10 -9.53 20.68 -17.90
CA VAL P 10 -10.82 20.49 -18.54
C VAL P 10 -11.92 20.47 -17.49
N GLY P 11 -13.13 20.81 -17.93
CA GLY P 11 -14.31 20.74 -17.07
C GLY P 11 -15.47 21.51 -17.69
N ALA P 12 -16.68 21.25 -17.17
CA ALA P 12 -17.86 21.96 -17.64
C ALA P 12 -17.77 23.41 -17.19
N ASP P 13 -18.48 24.29 -17.91
CA ASP P 13 -18.51 25.71 -17.59
C ASP P 13 -18.92 25.91 -16.14
N GLY P 14 -18.18 26.79 -15.44
CA GLY P 14 -18.58 27.28 -14.14
C GLY P 14 -18.06 26.43 -12.99
N VAL P 15 -17.20 25.45 -13.32
CA VAL P 15 -16.61 24.61 -12.29
C VAL P 15 -15.51 25.38 -11.58
N GLY P 16 -14.91 26.34 -12.30
CA GLY P 16 -13.81 27.11 -11.76
C GLY P 16 -12.46 26.55 -12.21
N LYS P 17 -12.33 26.31 -13.52
CA LYS P 17 -11.05 25.93 -14.09
C LYS P 17 -10.16 27.17 -14.13
N SER P 18 -10.77 28.29 -14.54
CA SER P 18 -10.09 29.57 -14.66
C SER P 18 -9.84 30.17 -13.28
N ALA P 19 -10.53 29.66 -12.27
CA ALA P 19 -10.34 30.07 -10.88
C ALA P 19 -9.14 29.33 -10.29
N LEU P 20 -9.08 28.01 -10.55
CA LEU P 20 -8.02 27.16 -10.02
C LEU P 20 -6.69 27.49 -10.70
N THR P 21 -6.77 28.20 -11.83
CA THR P 21 -5.61 28.56 -12.63
C THR P 21 -5.05 29.90 -12.14
N ILE P 22 -5.94 30.86 -11.91
CA ILE P 22 -5.57 32.19 -11.44
C ILE P 22 -4.95 32.08 -10.05
N GLN P 23 -5.58 31.27 -9.18
CA GLN P 23 -5.18 31.07 -7.81
C GLN P 23 -3.81 30.41 -7.73
N LEU P 24 -3.39 29.73 -8.81
CA LEU P 24 -2.11 29.05 -8.82
C LEU P 24 -0.99 30.03 -9.18
N ILE P 25 -1.22 30.84 -10.23
CA ILE P 25 -0.13 31.59 -10.84
C ILE P 25 -0.14 33.05 -10.39
N GLN P 26 -1.20 33.48 -9.70
CA GLN P 26 -1.29 34.84 -9.21
C GLN P 26 -1.82 34.89 -7.77
N ASN P 27 -2.02 33.70 -7.18
CA ASN P 27 -2.40 33.48 -5.79
C ASN P 27 -3.57 34.39 -5.37
N HIS P 28 -4.78 34.08 -5.89
CA HIS P 28 -6.00 34.71 -5.42
C HIS P 28 -7.23 34.09 -6.09
N PHE P 29 -8.39 34.36 -5.50
CA PHE P 29 -9.68 33.90 -5.98
C PHE P 29 -10.30 35.01 -6.80
N VAL P 30 -10.43 34.78 -8.11
CA VAL P 30 -11.10 35.72 -8.98
C VAL P 30 -12.61 35.52 -8.84
N ASP P 31 -13.35 36.63 -8.78
CA ASP P 31 -14.76 36.59 -8.42
C ASP P 31 -15.60 36.39 -9.68
N GLU P 32 -15.31 37.19 -10.71
CA GLU P 32 -16.11 37.20 -11.92
C GLU P 32 -15.19 37.21 -13.15
N TYR P 33 -14.42 36.13 -13.34
CA TYR P 33 -13.56 36.08 -14.52
C TYR P 33 -14.28 35.36 -15.65
N ASP P 34 -14.05 35.87 -16.87
CA ASP P 34 -14.74 35.46 -18.09
C ASP P 34 -14.64 33.95 -18.28
N PRO P 35 -15.78 33.26 -18.49
CA PRO P 35 -15.78 31.84 -18.84
C PRO P 35 -15.75 31.68 -20.35
N THR P 36 -14.85 32.41 -21.01
CA THR P 36 -14.88 32.55 -22.46
C THR P 36 -13.46 32.58 -23.02
N ILE P 37 -12.48 32.79 -22.14
CA ILE P 37 -11.10 32.97 -22.55
C ILE P 37 -10.31 31.68 -22.32
N GLU P 38 -9.77 31.14 -23.40
CA GLU P 38 -8.89 29.97 -23.37
C GLU P 38 -7.45 30.47 -23.41
N ASP P 39 -6.89 30.76 -22.22
CA ASP P 39 -5.52 31.23 -22.15
C ASP P 39 -4.64 30.17 -21.50
N SER P 40 -3.33 30.31 -21.75
CA SER P 40 -2.30 29.46 -21.16
C SER P 40 -1.36 30.31 -20.29
N TYR P 41 -1.20 29.89 -19.04
CA TYR P 41 -0.40 30.61 -18.06
C TYR P 41 0.91 29.86 -17.83
N ARG P 42 1.84 30.52 -17.12
CA ARG P 42 3.14 29.94 -16.82
C ARG P 42 3.55 30.24 -15.38
N LYS P 43 3.94 29.19 -14.66
CA LYS P 43 4.55 29.30 -13.34
C LYS P 43 5.71 28.33 -13.22
N GLN P 44 6.78 28.80 -12.58
CA GLN P 44 7.98 28.03 -12.34
C GLN P 44 8.06 27.74 -10.84
N VAL P 45 7.95 26.45 -10.47
CA VAL P 45 7.72 26.12 -9.07
C VAL P 45 8.63 24.97 -8.63
N VAL P 46 8.73 24.80 -7.30
CA VAL P 46 9.58 23.79 -6.69
C VAL P 46 8.71 22.61 -6.26
N ILE P 47 8.94 21.45 -6.90
CA ILE P 47 8.19 20.22 -6.64
C ILE P 47 9.18 19.11 -6.29
N ASP P 48 9.00 18.52 -5.10
CA ASP P 48 9.88 17.48 -4.58
C ASP P 48 11.32 18.00 -4.52
N GLY P 49 11.46 19.31 -4.36
CA GLY P 49 12.76 19.97 -4.33
C GLY P 49 13.30 20.25 -5.74
N GLU P 50 12.53 19.87 -6.75
CA GLU P 50 12.93 20.02 -8.14
C GLU P 50 12.09 21.11 -8.80
N THR P 51 12.78 22.12 -9.33
CA THR P 51 12.14 23.28 -9.93
C THR P 51 11.85 23.00 -11.40
N CYS P 52 10.64 23.35 -11.84
CA CYS P 52 10.22 23.14 -13.22
C CYS P 52 9.19 24.19 -13.64
N LEU P 53 9.02 24.33 -14.96
CA LEU P 53 8.06 25.23 -15.58
C LEU P 53 6.76 24.47 -15.83
N LEU P 54 5.66 24.96 -15.24
CA LEU P 54 4.34 24.43 -15.54
C LEU P 54 3.71 25.31 -16.62
N ASP P 55 3.09 24.66 -17.62
CA ASP P 55 2.36 25.36 -18.66
C ASP P 55 0.89 24.93 -18.61
N ILE P 56 0.07 25.76 -17.96
CA ILE P 56 -1.31 25.43 -17.67
C ILE P 56 -2.19 26.00 -18.78
N LEU P 57 -2.88 25.07 -19.47
CA LEU P 57 -3.83 25.40 -20.52
C LEU P 57 -5.24 25.36 -19.92
N ASP P 58 -5.78 26.55 -19.65
CA ASP P 58 -7.16 26.72 -19.22
C ASP P 58 -8.03 26.76 -20.47
N THR P 59 -8.84 25.72 -20.65
CA THR P 59 -9.62 25.52 -21.87
C THR P 59 -10.93 26.29 -21.82
N ALA P 60 -11.48 26.58 -23.01
CA ALA P 60 -12.76 27.23 -23.17
C ALA P 60 -13.49 26.65 -24.37
N GLY P 61 -14.24 27.50 -25.09
CA GLY P 61 -15.02 27.08 -26.25
C GLY P 61 -16.29 26.32 -25.86
N GLN P 62 -17.03 25.85 -26.86
CA GLN P 62 -18.24 25.09 -26.64
C GLN P 62 -17.99 23.63 -26.99
N GLU P 63 -19.07 22.84 -27.12
CA GLU P 63 -19.00 21.39 -27.22
C GLU P 63 -18.83 20.93 -28.67
N GLU P 64 -18.64 21.90 -29.57
CA GLU P 64 -18.40 21.68 -30.99
C GLU P 64 -17.08 20.93 -31.16
N TYR P 65 -17.15 19.60 -31.28
CA TYR P 65 -15.96 18.76 -31.43
C TYR P 65 -15.20 19.15 -32.70
N SER P 66 -13.88 19.32 -32.57
CA SER P 66 -12.99 19.56 -33.71
C SER P 66 -11.75 18.66 -33.62
N ALA P 67 -11.07 18.49 -34.77
CA ALA P 67 -9.80 17.79 -34.83
C ALA P 67 -8.68 18.74 -34.41
N MET P 68 -8.89 20.03 -34.69
CA MET P 68 -8.02 21.11 -34.25
C MET P 68 -7.90 21.08 -32.73
N ARG P 69 -9.01 20.75 -32.07
CA ARG P 69 -9.06 20.64 -30.62
C ARG P 69 -8.37 19.35 -30.17
N ASP P 70 -8.40 18.32 -31.03
CA ASP P 70 -7.76 17.04 -30.78
C ASP P 70 -6.25 17.21 -30.85
N GLN P 71 -5.84 18.09 -31.76
CA GLN P 71 -4.45 18.49 -31.93
C GLN P 71 -3.94 19.10 -30.62
N TYR P 72 -4.75 19.99 -30.04
CA TYR P 72 -4.32 20.81 -28.90
C TYR P 72 -4.50 20.07 -27.58
N MET P 73 -5.12 18.89 -27.62
CA MET P 73 -5.23 18.09 -26.42
C MET P 73 -4.01 17.20 -26.30
N ARG P 74 -3.35 16.95 -27.45
CA ARG P 74 -2.26 16.01 -27.55
C ARG P 74 -0.99 16.63 -26.97
N THR P 75 -0.96 17.97 -26.91
CA THR P 75 0.21 18.74 -26.49
C THR P 75 0.35 18.73 -24.97
N GLY P 76 -0.77 18.54 -24.27
CA GLY P 76 -0.76 18.44 -22.82
C GLY P 76 -0.26 17.07 -22.37
N GLU P 77 0.64 17.07 -21.38
CA GLU P 77 1.21 15.85 -20.84
C GLU P 77 0.29 15.29 -19.75
N GLY P 78 -0.28 16.19 -18.95
CA GLY P 78 -1.19 15.82 -17.88
C GLY P 78 -2.49 16.61 -17.93
N PHE P 79 -3.54 16.05 -17.32
CA PHE P 79 -4.87 16.62 -17.44
C PHE P 79 -5.53 16.74 -16.06
N LEU P 80 -5.99 17.96 -15.77
CA LEU P 80 -6.81 18.22 -14.61
C LEU P 80 -8.27 18.13 -15.04
N CYS P 81 -8.97 17.13 -14.52
CA CYS P 81 -10.38 16.95 -14.82
C CYS P 81 -11.20 17.49 -13.66
N VAL P 82 -11.76 18.67 -13.87
CA VAL P 82 -12.33 19.46 -12.79
C VAL P 82 -13.86 19.36 -12.84
N PHE P 83 -14.46 19.09 -11.67
CA PHE P 83 -15.89 19.22 -11.44
C PHE P 83 -16.12 20.02 -10.17
N ALA P 84 -17.38 20.40 -9.96
CA ALA P 84 -17.82 21.05 -8.73
C ALA P 84 -18.60 20.05 -7.88
N ILE P 85 -18.37 20.06 -6.56
CA ILE P 85 -19.03 19.12 -5.66
C ILE P 85 -20.46 19.59 -5.37
N ASN P 86 -20.86 20.68 -6.06
CA ASN P 86 -22.20 21.22 -5.94
C ASN P 86 -22.94 21.09 -7.27
N ASN P 87 -22.32 20.38 -8.22
CA ASN P 87 -22.85 20.21 -9.56
C ASN P 87 -22.77 18.73 -9.95
N THR P 88 -23.93 18.06 -9.97
CA THR P 88 -24.03 16.69 -10.42
C THR P 88 -23.71 16.61 -11.92
N LYS P 89 -24.22 17.59 -12.67
CA LYS P 89 -24.04 17.66 -14.11
C LYS P 89 -22.55 17.59 -14.45
N SER P 90 -21.75 18.51 -13.88
CA SER P 90 -20.33 18.62 -14.22
C SER P 90 -19.52 17.45 -13.67
N PHE P 91 -20.18 16.56 -12.90
CA PHE P 91 -19.56 15.32 -12.44
C PHE P 91 -19.93 14.17 -13.38
N GLU P 92 -21.23 14.05 -13.69
CA GLU P 92 -21.67 13.09 -14.69
C GLU P 92 -20.89 13.34 -15.97
N ASP P 93 -20.43 14.58 -16.14
CA ASP P 93 -19.79 15.05 -17.37
C ASP P 93 -18.34 14.58 -17.46
N ILE P 94 -17.76 14.19 -16.32
CA ILE P 94 -16.34 13.90 -16.22
C ILE P 94 -15.96 12.72 -17.11
N HIS P 95 -16.85 11.71 -17.15
CA HIS P 95 -16.60 10.48 -17.88
C HIS P 95 -16.22 10.78 -19.33
N HIS P 96 -16.98 11.66 -19.98
CA HIS P 96 -16.81 12.03 -21.37
C HIS P 96 -15.37 12.46 -21.64
N TYR P 97 -14.87 13.40 -20.83
CA TYR P 97 -13.54 13.98 -20.97
C TYR P 97 -12.51 12.86 -20.89
N ARG P 98 -12.56 12.08 -19.80
CA ARG P 98 -11.72 10.91 -19.60
C ARG P 98 -11.65 10.11 -20.89
N GLU P 99 -12.83 9.80 -21.45
CA GLU P 99 -12.93 9.05 -22.68
C GLU P 99 -12.15 9.75 -23.79
N GLN P 100 -12.46 11.04 -24.01
CA GLN P 100 -11.94 11.77 -25.14
C GLN P 100 -10.43 11.95 -25.03
N ILE P 101 -9.94 12.06 -23.80
CA ILE P 101 -8.50 12.20 -23.56
C ILE P 101 -7.80 10.90 -23.94
N LYS P 102 -8.36 9.77 -23.47
CA LYS P 102 -7.86 8.45 -23.77
C LYS P 102 -7.76 8.26 -25.28
N ARG P 103 -8.76 8.76 -26.01
CA ARG P 103 -8.83 8.61 -27.45
C ARG P 103 -7.72 9.39 -28.13
N VAL P 104 -7.47 10.60 -27.63
CA VAL P 104 -6.56 11.55 -28.26
C VAL P 104 -5.11 11.11 -28.03
N LYS P 105 -4.84 10.57 -26.83
CA LYS P 105 -3.49 10.24 -26.42
C LYS P 105 -3.22 8.75 -26.63
N ASP P 106 -4.29 7.98 -26.91
CA ASP P 106 -4.18 6.60 -27.35
C ASP P 106 -3.61 5.74 -26.23
N SER P 107 -4.18 5.90 -25.02
CA SER P 107 -3.61 5.26 -23.84
C SER P 107 -4.62 5.26 -22.70
N GLU P 108 -4.47 4.29 -21.78
CA GLU P 108 -5.16 4.30 -20.51
C GLU P 108 -4.26 4.97 -19.47
N ASP P 109 -2.95 4.83 -19.66
CA ASP P 109 -1.97 5.34 -18.72
C ASP P 109 -1.69 6.81 -19.04
N VAL P 110 -2.77 7.59 -19.18
CA VAL P 110 -2.66 9.03 -19.41
C VAL P 110 -2.65 9.74 -18.07
N PRO P 111 -1.61 10.57 -17.78
CA PRO P 111 -1.54 11.37 -16.57
C PRO P 111 -2.79 12.23 -16.32
N MET P 112 -3.51 11.89 -15.25
CA MET P 112 -4.85 12.38 -15.03
C MET P 112 -5.08 12.55 -13.54
N VAL P 113 -5.84 13.59 -13.18
CA VAL P 113 -6.23 13.80 -11.79
C VAL P 113 -7.64 14.42 -11.77
N LEU P 114 -8.52 13.78 -10.99
CA LEU P 114 -9.90 14.23 -10.82
C LEU P 114 -9.96 15.24 -9.68
N VAL P 115 -10.62 16.37 -9.95
CA VAL P 115 -10.60 17.54 -9.10
C VAL P 115 -12.03 17.92 -8.72
N GLY P 116 -12.33 17.88 -7.42
CA GLY P 116 -13.62 18.30 -6.87
C GLY P 116 -13.54 19.70 -6.27
N ASN P 117 -13.78 20.72 -7.12
CA ASN P 117 -13.59 22.12 -6.79
C ASN P 117 -14.72 22.62 -5.89
N LYS P 118 -14.57 23.86 -5.40
CA LYS P 118 -15.53 24.55 -4.55
C LYS P 118 -15.94 23.67 -3.38
N CYS P 119 -14.97 23.24 -2.56
CA CYS P 119 -15.30 22.40 -1.42
C CYS P 119 -15.37 23.23 -0.14
N ASP P 120 -15.47 24.56 -0.31
CA ASP P 120 -15.69 25.50 0.78
C ASP P 120 -17.17 25.56 1.09
N LEU P 121 -18.00 25.33 0.06
CA LEU P 121 -19.44 25.48 0.14
C LEU P 121 -20.04 24.28 0.88
N PRO P 122 -21.13 24.46 1.67
CA PRO P 122 -21.74 23.37 2.43
C PRO P 122 -22.76 22.55 1.64
N SER P 123 -23.33 23.15 0.58
CA SER P 123 -24.37 22.53 -0.24
C SER P 123 -23.74 21.59 -1.26
N ARG P 124 -23.74 20.29 -0.94
CA ARG P 124 -22.94 19.30 -1.65
C ARG P 124 -23.84 18.22 -2.23
N THR P 125 -23.75 18.03 -3.56
CA THR P 125 -24.60 17.09 -4.28
C THR P 125 -23.85 15.78 -4.51
N VAL P 126 -22.56 15.87 -4.87
CA VAL P 126 -21.74 14.69 -5.07
C VAL P 126 -20.74 14.61 -3.92
N ASP P 127 -20.96 13.61 -3.05
CA ASP P 127 -20.13 13.41 -1.86
C ASP P 127 -18.82 12.74 -2.25
N THR P 128 -17.95 12.56 -1.25
CA THR P 128 -16.56 12.18 -1.45
C THR P 128 -16.46 10.70 -1.85
N LYS P 129 -17.25 9.85 -1.19
CA LYS P 129 -17.24 8.41 -1.43
C LYS P 129 -17.39 8.13 -2.92
N GLN P 130 -18.16 9.00 -3.61
CA GLN P 130 -18.53 8.81 -5.01
C GLN P 130 -17.36 9.08 -5.93
N ALA P 131 -16.55 10.10 -5.58
CA ALA P 131 -15.45 10.54 -6.41
C ALA P 131 -14.30 9.53 -6.32
N GLN P 132 -13.96 9.13 -5.09
CA GLN P 132 -12.89 8.18 -4.82
C GLN P 132 -13.17 6.88 -5.58
N ASP P 133 -14.46 6.57 -5.76
CA ASP P 133 -14.90 5.42 -6.53
C ASP P 133 -14.48 5.58 -7.99
N LEU P 134 -15.02 6.60 -8.65
CA LEU P 134 -14.77 6.87 -10.07
C LEU P 134 -13.26 7.05 -10.30
N ALA P 135 -12.57 7.62 -9.31
CA ALA P 135 -11.14 7.88 -9.38
C ALA P 135 -10.36 6.57 -9.33
N ARG P 136 -10.82 5.62 -8.50
CA ARG P 136 -10.19 4.31 -8.42
C ARG P 136 -10.48 3.53 -9.69
N SER P 137 -11.66 3.77 -10.29
CA SER P 137 -12.09 3.04 -11.47
C SER P 137 -11.21 3.40 -12.67
N TYR P 138 -10.83 4.68 -12.74
CA TYR P 138 -9.83 5.12 -13.72
C TYR P 138 -8.43 4.94 -13.13
N GLY P 139 -8.38 4.75 -11.80
CA GLY P 139 -7.14 4.42 -11.09
C GLY P 139 -6.20 5.61 -10.96
N ILE P 140 -6.79 6.79 -10.71
CA ILE P 140 -6.03 8.04 -10.62
C ILE P 140 -6.35 8.71 -9.28
N PRO P 141 -5.57 9.74 -8.86
CA PRO P 141 -5.83 10.45 -7.61
C PRO P 141 -7.08 11.34 -7.69
N PHE P 142 -7.76 11.45 -6.56
CA PHE P 142 -8.82 12.43 -6.39
C PHE P 142 -8.42 13.40 -5.27
N ILE P 143 -8.59 14.70 -5.55
CA ILE P 143 -8.19 15.74 -4.62
C ILE P 143 -9.28 16.81 -4.55
N GLU P 144 -9.81 17.02 -3.34
CA GLU P 144 -10.79 18.07 -3.09
C GLU P 144 -10.05 19.40 -3.01
N THR P 145 -10.50 20.36 -3.83
CA THR P 145 -9.87 21.67 -3.87
C THR P 145 -10.91 22.78 -3.66
N SER P 146 -10.40 23.99 -3.39
CA SER P 146 -11.18 25.20 -3.28
C SER P 146 -10.36 26.38 -3.80
N ALA P 147 -10.82 26.97 -4.92
CA ALA P 147 -10.15 28.08 -5.57
C ALA P 147 -10.55 29.39 -4.92
N LYS P 148 -11.44 29.32 -3.93
CA LYS P 148 -11.80 30.45 -3.08
C LYS P 148 -10.85 30.47 -1.89
N THR P 149 -10.96 29.47 -1.01
CA THR P 149 -10.09 29.34 0.14
C THR P 149 -8.64 29.28 -0.33
N ARG P 150 -8.43 28.60 -1.47
CA ARG P 150 -7.14 28.25 -2.05
C ARG P 150 -6.73 26.85 -1.58
N GLN P 151 -7.68 26.14 -0.95
CA GLN P 151 -7.47 24.79 -0.46
C GLN P 151 -6.97 23.89 -1.59
N GLY P 152 -5.97 23.05 -1.26
CA GLY P 152 -5.51 21.98 -2.11
C GLY P 152 -5.22 22.37 -3.55
N VAL P 153 -5.26 23.68 -3.84
CA VAL P 153 -4.97 24.18 -5.18
C VAL P 153 -3.65 23.56 -5.63
N ASP P 154 -2.69 23.52 -4.70
CA ASP P 154 -1.34 23.06 -4.99
C ASP P 154 -1.29 21.55 -5.16
N ASP P 155 -2.07 20.82 -4.34
CA ASP P 155 -2.02 19.37 -4.29
C ASP P 155 -2.43 18.78 -5.65
N ALA P 156 -3.40 19.45 -6.30
CA ALA P 156 -3.94 19.00 -7.57
C ALA P 156 -2.86 19.06 -8.64
N PHE P 157 -2.33 20.27 -8.86
CA PHE P 157 -1.41 20.55 -9.95
C PHE P 157 -0.13 19.73 -9.78
N TYR P 158 0.33 19.56 -8.53
CA TYR P 158 1.62 18.93 -8.26
C TYR P 158 1.53 17.42 -8.43
N THR P 159 0.42 16.82 -7.98
CA THR P 159 0.22 15.38 -8.08
C THR P 159 0.23 14.96 -9.55
N LEU P 160 -0.28 15.85 -10.41
CA LEU P 160 -0.30 15.65 -11.85
C LEU P 160 1.14 15.63 -12.37
N VAL P 161 1.97 16.55 -11.87
CA VAL P 161 3.37 16.62 -12.25
C VAL P 161 4.08 15.33 -11.82
N ARG P 162 3.68 14.80 -10.64
CA ARG P 162 4.19 13.53 -10.14
C ARG P 162 3.65 12.39 -10.99
N GLU P 163 2.47 12.58 -11.58
CA GLU P 163 1.88 11.62 -12.50
C GLU P 163 2.68 11.62 -13.79
N ILE P 164 3.16 12.81 -14.19
CA ILE P 164 3.93 12.97 -15.41
C ILE P 164 5.37 12.50 -15.16
N ARG P 165 5.83 12.64 -13.91
CA ARG P 165 7.15 12.15 -13.52
C ARG P 165 7.11 10.64 -13.31
N LYS P 166 5.92 10.11 -12.95
CA LYS P 166 5.73 8.69 -12.75
C LYS P 166 5.68 7.99 -14.11
N HIS P 167 4.87 8.53 -15.02
CA HIS P 167 4.77 8.04 -16.39
C HIS P 167 6.09 8.29 -17.10
N LYS P 168 6.79 7.21 -17.45
CA LYS P 168 8.07 7.28 -18.14
C LYS P 168 7.84 7.70 -19.60
O1 A1L66 Q . 11.53 13.98 27.60
C1 A1L66 Q . 11.15 12.85 28.35
C2 A1L66 Q . 11.62 12.91 29.81
N1 A1L66 Q . 12.18 14.17 30.26
C3 A1L66 Q . 11.96 14.58 31.56
C4 A1L66 Q . 12.92 15.64 32.01
N2 A1L66 Q . 12.14 16.53 32.84
C5 A1L66 Q . 11.17 17.36 32.32
C6 A1L66 Q . 10.53 18.23 33.36
N3 A1L66 Q . 10.54 19.61 32.88
N4 A1L66 Q . 11.30 20.56 33.44
N5 A1L66 Q . 11.11 21.70 32.78
C7 A1L66 Q . 10.20 21.43 31.78
C8 A1L66 Q . 9.72 22.34 30.77
C9 A1L66 Q . 10.44 23.47 30.44
C10 A1L66 Q . 9.99 24.30 29.44
C11 A1L66 Q . 8.84 23.99 28.76
C12 A1L66 Q . 8.38 24.91 27.68
O2 A1L66 Q . 7.88 24.12 26.60
C13 A1L66 Q . 7.06 24.99 25.89
C14 A1L66 Q . 5.70 24.78 25.93
C15 A1L66 Q . 5.11 23.67 26.65
C16 A1L66 Q . 4.61 22.54 26.01
C17 A1L66 Q . 4.64 22.37 24.54
C18 A1L66 Q . 4.04 21.51 26.73
F1 A1L66 Q . 3.55 20.44 26.07
C19 A1L66 Q . 3.94 21.52 28.10
C20 A1L66 Q . 4.44 22.64 28.71
C21 A1L66 Q . 5.01 23.69 28.03
C22 A1L66 Q . 5.38 24.60 29.06
N6 A1L66 Q . 5.07 24.14 30.27
N7 A1L66 Q . 4.50 22.95 30.03
C23 A1L66 Q . 4.88 25.64 25.22
C24 A1L66 Q . 3.41 25.50 25.23
C25 A1L66 Q . 2.70 25.01 23.99
C26 A1L66 Q . 2.51 26.42 24.47
C27 A1L66 Q . 5.45 26.66 24.49
C28 A1L66 Q . 6.81 26.86 24.45
C29 A1L66 Q . 7.64 26.01 25.16
N8 A1L66 Q . 8.97 26.17 25.13
C30 A1L66 Q . 9.45 27.17 24.40
N9 A1L66 Q . 8.73 28.04 23.69
C31 A1L66 Q . 7.42 27.86 23.73
N10 A1L66 Q . 6.72 28.81 22.96
C32 A1L66 Q . 5.28 28.89 22.81
C33 A1L66 Q . 5.25 30.24 22.12
N11 A1L66 Q . 5.82 31.24 23.06
C34 A1L66 Q . 7.30 31.11 23.00
C35 A1L66 Q . 7.42 29.83 22.22
C36 A1L66 Q . 6.39 30.09 21.15
O3 A1L66 Q . 10.81 27.39 24.33
C37 A1L66 Q . 11.50 26.40 25.06
C38 A1L66 Q . 11.74 25.26 24.09
C39 A1L66 Q . 13.08 24.61 24.28
O4 A1L66 Q . 14.11 25.59 24.20
C40 A1L66 Q . 14.08 26.42 25.36
C41 A1L66 Q . 12.76 27.10 25.55
C42 A1L66 Q . 8.13 22.87 29.07
C43 A1L66 Q . 8.56 22.05 30.09
C44 A1L66 Q . 9.84 20.11 31.82
C45 A1L66 Q . 9.13 17.69 33.62
C46 A1L66 Q . 8.29 18.61 34.47
C47 A1L66 Q . 9.18 16.34 34.32
O5 A1L66 Q . 10.82 17.39 31.14
C48 A1L66 Q . 12.87 16.89 34.03
C49 A1L66 Q . 14.19 16.18 33.87
O6 A1L66 Q . 15.06 17.06 33.18
C50 A1L66 Q . 13.90 15.01 32.96
O7 A1L66 Q . 11.10 14.15 32.31
C51 A1L66 Q . 12.48 11.73 30.12
C52 A1L66 Q . 12.06 10.49 29.75
C53 A1L66 Q . 12.81 9.37 30.02
C54 A1L66 Q . 14.03 9.47 30.69
C55 A1L66 Q . 14.80 8.27 31.00
C56 A1L66 Q . 14.80 7.00 30.44
C57 A1L66 Q . 13.99 6.51 29.30
N12 A1L66 Q . 15.65 6.09 31.02
C58 A1L66 Q . 16.31 6.65 32.01
S1 A1L66 Q . 15.91 8.29 32.30
C59 A1L66 Q . 14.46 10.73 31.06
C60 A1L66 Q . 13.69 11.85 30.78
PB GDP R . 2.73 33.21 15.80
O1B GDP R . 2.18 31.89 15.34
O2B GDP R . 1.73 34.22 16.31
O3B GDP R . 3.94 33.09 16.67
O3A GDP R . 3.27 33.83 14.37
PA GDP R . 2.47 34.80 13.30
O1A GDP R . 1.27 34.05 12.81
O2A GDP R . 2.35 36.16 13.94
O5' GDP R . 3.55 34.83 12.09
C5' GDP R . 4.58 35.81 12.17
C4' GDP R . 4.60 36.71 10.96
O4' GDP R . 5.01 35.93 9.84
C3' GDP R . 3.23 37.27 10.67
O3' GDP R . 3.27 38.66 10.99
C2' GDP R . 3.02 37.09 9.18
O2' GDP R . 3.15 38.32 8.50
C1' GDP R . 4.15 36.18 8.72
N9 GDP R . 3.75 34.88 8.18
C8 GDP R . 2.86 34.04 8.75
N7 GDP R . 2.67 32.93 8.07
C5 GDP R . 3.49 33.09 6.98
C6 GDP R . 3.70 32.20 5.87
O6 GDP R . 3.17 31.13 5.74
N1 GDP R . 4.60 32.74 4.99
C2 GDP R . 5.25 33.95 5.09
N2 GDP R . 6.11 34.21 4.05
N3 GDP R . 5.05 34.73 6.10
C4 GDP R . 4.17 34.29 7.02
MG MG S . 0.64 33.21 17.84
PB GDP T . 47.13 43.70 43.61
O1B GDP T . 48.58 43.41 43.88
O2B GDP T . 46.90 44.87 42.69
O3B GDP T . 46.29 42.48 43.34
O3A GDP T . 46.58 44.23 45.05
PA GDP T . 47.04 45.57 45.83
O1A GDP T . 48.53 45.47 45.99
O2A GDP T . 46.44 46.73 45.08
O5' GDP T . 46.29 45.37 47.29
C5' GDP T . 44.88 45.11 47.27
C4' GDP T . 44.14 45.85 48.38
O4' GDP T . 44.31 45.18 49.61
C3' GDP T . 44.60 47.28 48.55
O3' GDP T . 43.45 48.10 48.63
C2' GDP T . 45.32 47.33 49.89
O2' GDP T . 44.77 48.36 50.69
C1' GDP T . 45.02 46.00 50.53
N9 GDP T . 46.20 45.29 50.98
C8 GDP T . 47.31 45.02 50.23
N7 GDP T . 48.24 44.36 50.88
C5 GDP T . 47.69 44.19 52.12
C6 GDP T . 48.23 43.53 53.26
O6 GDP T . 49.33 43.01 53.26
N1 GDP T . 47.35 43.59 54.32
C2 GDP T . 46.10 44.16 54.35
N2 GDP T . 45.44 44.07 55.54
N3 GDP T . 45.62 44.76 53.30
C4 GDP T . 46.43 44.75 52.22
MG MG U . 48.17 45.00 41.38
O1 A1L66 V . 46.69 19.82 32.29
C1 A1L66 V . 47.85 20.32 31.66
C2 A1L66 V . 47.69 20.19 30.15
N1 A1L66 V . 46.64 21.07 29.67
C3 A1L66 V . 46.79 21.70 28.47
C4 A1L66 V . 45.59 22.52 28.14
N2 A1L66 V . 46.11 23.48 27.19
C5 A1L66 V . 46.71 24.63 27.68
C6 A1L66 V . 46.84 25.79 26.74
N3 A1L66 V . 46.23 26.94 27.40
N4 A1L66 V . 45.04 27.40 27.03
N5 A1L66 V . 44.75 28.44 27.79
C7 A1L66 V . 45.81 28.61 28.66
C8 A1L66 V . 45.89 29.65 29.65
C9 A1L66 V . 44.78 30.43 29.91
C10 A1L66 V . 44.89 31.44 30.83
C11 A1L66 V . 46.07 31.71 31.50
C12 A1L66 V . 46.10 32.83 32.49
O2 A1L66 V . 47.05 32.63 33.52
C13 A1L66 V . 47.31 33.86 34.11
C14 A1L66 V . 48.52 34.47 33.79
C15 A1L66 V . 49.48 33.81 32.91
C16 A1L66 V . 50.56 33.07 33.40
C17 A1L66 V . 50.79 32.93 34.86
C18 A1L66 V . 51.45 32.46 32.54
F1 A1L66 V . 52.48 31.76 33.03
C19 A1L66 V . 51.33 32.54 31.17
C20 A1L66 V . 50.27 33.26 30.70
C21 A1L66 V . 49.34 33.89 31.53
C22 A1L66 V . 48.45 34.49 30.63
N6 A1L66 V . 48.77 34.27 29.35
N7 A1L66 V . 49.87 33.51 29.43
C23 A1L66 V . 48.81 35.69 34.36
C24 A1L66 V . 50.07 36.40 34.03
C25 A1L66 V . 51.10 36.73 35.07
C26 A1L66 V . 50.32 37.83 34.41
C27 A1L66 V . 47.89 36.27 35.23
C28 A1L66 V . 46.69 35.65 35.55
C29 A1L66 V . 46.39 34.42 34.98
N8 A1L66 V . 45.24 33.79 35.27
C30 A1L66 V . 44.39 34.38 36.13
N9 A1L66 V . 44.60 35.55 36.71
C31 A1L66 V . 45.74 36.18 36.42
N10 A1L66 V . 45.84 37.41 37.11
C32 A1L66 V . 46.92 38.38 37.00
C33 A1L66 V . 46.08 39.58 37.34
N11 A1L66 V . 44.88 39.61 36.45
C34 A1L66 V . 43.86 38.73 37.09
C35 A1L66 V . 44.79 37.92 37.96
C36 A1L66 V . 45.49 39.09 38.63
O3 A1L66 V . 43.17 33.81 36.47
C37 A1L66 V . 43.30 32.40 36.68
C38 A1L66 V . 42.55 32.06 37.95
C39 A1L66 V . 42.35 30.57 38.09
O4 A1L66 V . 41.75 29.97 36.95
C40 A1L66 V . 42.49 30.22 35.76
C41 A1L66 V . 42.65 31.70 35.51
C42 A1L66 V . 47.18 30.92 31.22
C43 A1L66 V . 47.08 29.90 30.30
C44 A1L66 V . 46.77 27.67 28.41
C45 A1L66 V . 48.31 26.02 26.47
C46 A1L66 V . 48.55 27.22 25.58
C47 A1L66 V . 48.98 24.79 25.88
O5 A1L66 V . 47.11 24.72 28.84
C48 A1L66 V . 45.34 23.44 25.96
C49 A1L66 V . 44.12 22.59 26.25
O6 A1L66 V . 43.03 23.40 26.70
C50 A1L66 V . 44.58 21.70 27.39
O7 A1L66 V . 47.78 21.64 27.76
C51 A1L66 V . 47.43 18.78 29.72
C52 A1L66 V . 48.05 17.71 30.32
C53 A1L66 V . 47.78 16.43 29.89
C54 A1L66 V . 46.89 16.20 28.85
C55 A1L66 V . 46.59 14.87 28.38
C56 A1L66 V . 46.91 13.61 28.87
C57 A1L66 V . 47.70 13.27 30.06
N12 A1L66 V . 46.41 12.55 28.16
C58 A1L66 V . 45.71 12.98 27.12
S1 A1L66 V . 45.62 14.68 26.95
C59 A1L66 V . 46.28 17.28 28.25
C60 A1L66 V . 46.55 18.55 28.69
PB GDP W . -61.84 16.24 -40.35
O1B GDP W . -61.68 14.82 -40.81
O2B GDP W . -63.15 16.61 -39.69
O3B GDP W . -60.63 16.77 -39.62
O3A GDP W . -61.82 17.04 -41.79
PA GDP W . -63.02 17.85 -42.55
O1A GDP W . -64.09 16.84 -42.85
O2A GDP W . -63.32 19.09 -41.74
O5' GDP W . -62.33 18.16 -44.00
C5' GDP W . -60.98 18.60 -44.11
C4' GDP W . -60.89 19.59 -45.27
O4' GDP W . -60.48 18.96 -46.49
C3' GDP W . -62.26 20.19 -45.47
O3' GDP W . -62.13 21.58 -45.27
C2' GDP W . -62.64 19.92 -46.90
O2' GDP W . -62.86 21.16 -47.55
C1' GDP W . -61.44 19.21 -47.53
N9 GDP W . -61.83 17.99 -48.22
C8 GDP W . -62.64 17.04 -47.67
N7 GDP W . -62.88 16.02 -48.45
C5 GDP W . -62.16 16.32 -49.57
C6 GDP W . -62.03 15.58 -50.77
O6 GDP W . -62.57 14.51 -50.95
N1 GDP W . -61.23 16.23 -51.67
C2 GDP W . -60.61 17.43 -51.51
N2 GDP W . -59.86 17.85 -52.59
N3 GDP W . -60.73 18.10 -50.40
C4 GDP W . -61.50 17.53 -49.47
MG MG X . -64.40 16.57 -38.03
O1 A1L66 Y . -51.25 -1.96 -29.32
C1 A1L66 Y . -50.92 -3.31 -29.05
C2 A1L66 Y . -50.74 -3.46 -27.56
N1 A1L66 Y . -50.15 -2.26 -27.04
C3 A1L66 Y . -50.44 -1.83 -25.77
C4 A1L66 Y . -49.62 -0.63 -25.46
N2 A1L66 Y . -50.36 0.05 -24.44
C5 A1L66 Y . -51.44 0.83 -24.83
C6 A1L66 Y . -51.89 1.81 -23.77
N3 A1L66 Y . -51.98 3.14 -24.36
N4 A1L66 Y . -51.12 4.10 -24.02
N5 A1L66 Y . -51.44 5.18 -24.73
C7 A1L66 Y . -52.53 4.87 -25.51
C8 A1L66 Y . -53.15 5.77 -26.44
C9 A1L66 Y . -52.56 6.99 -26.71
C10 A1L66 Y . -53.17 7.85 -27.60
C11 A1L66 Y . -54.34 7.52 -28.25
C12 A1L66 Y . -54.95 8.48 -29.22
O2 A1L66 Y . -55.48 7.76 -30.32
C13 A1L66 Y . -56.49 8.53 -30.90
C14 A1L66 Y . -57.82 8.22 -30.70
C15 A1L66 Y . -58.19 7.07 -29.91
C16 A1L66 Y . -58.54 5.87 -30.49
C17 A1L66 Y . -58.55 5.70 -31.97
C18 A1L66 Y . -58.87 4.79 -29.71
F1 A1L66 Y . -59.22 3.64 -30.31
C19 A1L66 Y . -58.87 4.85 -28.34
C20 A1L66 Y . -58.52 6.05 -27.78
C21 A1L66 Y . -58.18 7.16 -28.53
C22 A1L66 Y . -57.90 8.15 -27.57
N6 A1L66 Y . -58.05 7.72 -26.32
N7 A1L66 Y . -58.43 6.44 -26.49
C23 A1L66 Y . -58.79 8.98 -31.29
C24 A1L66 Y . -60.22 8.72 -31.09
C25 A1L66 Y . -60.94 7.75 -31.97
C26 A1L66 Y . -61.22 9.21 -32.08
C27 A1L66 Y . -58.42 10.04 -32.08
C28 A1L66 Y . -57.09 10.34 -32.28
C29 A1L66 Y . -56.11 9.60 -31.69
N8 A1L66 Y . -54.81 9.87 -31.89
C30 A1L66 Y . -54.50 10.90 -32.67
N9 A1L66 Y . -55.38 11.69 -33.27
C31 A1L66 Y . -56.66 11.40 -33.06
N10 A1L66 Y . -57.55 12.25 -33.70
C32 A1L66 Y . -58.99 12.19 -33.64
C33 A1L66 Y . -59.24 13.59 -34.10
N11 A1L66 Y . -58.53 14.49 -33.14
C34 A1L66 Y . -57.12 14.55 -33.57
C35 A1L66 Y . -57.09 13.36 -34.50
C36 A1L66 Y . -58.33 13.63 -35.29
O3 A1L66 Y . -53.17 11.22 -32.91
C37 A1L66 Y . -52.28 10.41 -32.12
C38 A1L66 Y . -52.09 9.07 -32.80
C39 A1L66 Y . -50.78 8.41 -32.45
O4 A1L66 Y . -49.72 9.29 -32.79
C40 A1L66 Y . -49.70 10.42 -31.93
C41 A1L66 Y . -50.99 11.21 -31.99
C42 A1L66 Y . -54.92 6.29 -27.97
C43 A1L66 Y . -54.32 5.43 -27.07
C44 A1L66 Y . -52.89 3.56 -25.30
C45 A1L66 Y . -53.23 1.36 -23.20
C46 A1L66 Y . -53.56 2.16 -21.97
C47 A1L66 Y . -53.28 -0.11 -22.84
O5 A1L66 Y . -51.99 0.75 -25.93
C48 A1L66 Y . -49.46 0.49 -23.43
C49 A1L66 Y . -48.23 -0.38 -23.52
O6 A1L66 Y . -47.09 0.44 -23.63
C50 A1L66 Y . -48.35 -1.11 -24.84
O7 A1L66 Y . -51.24 -2.31 -24.97
C51 A1L66 Y . -49.88 -4.65 -27.28
C52 A1L66 Y . -50.45 -5.90 -27.12
C53 A1L66 Y . -49.67 -6.99 -26.87
C54 A1L66 Y . -48.30 -6.85 -26.76
C55 A1L66 Y . -47.48 -8.02 -26.54
C56 A1L66 Y . -47.44 -9.18 -27.27
C57 A1L66 Y . -48.24 -9.47 -28.47
N12 A1L66 Y . -46.56 -10.14 -26.83
C58 A1L66 Y . -45.93 -9.70 -25.77
S1 A1L66 Y . -46.36 -8.12 -25.23
C59 A1L66 Y . -47.72 -5.62 -26.90
C60 A1L66 Y . -48.51 -4.52 -27.16
PB GDP Z . -14.38 28.56 -15.99
O1B GDP Z . -13.13 27.73 -15.84
O2B GDP Z . -14.13 29.94 -16.55
O3B GDP Z . -15.54 27.83 -16.60
O3A GDP Z . -14.86 28.77 -14.44
PA GDP Z . -14.60 30.04 -13.45
O1A GDP Z . -13.16 29.96 -13.00
O2A GDP Z . -15.11 31.28 -14.16
O5' GDP Z . -15.58 29.63 -12.20
C5' GDP Z . -16.96 30.01 -12.27
C4' GDP Z . -17.41 30.75 -11.03
O4' GDP Z . -17.30 29.88 -9.92
C3' GDP Z . -16.51 31.94 -10.76
O3' GDP Z . -17.23 33.12 -11.12
C2' GDP Z . -16.29 31.93 -9.26
O2' GDP Z . -17.05 32.96 -8.64
C1' GDP Z . -16.83 30.60 -8.79
N9 GDP Z . -15.84 29.75 -8.16
C8 GDP Z . -14.74 29.24 -8.79
N7 GDP Z . -14.01 28.49 -8.01
C5 GDP Z . -14.69 28.53 -6.82
C6 GDP Z . -14.37 27.89 -5.58
O6 GDP Z . -13.39 27.20 -5.44
N1 GDP Z . -15.32 28.18 -4.62
C2 GDP Z . -16.44 28.97 -4.76
N2 GDP Z . -17.21 29.09 -3.63
N3 GDP Z . -16.72 29.54 -5.90
C4 GDP Z . -15.82 29.29 -6.88
MG MG AA . -12.24 30.71 -18.53
O1 A1L66 BA . -15.26 5.21 -26.68
C1 A1L66 BA . -14.27 4.99 -27.66
C2 A1L66 BA . -14.89 4.77 -29.03
N1 A1L66 BA . -16.03 5.61 -29.32
C3 A1L66 BA . -16.12 6.21 -30.57
C4 A1L66 BA . -17.44 6.89 -30.76
N2 A1L66 BA . -17.11 8.02 -31.60
C5 A1L66 BA . -16.39 9.12 -31.11
C6 A1L66 BA . -16.24 10.23 -32.13
N3 A1L66 BA . -16.76 11.50 -31.64
N4 A1L66 BA . -17.82 12.09 -32.21
N5 A1L66 BA . -18.05 13.23 -31.59
C7 A1L66 BA . -17.09 13.36 -30.63
C8 A1L66 BA . -16.93 14.48 -29.74
C9 A1L66 BA . -17.95 15.37 -29.48
C10 A1L66 BA . -17.73 16.43 -28.63
C11 A1L66 BA . -16.48 16.58 -28.04
C12 A1L66 BA . -16.20 17.69 -27.13
O2 A1L66 BA . -15.43 17.24 -26.01
C13 A1L66 BA . -15.12 18.47 -25.48
C14 A1L66 BA . -13.86 18.96 -25.66
C15 A1L66 BA . -12.91 18.13 -26.35
C16 A1L66 BA . -12.09 17.26 -25.68
C17 A1L66 BA . -12.14 17.15 -24.19
C18 A1L66 BA . -11.19 16.48 -26.38
F1 A1L66 BA . -10.38 15.63 -25.72
C19 A1L66 BA . -11.08 16.51 -27.74
C20 A1L66 BA . -11.92 17.38 -28.39
C21 A1L66 BA . -12.83 18.19 -27.72
C22 A1L66 BA . -13.47 18.91 -28.76
N6 A1L66 BA . -13.00 18.58 -29.97
N7 A1L66 BA . -12.06 17.66 -29.71
C23 A1L66 BA . -13.57 20.21 -25.13
C24 A1L66 BA . -12.25 20.87 -25.26
C25 A1L66 BA . -11.04 20.30 -24.59
C26 A1L66 BA . -11.67 21.55 -24.05
C27 A1L66 BA . -14.57 20.90 -24.47
C28 A1L66 BA . -15.83 20.38 -24.29
C29 A1L66 BA . -16.12 19.14 -24.81
N8 A1L66 BA . -17.32 18.56 -24.70
C30 A1L66 BA . -18.24 19.25 -24.05
N9 A1L66 BA . -18.08 20.46 -23.50
C31 A1L66 BA . -16.87 21.02 -23.63
N10 A1L66 BA . -16.75 22.30 -23.04
C32 A1L66 BA . -15.56 23.12 -23.03
C33 A1L66 BA . -16.01 24.12 -22.00
N11 A1L66 BA . -16.92 25.08 -22.69
C34 A1L66 BA . -18.16 24.30 -22.93
C35 A1L66 BA . -17.84 22.96 -22.33
C36 A1L66 BA . -17.01 23.37 -21.15
O3 A1L66 BA . -19.47 18.63 -23.93
C37 A1L66 BA . -19.38 18.05 -22.63
C38 A1L66 BA . -20.30 16.87 -22.54
C39 A1L66 BA . -20.50 16.45 -21.10
O4 A1L66 BA . -20.79 17.57 -20.26
C40 A1L66 BA . -19.78 18.57 -20.24
C41 A1L66 BA . -19.69 19.14 -21.62
C42 A1L66 BA . -15.47 15.69 -28.30
C43 A1L66 BA . -15.71 14.63 -29.15
C44 A1L66 BA . -16.25 12.27 -30.64
C45 A1L66 BA . -14.78 10.39 -32.49
C46 A1L66 BA . -14.67 11.28 -33.70
C47 A1L66 BA . -14.07 9.10 -32.79
O5 A1L66 BA . -15.91 9.20 -30.00
C48 A1L66 BA . -17.70 7.95 -32.92
C49 A1L66 BA . -18.75 6.87 -32.79
O6 A1L66 BA . -19.98 7.50 -32.47
C50 A1L66 BA . -18.31 6.02 -31.62
O7 A1L66 BA . -15.24 6.21 -31.43
C51 A1L66 BA . -15.26 3.35 -29.31
C52 A1L66 BA . -14.65 2.76 -30.39
C53 A1L66 BA . -14.94 1.45 -30.73
C54 A1L66 BA . -15.85 0.71 -30.01
C55 A1L66 BA . -16.10 -0.66 -30.44
C56 A1L66 BA . -15.58 -1.84 -29.96
C57 A1L66 BA . -14.62 -1.98 -28.85
N12 A1L66 BA . -16.01 -2.99 -30.59
C58 A1L66 BA . -16.84 -2.66 -31.55
S1 A1L66 BA . -17.17 -1.00 -31.74
C59 A1L66 BA . -16.44 1.31 -28.93
C60 A1L66 BA . -16.17 2.61 -28.57
#